data_9V29
#
_entry.id   9V29
#
_cell.length_a   1.00
_cell.length_b   1.00
_cell.length_c   1.00
_cell.angle_alpha   90.00
_cell.angle_beta   90.00
_cell.angle_gamma   90.00
#
_symmetry.space_group_name_H-M   'P 1'
#
loop_
_entity.id
_entity.type
_entity.pdbx_description
1 polymer '40S ribosomal protein S26'
2 polymer 'Small ribosomal subunit protein eS27'
3 polymer A/P-tRNA
4 polymer P/E-tRNA
5 polymer mRNA
6 polymer '17S rRNA'
7 polymer 'Small ribosomal subunit protein uS2'
8 polymer 'Small ribosomal subunit protein uS5'
9 polymer 'Small ribosomal subunit protein eS1'
10 polymer '40S ribosomal protein S4, putative'
11 polymer '40S ribosomal protein S6'
12 polymer '40S ribosomal protein S7'
13 polymer '40S ribosomal protein S8'
14 polymer 'Small ribosomal subunit protein uS4'
15 polymer '40S ribosomal protein S11, putative'
16 polymer '40S ribosomal protein S13, putative'
17 polymer 'Ribosomal protein S14, putative'
18 polymer '40S ribosomal protein S15a, putative'
19 polymer '40S ribosomal protein S23, putative'
20 non-polymer PAROMOMYCIN
#
loop_
_entity_poly.entity_id
_entity_poly.type
_entity_poly.pdbx_seq_one_letter_code
_entity_poly.pdbx_strand_id
1 'polypeptide(L)'
;MTSKRRNNGRSKKGRGHTQNVRCSHCGRCVPKDKAIKRYQIKNIVEAAAVRDISDNSALTKYKLPKTYMKLEYCVSCGIH
GRVVRVRSRTDRRNRLPPKRVVKKTNKQQAVKPSTEAVKVEIPADVVTAPKVAAQKERPFKYLQ
;
sB
2 'polypeptide(L)'
;MPLIEVDLLNPTAASEAKAHKMKRLVPTPNSYFLEIKCPKCGATTTTFSHAHRQILCQKCGQPLGQPTGGKLKLTQQCKF
RIKK
;
sC
3 'polyribonucleotide' GGCCCCAUAGCUCAGGGAUGAGAGCACGCGACUUUUAAUCGCGUGGUCGCAGGUUCAAGUCCUGCUGGGGCCACCA sI
4 'polyribonucleotide' CUCUUCAUGGUGCAGCCCGUUAGCUCGUCGGGCUUUUAACCCGAAGGUCUUCGGUUCAAAUCCGGCCGAAGAAACCA sJ
5 'polyribonucleotide' UUGAAAAAAU sK
6 'polyribonucleotide'
;UAUCUGGUUGAUCCUGCCAGUAUUAUAUGCUGAUGUUAAAGAUUAAGCCAUGCAUGUGUAAGUAUAAAGACCAAGUAGGA
UGAAACUGCGGACGGCUCAUUAUAACAGUAAUAGUUUCUUUGGUUAGUAAAAUACAAGGAUAGCUUUGUGAAUGAUAAAG
AUAAUACUUGAGACGAUCCAGUUUGUAUUAGUACAAAAUGGCCAAUUCAUUCAAUGAAUUGAGAAAUGACAUUCUAAGUG
AGUUAGGAUGCCACGACAAUUGUAGAACACACAGUGUUUAACAAGUAACCAAUGAGAAUUUCUGAUCUAUCAAUCAGUUG
GUAGUAUCGAGGACUACCAAGAUUAUAACGGAUAACGAGGAAUUGGGGUUCGACAUCGGAGAGGGAGCUUUACAGAUGGC
UACCACUUCUAAGGAAGGCAGCAGGCGCGUAAAUUACCCACUUUCGAAUUGAAGAGGUAGUGACGACACAUAACUCUAGA
GUUGAGUAAAAUCAAUUCUUGAAGGAAUGAGUAGGAGGUAAAUUCUCCUACGAAAUCAAUUGGAGGGCAAGUCUGGUGCC
AGCAGCCGCGGUAAUUCCAGCUCCAAUAGUGUAUAUUAAAGUUGCUGUGAUUAAAACGCUCGUAGUUGAAUUAAAAUGUG
GUUUUAUACAUUUUGAAGACUUUAUGUAAGUAAAGUUUCUAGAAAUGUUAAAUUAAAAUCAAAGAAGGAAACAAUUCAAG
UAAUUGAGUUGUUAUUACUUUGAAUAAAAUAAGGUGUUUAAAGCAAAACAUUAUGUUAAUGAAUAUUCAAGCAUGGGACA
AUGCUGAGGGGAUGUCAAUAAGACAUUUCGAGAGAAGGAUUAAAAGGAACAAUUGGGGUGAUUCAGAAAAUAACGGGAGA
GGUGAAAAUCCAUGAUCGCUAUAAGAUGCACGAGAGCGAAAGCAUUUCACUCAACUGUGUCCAUUAAUCAAGAACGAAAG
UUAGGGGAUCGAAGACGAUCAGAUACCGUCGUAGUCCUAACUAUAAACGAUGUCAACCAAGGAUUGGAUGAAAUUCAGAU
GUACAAAGAUAGAGAAGCAUUGUUUCUAGAUCUGAGUAUAUCAAUAUUACCUUGUUCAGAACUUAAAGAGAAAUCUUGAG
UUUAUGGACUUCAGGGGGAGUAUGGUCACAAGGCUGAAACUUAAAGGAAUUGACGGAAGGGCACACCAGGAGUGGAGCCU
GCGGCUUAAUUUGACUCAACACGGGAAAACUUACCAAGACCGAACAGUAGAAGGAAUGACAGAUUAAGAGUUCUUUCAUG
AUUUAUUGGGUAGUGGUGCAUGGCCGUUCUUAGUUGGUGGAGUGAUUUGUCAGGUUAAUUCCGGUAACGAACGAGACUGA
AACCUAUUAAUUAGUUUUCUGCCUAUAAGACAGAAAUGUUCGCAAGAACAGGUGCGUAAGUACCACUUCUUAAAGGGACA
CAUUUCAAUUGUCCUAUUUUAAUUGUAGUUAUCUAAUUUCGGUUAGACCUCUUUUAACGUGGGAAAAAGAAAAAGGAAGC
AUUCAGCAAUAACAGGUCUGUGAUGCCCUUAGACAUCUUGGGCCGCACGCGCGCUACAAUGGAGUUACUAGAGAGUAUUU
UAUCAUUUACACCUUAUUUAUUAGGCUUUGUCUAAUAAUUAAGGAUAGUAAGUGGUGUACCGAGAUUGAAAUAGUUAAGG
AAAACUCAAAAGAACGUACAUGACAGGGAUAAAUGAUUGGAAUUAUUUGUUUUGAACGAGGAAUUCCUUGUAAUAUCGAG
UCAUUAACUCGAGAUGAAUACGUCCCUGCCCUUUGUACACACCGCCCGUCGCUCCUACCGAUUGAAUAAAGAGGUGAAAU
UCUAGGAUUCUGUCUUAUAGAUAGAAAAAUGGAUUUAAAUCUCCUUAUUUAGAGGAAGGAGAAGUCGUAACAAGGUUUCC
GUAGGUGAACCUGCGGAAGGAUCAUUA
;
sa
7 'polypeptide(L)'
;MSKNVKTNFPDILKPSAEDIKMMVACRVHIGATNLNFAMEEYVYERGNNNECIFNLMKTWEKLSLAARVIAGISNETPSD
VVAVAGREMAHRASLKFMKYTGCTAVAGRFTPGSFTNQIQKKFMEPRLIIVSDPSVDHQALRESGYINVPTIAFCNSDNS
LKNVDIAIPCNNRSRLSIGLMWWMLTREILRYQGKLARDEKWDVMVDLFLHRELDAKKDAPVIAGEEKVAKVEDKKAASD
ATVASTEWDDQKKN
;
sb
8 'polypeptide(L)'
;MDAKQQRGEKRQFGNRRGGRGAPRGRGARKDGASDGWTPVTKLGRLVKDGKVKSIDQIFEFGIKIKEYQIVDHLLPGLKE
EVMTMQSVQKQTSAGQRTRLKAYVAIGDHNGHAGLGVKCAKEVAEAIKGAMIQAKLAMVPVRRGYWGATIGEVHTVPCKL
TGACGSVRVRLVPAPRGTGIVAAPTPKKFLILAGIEDVFTQTTGHTKTLGNFVKATYDAVRQSYGFQTKDLWKVGGVKQS
PMDKYAKILAESKKN
;
sc
9 'polypeptide(L)'
;MATGKNKKYKAGNVKKGSKRKIAEPFSKKEWYNVKVPKNFKRRTVGQIVVNKTAGTRIASEQLKGRVVEVNLADLMENEK
FGAYNYKFKCEDVNGKDCLMIFHGLKLTTDKLRSIVKKWCTLIETSVDVKTTDGHLIRIFCIGFTSRKSNQIKKTSYAKS
AQIKKIRKIMNNLITKEAASRELTQFVDYLRENKLPKEIVAKCSKVFSMDNVYIRKVKILKAGKIDSLKLLDQHQDTSAP
VEAAPVAEEKGEVVEA
;
se
10 'polypeptide(L)'
;MARGPRHHLKRLNAPHHWMLSKLGGTFAPKPSHGPHGMKECLPLILILRNRLNYALNGREVTMIVKNRTIKIDGKIRTDT
RYPVGFMDVLSIPRTKENFRLMYNTKRRFCLVPLTAEQAKFKLCKIEKRVLGTGAIPYIVTHDGRTIRYPHPELQANDTI
KLNLETGKIVDFVKFDIGNTAMMIGGNGMGRVGVIVKREVHPGSFEIVHIKDAKGNTFTTRLNNVFVIGKGTETLVNLPL
DKGIKKPLLQQVNETIKKNKMQKAGIQKASKKSKTTTEKKVTPKAAVEKKEEQVEKIYKKYPKKQAAPKKSKGNKKVVPG
KKIGKK
;
sf
11 'polypeptide(L)'
;MKINVANPATGRIKKFDFEEEKNYRPFLDKRIGQEVDASSLGDEFKGYILKITGGCDKDGFPMMTGVATNNRVRLLLDGR
NGCYKPLRNGERRRKTVRGAIVAGDISVLNTIVVKKGEGEIEGVTNDALPMRAGPKRASHIRKLFNLSQKDDVKKFVIRR
EVAKKHPKEGKSTKRSKAPKIQRLVTPRRLQHKAQKLEAKKLHKIAMLKEAKRYAAILNRYKVLKAHGMKVVSFADTDAV
FKQNKAGSKKAASKGKKVGSKKTGKK
;
sh
12 'polypeptide(L)'
;MSGKMTAAKSAARAQVSTEVVVKKPGFDAYSKLVKEAVAGIPELKGVKVISAKKVTISKDKKATVIFIPLRMMRICRASF
EKVIEALEKKLNGPVFIIGKRVVAHTKKVGQSGKTDYKPRSRTSKAVHEAYLNEMLYPVEVAGQRVHATLVHKKVANSKT
VFVAVDDAKLKNSVKAKLPIYSAVYKNITGEKVKFAFPVVA
;
si
13 'polypeptide(L)'
;MGITRDSRHKRRATGGKKNSMQKKKKNTMGRQPANTRLGAIRVHDVRCRYGIIKRRALRLENGNFSWASQSITKGTKILN
VVYNASDNDFVRTNTLVKGAIIEIDPAPFRLWFLKFYGKDIASTDYYKSLESATFKTEKKVVLPKEEENKEKTIAQQIAE
TQVALMNPSKTMQKKYAKKLEVLKNMKFDEALLEGFQSGRVLACISSRPGQTGSVEGYILEGKELDFYSKKISDKKK
;
sj
14 'polypeptide(L)'
;MGRCLRNHSITYKTPKVPYERERFDAELKLVGQFGLKNKKEIQRVHYMLGHMRTIAKVMLMKDAKDPKRLLEGAALLRRL
HNLGILPRDQNKLEFVLALKEENLLERRLQTLVYRKGFAKSIHHARVLIRGKMIKVGKQVVDVPSFLVRVESEPLIQLAD
NTPLTNPEINGRRKRKNNHAGKEDN
;
sk
15 'polypeptide(L)'
;MAEQTERAYQKQVFHHHSRNEKGEIDFGNVKRYHKQIGMGFVTPAEAIKGTYIDKKCPFTSDVSIRGRTLSGIVKSCHMK
RTIIVRRDYFHYVSKYQRYEKRHKNIAVHCSPAFRQLKEGDHVVIGQCRPLSKTVRFNVLKFTSRGTGDKKQFAIF
;
sm
16 'polypeptide(L)'
;MGRMYNPGRGISRRCIPYRRSAPSWLKTSTLEVIDEMCKLAKKGIAPSQIGAIMRDTHGVGLVKSVTGSKVLRILKLAGL
APKIPEDLYFLMKRAVSVRKHLEKNKKDKDAKYHLILIESKIHRLTRYYKSAKVLEASFKYDANTASAIVS
;
so
17 'polypeptide(L)'
;MSKKVAAKSNVPEVIPGSTKDAFGVAHIYATFNDTFVHVTDISGKETIIRITGGMRVKADRDESSPYAAMTAAQDVAKRC
KDLGVTSLHIKMRGEGGVYSKTPGPGAQAALRALARANMKIGRIEDVTPIPTDCTKRKGGRRGRRL
;
sp
18 'polypeptide(L)'
;MVRVNVLADALKSITNAEKQGKRQVMIRPASKVICEFLNVMMKHQYITDYTVVDTHRSGKIVVNLNGRLNKCAVISPRFN
VTLSEFDKWEANLLPSRHFGALVLTTSYGILDNTEARAKHTGGRILGFFY
;
sr
19 'polypeptide(L)'
;MARGLHAARKMLAQRRANKWADKEWKKGKLVTRYKCNPLGTASHAKGLVQEKLGIETKQPNSGIRKCVRVRLLKNGKKIT
AFVPRDGSLNYVNENDEVLISGFGRRGHAVGDIPGVRFKVVCVAGVSLWGLWTNKKQKPHA
;
sy
#
loop_
_chem_comp.id
_chem_comp.type
_chem_comp.name
_chem_comp.formula
A RNA linking ADENOSINE-5'-MONOPHOSPHATE 'C10 H14 N5 O7 P'
C RNA linking CYTIDINE-5'-MONOPHOSPHATE 'C9 H14 N3 O8 P'
G RNA linking GUANOSINE-5'-MONOPHOSPHATE 'C10 H14 N5 O8 P'
PAR non-polymer PAROMOMYCIN 'C23 H45 N5 O14'
U RNA linking URIDINE-5'-MONOPHOSPHATE 'C9 H13 N2 O9 P'
#
# COMPACT_ATOMS: atom_id res chain seq x y z
N THR A 2 7.65 -5.15 -25.83
CA THR A 2 7.83 -5.97 -24.64
C THR A 2 7.61 -7.44 -24.98
N SER A 3 6.49 -7.99 -24.52
CA SER A 3 6.15 -9.38 -24.80
C SER A 3 6.03 -9.61 -26.30
N LYS A 4 6.92 -10.43 -26.84
CA LYS A 4 6.84 -10.78 -28.25
C LYS A 4 5.55 -11.54 -28.55
N ARG A 5 5.17 -12.45 -27.66
CA ARG A 5 4.00 -13.28 -27.84
C ARG A 5 3.07 -13.13 -26.64
N ARG A 6 1.79 -13.41 -26.86
CA ARG A 6 0.81 -13.31 -25.80
C ARG A 6 0.88 -14.48 -24.84
N ASN A 7 1.22 -15.67 -25.34
CA ASN A 7 1.34 -16.85 -24.50
C ASN A 7 2.77 -17.13 -24.07
N ASN A 8 3.69 -16.20 -24.32
CA ASN A 8 5.09 -16.31 -23.94
C ASN A 8 5.78 -17.50 -24.59
N GLY A 9 5.23 -18.01 -25.69
CA GLY A 9 5.84 -19.09 -26.43
C GLY A 9 5.58 -20.47 -25.87
N ARG A 10 4.98 -20.58 -24.69
CA ARG A 10 4.65 -21.86 -24.10
C ARG A 10 3.22 -22.24 -24.46
N SER A 11 2.69 -23.24 -23.77
CA SER A 11 1.27 -23.58 -23.89
C SER A 11 0.64 -23.89 -22.54
N LYS A 12 1.29 -23.53 -21.44
CA LYS A 12 0.74 -23.77 -20.11
C LYS A 12 -0.07 -22.55 -19.67
N LYS A 13 -1.25 -22.80 -19.12
CA LYS A 13 -2.12 -21.72 -18.68
C LYS A 13 -2.47 -21.80 -17.21
N GLY A 14 -2.98 -22.93 -16.73
CA GLY A 14 -3.43 -23.06 -15.36
C GLY A 14 -2.47 -23.78 -14.44
N ARG A 15 -1.25 -24.03 -14.87
CA ARG A 15 -0.28 -24.78 -14.10
C ARG A 15 0.98 -23.95 -13.94
N GLY A 16 1.75 -24.28 -12.90
CA GLY A 16 2.98 -23.55 -12.64
C GLY A 16 4.21 -24.23 -13.17
N HIS A 17 4.29 -25.55 -13.03
CA HIS A 17 5.49 -26.29 -13.41
C HIS A 17 5.13 -27.51 -14.23
N THR A 18 5.90 -27.73 -15.28
CA THR A 18 5.76 -28.91 -16.12
C THR A 18 7.13 -29.53 -16.37
N GLN A 19 7.14 -30.83 -16.61
CA GLN A 19 8.38 -31.58 -16.69
C GLN A 19 9.17 -31.20 -17.95
N ASN A 20 10.49 -31.29 -17.84
CA ASN A 20 11.35 -31.11 -18.99
C ASN A 20 11.34 -32.37 -19.86
N VAL A 21 11.70 -32.19 -21.12
CA VAL A 21 12.00 -33.29 -22.03
C VAL A 21 13.30 -32.95 -22.74
N ARG A 22 13.88 -33.94 -23.39
CA ARG A 22 15.18 -33.79 -24.02
C ARG A 22 15.03 -33.63 -25.52
N CYS A 23 15.64 -32.58 -26.06
CA CYS A 23 15.52 -32.28 -27.49
C CYS A 23 16.02 -33.45 -28.33
N SER A 24 15.29 -33.74 -29.40
CA SER A 24 15.61 -34.90 -30.23
C SER A 24 16.99 -34.76 -30.87
N HIS A 25 17.30 -33.59 -31.41
CA HIS A 25 18.55 -33.42 -32.14
C HIS A 25 19.68 -32.92 -31.25
N CYS A 26 19.41 -31.99 -30.36
CA CYS A 26 20.44 -31.39 -29.53
C CYS A 26 20.63 -32.10 -28.19
N GLY A 27 19.57 -32.70 -27.66
CA GLY A 27 19.63 -33.23 -26.32
C GLY A 27 19.44 -32.20 -25.25
N ARG A 28 19.07 -30.98 -25.61
CA ARG A 28 18.86 -29.92 -24.64
C ARG A 28 17.55 -30.15 -23.88
N CYS A 29 17.57 -29.86 -22.59
CA CYS A 29 16.35 -29.90 -21.80
C CYS A 29 15.42 -28.78 -22.25
N VAL A 30 14.12 -29.09 -22.34
CA VAL A 30 13.13 -28.12 -22.77
C VAL A 30 11.80 -28.41 -22.09
N PRO A 31 11.09 -27.40 -21.59
CA PRO A 31 9.80 -27.65 -20.96
C PRO A 31 8.82 -28.30 -21.93
N LYS A 32 7.96 -29.15 -21.37
CA LYS A 32 7.11 -30.01 -22.19
C LYS A 32 6.17 -29.22 -23.07
N ASP A 33 5.53 -28.18 -22.52
CA ASP A 33 4.59 -27.40 -23.31
C ASP A 33 5.29 -26.55 -24.35
N LYS A 34 6.48 -26.03 -24.02
CA LYS A 34 7.24 -25.20 -24.95
C LYS A 34 7.84 -25.99 -26.10
N ALA A 35 7.79 -27.31 -26.06
CA ALA A 35 8.45 -28.12 -27.08
C ALA A 35 7.70 -28.07 -28.40
N ILE A 36 8.45 -28.19 -29.48
CA ILE A 36 7.90 -28.22 -30.84
C ILE A 36 7.81 -29.70 -31.22
N LYS A 37 6.60 -30.25 -31.19
CA LYS A 37 6.39 -31.68 -31.35
C LYS A 37 5.88 -31.97 -32.74
N ARG A 38 6.49 -32.95 -33.40
CA ARG A 38 6.05 -33.43 -34.70
C ARG A 38 5.87 -34.94 -34.64
N TYR A 39 4.78 -35.43 -35.22
CA TYR A 39 4.48 -36.85 -35.27
C TYR A 39 4.84 -37.38 -36.65
N GLN A 40 5.85 -38.23 -36.72
CA GLN A 40 6.35 -38.77 -37.98
C GLN A 40 5.80 -40.17 -38.19
N ILE A 41 5.32 -40.43 -39.40
CA ILE A 41 4.90 -41.78 -39.81
C ILE A 41 5.56 -42.07 -41.15
N LYS A 42 6.32 -43.16 -41.22
CA LYS A 42 7.06 -43.53 -42.41
C LYS A 42 7.10 -45.04 -42.54
N ASN A 43 7.10 -45.52 -43.77
CA ASN A 43 7.31 -46.94 -44.01
C ASN A 43 8.73 -47.32 -43.66
N ILE A 44 8.92 -48.51 -43.09
CA ILE A 44 10.27 -48.99 -42.83
C ILE A 44 11.02 -49.16 -44.14
N VAL A 45 10.36 -49.78 -45.13
CA VAL A 45 10.92 -49.93 -46.46
C VAL A 45 10.64 -48.66 -47.23
N GLU A 46 11.70 -47.92 -47.56
CA GLU A 46 11.55 -46.70 -48.33
C GLU A 46 10.92 -47.01 -49.69
N ALA A 47 10.02 -46.14 -50.13
CA ALA A 47 9.30 -46.37 -51.38
C ALA A 47 10.25 -46.50 -52.56
N ALA A 48 11.47 -45.96 -52.44
CA ALA A 48 12.46 -46.14 -53.49
C ALA A 48 12.96 -47.58 -53.59
N ALA A 49 12.66 -48.42 -52.60
CA ALA A 49 13.07 -49.81 -52.62
C ALA A 49 11.91 -50.77 -52.38
N VAL A 50 10.67 -50.27 -52.33
CA VAL A 50 9.53 -51.15 -52.07
C VAL A 50 9.35 -52.14 -53.22
N ARG A 51 9.71 -51.73 -54.45
CA ARG A 51 9.58 -52.63 -55.59
C ARG A 51 10.47 -53.84 -55.43
N ASP A 52 11.71 -53.64 -54.97
CA ASP A 52 12.62 -54.78 -54.80
C ASP A 52 12.10 -55.74 -53.76
N ILE A 53 11.60 -55.22 -52.63
CA ILE A 53 11.09 -56.09 -51.58
C ILE A 53 9.87 -56.85 -52.07
N SER A 54 8.90 -56.13 -52.66
CA SER A 54 7.74 -56.78 -53.20
C SER A 54 8.08 -57.69 -54.37
N ASP A 55 9.23 -57.48 -55.00
CA ASP A 55 9.68 -58.38 -56.05
C ASP A 55 10.09 -59.73 -55.46
N ASN A 56 11.08 -59.73 -54.57
CA ASN A 56 11.54 -60.94 -53.91
C ASN A 56 11.20 -60.81 -52.43
N SER A 57 10.05 -61.34 -52.06
CA SER A 57 9.64 -61.39 -50.65
C SER A 57 9.24 -62.79 -50.29
N TYR A 62 2.54 -59.85 -47.37
CA TYR A 62 3.14 -59.11 -46.27
C TYR A 62 2.96 -57.60 -46.45
N LYS A 63 2.15 -57.00 -45.58
CA LYS A 63 1.98 -55.56 -45.56
C LYS A 63 3.18 -54.93 -44.87
N LEU A 64 3.85 -54.01 -45.55
CA LEU A 64 5.06 -53.41 -45.01
C LEU A 64 4.71 -52.46 -43.87
N PRO A 65 5.24 -52.66 -42.67
CA PRO A 65 4.81 -51.85 -41.53
C PRO A 65 5.40 -50.44 -41.58
N LYS A 66 4.79 -49.56 -40.79
CA LYS A 66 5.18 -48.16 -40.73
C LYS A 66 5.87 -47.83 -39.42
N THR A 67 6.57 -46.71 -39.42
CA THR A 67 7.26 -46.19 -38.24
C THR A 67 6.38 -45.16 -37.55
N TYR A 68 6.38 -45.16 -36.22
CA TYR A 68 5.58 -44.25 -35.43
C TYR A 68 6.45 -43.66 -34.32
N MET A 69 6.98 -42.47 -34.55
CA MET A 69 7.81 -41.79 -33.56
C MET A 69 7.33 -40.37 -33.38
N LYS A 70 7.51 -39.86 -32.15
CA LYS A 70 7.19 -38.49 -31.82
C LYS A 70 8.49 -37.75 -31.56
N LEU A 71 8.71 -36.66 -32.28
CA LEU A 71 9.96 -35.92 -32.22
C LEU A 71 9.70 -34.55 -31.61
N GLU A 72 10.47 -34.21 -30.58
CA GLU A 72 10.39 -32.91 -29.93
C GLU A 72 11.71 -32.19 -30.13
N TYR A 73 11.63 -30.90 -30.45
CA TYR A 73 12.81 -30.10 -30.74
C TYR A 73 12.90 -28.93 -29.78
N CYS A 74 14.10 -28.39 -29.65
CA CYS A 74 14.27 -27.11 -28.98
C CYS A 74 14.10 -25.98 -30.00
N VAL A 75 13.82 -24.79 -29.48
CA VAL A 75 13.57 -23.65 -30.35
C VAL A 75 14.78 -23.37 -31.23
N SER A 76 15.98 -23.54 -30.68
CA SER A 76 17.19 -23.31 -31.48
C SER A 76 17.33 -24.33 -32.60
N CYS A 77 16.99 -25.59 -32.34
CA CYS A 77 17.11 -26.61 -33.37
C CYS A 77 15.89 -26.67 -34.28
N GLY A 78 14.73 -26.22 -33.80
CA GLY A 78 13.56 -26.18 -34.66
C GLY A 78 13.72 -25.20 -35.80
N ILE A 79 14.21 -23.99 -35.49
CA ILE A 79 14.43 -22.99 -36.53
C ILE A 79 15.57 -23.42 -37.44
N HIS A 80 16.68 -23.85 -36.85
CA HIS A 80 17.85 -24.24 -37.64
C HIS A 80 17.55 -25.47 -38.50
N GLY A 81 16.63 -26.32 -38.06
CA GLY A 81 16.22 -27.48 -38.82
C GLY A 81 15.05 -27.24 -39.75
N ARG A 82 14.61 -26.00 -39.90
CA ARG A 82 13.51 -25.63 -40.80
C ARG A 82 12.21 -26.33 -40.44
N VAL A 83 12.10 -26.84 -39.21
CA VAL A 83 10.83 -27.40 -38.74
C VAL A 83 9.77 -26.30 -38.68
N VAL A 84 10.14 -25.14 -38.15
CA VAL A 84 9.32 -23.95 -38.20
C VAL A 84 10.18 -22.82 -38.76
N ARG A 85 9.52 -21.80 -39.29
CA ARG A 85 10.21 -20.66 -39.85
C ARG A 85 9.87 -19.41 -39.03
N VAL A 86 10.70 -18.39 -39.17
CA VAL A 86 10.43 -17.11 -38.54
C VAL A 86 9.31 -16.43 -39.33
N ARG A 87 8.11 -16.43 -38.78
CA ARG A 87 6.95 -15.88 -39.48
C ARG A 87 6.92 -14.37 -39.34
N SER A 88 6.04 -13.74 -40.13
CA SER A 88 5.87 -12.30 -40.08
C SER A 88 5.15 -11.89 -38.80
N ARG A 89 5.23 -10.60 -38.50
CA ARG A 89 4.64 -10.09 -37.26
C ARG A 89 3.14 -10.28 -37.25
N THR A 90 2.49 -10.07 -38.40
CA THR A 90 1.04 -10.28 -38.49
C THR A 90 0.68 -11.76 -38.57
N ASP A 91 1.52 -12.57 -39.22
CA ASP A 91 1.23 -13.98 -39.36
C ASP A 91 1.57 -14.78 -38.11
N ARG A 92 2.21 -14.17 -37.11
CA ARG A 92 2.52 -14.89 -35.88
C ARG A 92 1.24 -15.37 -35.19
N ARG A 93 0.15 -14.61 -35.31
CA ARG A 93 -1.10 -15.01 -34.69
C ARG A 93 -1.74 -16.20 -35.39
N ASN A 94 -1.30 -16.54 -36.60
CA ASN A 94 -1.88 -17.64 -37.34
C ASN A 94 -1.57 -18.96 -36.62
N ARG A 95 -2.62 -19.65 -36.17
CA ARG A 95 -2.46 -20.83 -35.33
C ARG A 95 -2.99 -22.09 -36.01
N LEU A 96 -3.35 -22.01 -37.28
CA LEU A 96 -3.81 -23.15 -38.05
C LEU A 96 -2.65 -23.78 -38.81
N PRO A 97 -2.71 -25.08 -39.09
CA PRO A 97 -1.61 -25.72 -39.80
C PRO A 97 -1.51 -25.19 -41.22
N PRO A 98 -0.32 -25.23 -41.83
CA PRO A 98 -0.17 -24.67 -43.18
C PRO A 98 -0.81 -25.52 -44.25
N LYS A 99 -2.13 -25.42 -44.39
CA LYS A 99 -2.87 -26.23 -45.34
C LYS A 99 -3.47 -25.37 -46.45
N THR B 12 -35.47 -17.51 -7.49
CA THR B 12 -34.62 -18.27 -6.58
C THR B 12 -33.13 -18.03 -6.87
N ALA B 13 -32.36 -17.68 -5.84
CA ALA B 13 -30.93 -17.40 -6.04
C ALA B 13 -30.23 -18.51 -6.83
N ALA B 14 -30.76 -19.73 -6.77
CA ALA B 14 -30.27 -20.80 -7.62
C ALA B 14 -30.58 -20.52 -9.09
N SER B 15 -31.76 -19.96 -9.39
CA SER B 15 -32.14 -19.73 -10.77
C SER B 15 -31.14 -18.82 -11.51
N GLU B 16 -30.45 -17.94 -10.77
CA GLU B 16 -29.32 -17.22 -11.35
C GLU B 16 -28.00 -17.86 -10.96
N ALA B 17 -27.96 -19.19 -10.78
CA ALA B 17 -26.77 -19.82 -10.24
C ALA B 17 -26.42 -21.14 -10.91
N LYS B 18 -26.77 -21.31 -12.18
CA LYS B 18 -26.35 -22.52 -12.89
C LYS B 18 -25.81 -22.21 -14.28
N ASN B 30 -18.36 -11.50 -13.47
CA ASN B 30 -17.72 -12.29 -12.42
C ASN B 30 -16.33 -11.75 -12.13
N SER B 31 -16.09 -10.50 -12.51
CA SER B 31 -14.81 -9.84 -12.36
C SER B 31 -14.98 -8.57 -11.51
N TYR B 32 -13.87 -7.87 -11.30
CA TYR B 32 -13.87 -6.70 -10.44
C TYR B 32 -12.68 -5.78 -10.72
N PHE G 110 -16.90 -1.98 -55.90
CA PHE G 110 -16.95 -0.71 -55.19
C PHE G 110 -15.55 -0.16 -55.00
N THR G 111 -15.23 0.91 -55.71
CA THR G 111 -13.91 1.51 -55.62
C THR G 111 -13.77 2.28 -54.31
N PRO G 112 -12.80 1.94 -53.46
CA PRO G 112 -12.69 2.61 -52.15
C PRO G 112 -12.47 4.11 -52.29
N GLY G 113 -13.07 4.86 -51.39
CA GLY G 113 -12.95 6.31 -51.40
C GLY G 113 -13.87 7.02 -52.37
N SER G 114 -14.74 6.30 -53.08
CA SER G 114 -15.63 6.96 -54.02
C SER G 114 -16.58 7.92 -53.31
N PHE G 115 -16.86 7.69 -52.04
CA PHE G 115 -17.71 8.60 -51.28
C PHE G 115 -16.87 9.68 -50.61
N ASP G 133 -25.77 -6.46 -49.48
CA ASP G 133 -25.24 -7.27 -48.40
C ASP G 133 -24.16 -6.49 -47.64
N PRO G 134 -24.45 -6.15 -46.38
CA PRO G 134 -23.49 -5.36 -45.60
C PRO G 134 -22.15 -6.04 -45.40
N SER G 135 -22.02 -7.32 -45.73
CA SER G 135 -20.74 -7.99 -45.56
C SER G 135 -19.81 -7.72 -46.74
N VAL G 136 -20.26 -8.02 -47.96
CA VAL G 136 -19.45 -7.71 -49.13
C VAL G 136 -19.41 -6.21 -49.37
N ASP G 137 -20.54 -5.53 -49.17
CA ASP G 137 -20.62 -4.09 -49.29
C ASP G 137 -20.10 -3.38 -48.05
N HIS G 138 -19.34 -4.07 -47.22
CA HIS G 138 -18.84 -3.47 -45.99
C HIS G 138 -18.06 -2.20 -46.27
N GLN G 139 -17.38 -2.12 -47.42
CA GLN G 139 -16.68 -0.90 -47.76
C GLN G 139 -17.66 0.26 -47.91
N ALA G 140 -18.81 0.01 -48.53
CA ALA G 140 -19.83 1.05 -48.62
C ALA G 140 -20.29 1.50 -47.25
N LEU G 141 -20.45 0.54 -46.33
CA LEU G 141 -20.85 0.88 -44.96
C LEU G 141 -19.82 1.77 -44.30
N ARG G 142 -18.54 1.40 -44.37
CA ARG G 142 -17.51 2.23 -43.77
C ARG G 142 -17.57 3.64 -44.32
N GLU G 143 -17.54 3.79 -45.65
CA GLU G 143 -17.62 5.13 -46.23
C GLU G 143 -18.93 5.82 -45.88
N SER G 144 -19.99 5.05 -45.64
CA SER G 144 -21.23 5.65 -45.19
C SER G 144 -21.09 6.30 -43.82
N GLY G 145 -20.11 5.87 -43.04
CA GLY G 145 -19.88 6.45 -41.73
C GLY G 145 -19.04 7.71 -41.71
N TYR G 146 -18.40 8.06 -42.83
CA TYR G 146 -17.57 9.25 -42.87
C TYR G 146 -18.35 10.45 -43.41
N ILE H 65 -16.80 20.68 -44.31
CA ILE H 65 -16.21 21.68 -45.19
C ILE H 65 -14.96 21.09 -45.84
N LYS H 66 -15.14 20.38 -46.95
CA LYS H 66 -14.03 19.71 -47.62
C LYS H 66 -13.19 20.67 -48.47
N GLU H 67 -13.49 21.96 -48.44
CA GLU H 67 -12.80 22.97 -49.23
C GLU H 67 -12.45 24.16 -48.34
N TYR H 68 -11.23 24.67 -48.51
CA TYR H 68 -10.73 25.69 -47.59
C TYR H 68 -11.23 27.08 -47.94
N GLN H 69 -11.73 27.30 -49.15
CA GLN H 69 -12.22 28.62 -49.52
C GLN H 69 -13.58 28.95 -48.92
N ILE H 70 -14.39 27.94 -48.60
CA ILE H 70 -15.72 28.18 -48.04
C ILE H 70 -15.62 28.77 -46.64
N VAL H 71 -14.70 28.25 -45.83
CA VAL H 71 -14.52 28.90 -44.54
C VAL H 71 -13.95 30.29 -44.74
N ASP H 72 -13.19 30.51 -45.81
CA ASP H 72 -12.80 31.86 -46.19
C ASP H 72 -13.96 32.64 -46.76
N HIS H 73 -15.08 31.99 -47.07
CA HIS H 73 -16.25 32.67 -47.60
C HIS H 73 -17.20 33.12 -46.49
N LEU H 74 -17.52 32.22 -45.56
CA LEU H 74 -18.42 32.57 -44.46
C LEU H 74 -17.68 33.09 -43.23
N LEU H 75 -16.35 33.04 -43.23
CA LEU H 75 -15.54 33.61 -42.14
C LEU H 75 -14.37 34.37 -42.77
N PRO H 76 -14.64 35.56 -43.30
CA PRO H 76 -13.55 36.35 -43.89
C PRO H 76 -12.64 36.96 -42.83
N GLY H 77 -11.44 37.32 -43.27
CA GLY H 77 -10.48 37.99 -42.41
C GLY H 77 -10.00 37.15 -41.25
N LEU H 78 -9.64 35.89 -41.53
CA LEU H 78 -9.19 34.99 -40.47
C LEU H 78 -7.76 35.37 -40.09
N LYS H 79 -7.60 35.84 -38.85
CA LYS H 79 -6.31 36.33 -38.39
C LYS H 79 -5.37 35.15 -38.16
N GLU H 80 -4.17 35.24 -38.71
CA GLU H 80 -3.29 34.11 -38.93
C GLU H 80 -2.20 34.03 -37.87
N GLU H 81 -1.83 32.80 -37.49
CA GLU H 81 -0.73 32.58 -36.56
C GLU H 81 -0.05 31.26 -36.88
N VAL H 82 1.22 31.32 -37.24
CA VAL H 82 2.05 30.14 -37.41
C VAL H 82 2.61 29.80 -36.03
N MET H 83 2.11 28.71 -35.44
CA MET H 83 2.53 28.35 -34.09
C MET H 83 4.02 28.05 -34.04
N THR H 84 4.51 27.18 -34.92
CA THR H 84 5.94 26.88 -34.99
C THR H 84 6.23 26.09 -36.25
N MET H 85 7.50 26.08 -36.62
CA MET H 85 8.03 25.23 -37.68
C MET H 85 8.93 24.18 -37.04
N GLN H 86 8.68 22.91 -37.36
CA GLN H 86 9.39 21.79 -36.76
C GLN H 86 9.96 20.94 -37.87
N SER H 87 11.28 20.76 -37.86
CA SER H 87 11.97 20.06 -38.94
C SER H 87 12.08 18.58 -38.60
N VAL H 88 11.46 17.74 -39.42
CA VAL H 88 11.54 16.31 -39.27
C VAL H 88 12.58 15.77 -40.26
N GLN H 89 12.96 14.51 -40.08
CA GLN H 89 13.97 13.90 -40.92
C GLN H 89 13.61 12.45 -41.18
N LYS H 90 14.04 11.94 -42.33
CA LYS H 90 13.86 10.54 -42.70
C LYS H 90 15.21 9.99 -43.14
N GLN H 91 15.76 9.06 -42.37
CA GLN H 91 17.07 8.51 -42.67
C GLN H 91 16.97 7.54 -43.84
N THR H 92 17.85 7.74 -44.83
CA THR H 92 17.89 6.89 -46.01
C THR H 92 19.35 6.61 -46.34
N SER H 93 19.57 5.89 -47.45
CA SER H 93 20.93 5.50 -47.82
C SER H 93 21.79 6.72 -48.13
N ALA H 94 21.23 7.68 -48.87
CA ALA H 94 22.00 8.87 -49.22
C ALA H 94 22.34 9.69 -47.97
N GLY H 95 21.37 9.81 -47.06
CA GLY H 95 21.55 10.64 -45.87
C GLY H 95 20.23 10.84 -45.16
N GLN H 96 19.91 12.09 -44.83
CA GLN H 96 18.64 12.43 -44.20
C GLN H 96 17.80 13.27 -45.15
N ARG H 97 16.56 12.83 -45.39
CA ARG H 97 15.62 13.57 -46.22
C ARG H 97 14.79 14.46 -45.29
N THR H 98 15.22 15.71 -45.15
CA THR H 98 14.62 16.63 -44.19
C THR H 98 13.45 17.39 -44.82
N ARG H 99 12.37 17.51 -44.06
CA ARG H 99 11.22 18.31 -44.43
C ARG H 99 10.83 19.17 -43.24
N LEU H 100 10.18 20.30 -43.52
CA LEU H 100 9.75 21.23 -42.49
C LEU H 100 8.26 21.09 -42.26
N LYS H 101 7.87 20.88 -41.01
CA LYS H 101 6.47 20.72 -40.64
C LYS H 101 6.04 21.95 -39.85
N ALA H 102 4.96 22.60 -40.31
CA ALA H 102 4.51 23.86 -39.76
C ALA H 102 3.11 23.71 -39.19
N TYR H 103 2.93 24.14 -37.95
CA TYR H 103 1.62 24.19 -37.30
C TYR H 103 1.10 25.62 -37.40
N VAL H 104 -0.06 25.79 -38.02
CA VAL H 104 -0.67 27.12 -38.13
C VAL H 104 -2.05 27.08 -37.49
N ALA H 105 -2.46 28.24 -36.99
CA ALA H 105 -3.77 28.40 -36.37
C ALA H 105 -4.49 29.54 -37.06
N ILE H 106 -5.77 29.34 -37.34
CA ILE H 106 -6.60 30.37 -37.95
C ILE H 106 -7.78 30.65 -37.03
N GLY H 107 -8.69 31.50 -37.47
CA GLY H 107 -9.94 31.66 -36.77
C GLY H 107 -10.24 33.09 -36.38
N ASP H 108 -11.40 33.59 -36.77
CA ASP H 108 -11.88 34.85 -36.24
C ASP H 108 -11.98 34.76 -34.73
N HIS H 109 -12.08 35.91 -34.09
CA HIS H 109 -12.01 35.95 -32.64
C HIS H 109 -13.38 35.93 -31.99
N ASN H 110 -14.33 35.20 -32.59
CA ASN H 110 -15.71 35.16 -32.11
C ASN H 110 -16.22 33.73 -32.07
N GLY H 111 -15.44 32.83 -31.49
CA GLY H 111 -15.92 31.48 -31.27
C GLY H 111 -15.64 30.49 -32.38
N HIS H 112 -14.72 30.80 -33.29
CA HIS H 112 -14.33 29.87 -34.35
C HIS H 112 -12.82 29.77 -34.37
N ALA H 113 -12.31 28.54 -34.26
CA ALA H 113 -10.88 28.32 -34.23
C ALA H 113 -10.54 27.10 -35.09
N GLY H 114 -9.33 27.10 -35.64
CA GLY H 114 -8.90 26.01 -36.49
C GLY H 114 -7.40 25.78 -36.45
N LEU H 115 -6.99 24.51 -36.39
CA LEU H 115 -5.59 24.14 -36.35
C LEU H 115 -5.30 23.14 -37.46
N GLY H 116 -4.23 23.37 -38.20
CA GLY H 116 -3.86 22.49 -39.29
C GLY H 116 -2.35 22.32 -39.36
N VAL H 117 -1.94 21.18 -39.89
CA VAL H 117 -0.53 20.81 -39.97
C VAL H 117 -0.22 20.31 -41.38
N LYS H 118 0.94 20.72 -41.89
CA LYS H 118 1.42 20.25 -43.18
C LYS H 118 2.94 20.30 -43.17
N CYS H 119 3.57 19.35 -43.86
CA CYS H 119 5.02 19.28 -43.96
C CYS H 119 5.42 19.10 -45.41
N ALA H 120 6.41 19.88 -45.85
CA ALA H 120 6.91 19.80 -47.21
C ALA H 120 8.35 20.29 -47.23
N LYS H 121 8.93 20.32 -48.43
CA LYS H 121 10.35 20.65 -48.57
C LYS H 121 10.65 22.13 -48.39
N GLU H 122 9.71 23.00 -48.71
CA GLU H 122 9.94 24.43 -48.66
C GLU H 122 9.13 25.05 -47.52
N VAL H 123 9.71 26.04 -46.85
CA VAL H 123 9.03 26.69 -45.73
C VAL H 123 7.73 27.34 -46.21
N ALA H 124 7.82 28.09 -47.31
CA ALA H 124 6.63 28.78 -47.81
C ALA H 124 5.55 27.79 -48.24
N GLU H 125 5.94 26.72 -48.93
CA GLU H 125 4.96 25.75 -49.41
C GLU H 125 4.27 25.04 -48.25
N ALA H 126 5.04 24.68 -47.21
CA ALA H 126 4.45 23.97 -46.08
C ALA H 126 3.45 24.85 -45.33
N ILE H 127 3.75 26.14 -45.18
CA ILE H 127 2.80 27.04 -44.52
C ILE H 127 1.53 27.16 -45.33
N LYS H 128 1.65 27.31 -46.65
CA LYS H 128 0.47 27.51 -47.49
C LYS H 128 -0.47 26.31 -47.38
N GLY H 129 0.08 25.10 -47.43
CA GLY H 129 -0.74 23.93 -47.23
C GLY H 129 -1.22 23.75 -45.80
N ALA H 130 -0.53 24.38 -44.85
CA ALA H 130 -0.94 24.29 -43.45
C ALA H 130 -2.18 25.12 -43.19
N MET H 131 -2.26 26.33 -43.77
CA MET H 131 -3.46 27.13 -43.62
C MET H 131 -4.68 26.41 -44.17
N ILE H 132 -4.51 25.64 -45.24
CA ILE H 132 -5.62 24.90 -45.82
C ILE H 132 -6.19 23.92 -44.80
N GLN H 133 -5.33 23.11 -44.19
CA GLN H 133 -5.79 22.11 -43.23
C GLN H 133 -6.47 22.76 -42.03
N ALA H 134 -5.89 23.85 -41.53
CA ALA H 134 -6.55 24.58 -40.46
C ALA H 134 -7.89 25.11 -40.91
N LYS H 135 -7.98 25.56 -42.16
CA LYS H 135 -9.25 26.03 -42.70
C LYS H 135 -10.25 24.89 -42.79
N LEU H 136 -9.82 23.73 -43.23
CA LEU H 136 -10.72 22.58 -43.31
C LEU H 136 -11.18 22.14 -41.93
N ALA H 137 -10.26 22.09 -40.97
CA ALA H 137 -10.57 21.70 -39.60
C ALA H 137 -11.14 22.91 -38.86
N MET H 138 -12.43 23.16 -39.08
CA MET H 138 -13.12 24.29 -38.48
C MET H 138 -14.07 23.77 -37.40
N VAL H 139 -14.04 24.40 -36.23
CA VAL H 139 -14.91 23.99 -35.12
C VAL H 139 -15.46 25.23 -34.43
N PRO H 140 -16.69 25.14 -33.95
CA PRO H 140 -17.24 26.24 -33.15
C PRO H 140 -16.86 26.13 -31.68
N VAL H 141 -16.66 27.29 -31.08
CA VAL H 141 -16.24 27.39 -29.69
C VAL H 141 -17.40 27.96 -28.89
N ARG H 142 -17.85 27.20 -27.89
CA ARG H 142 -18.97 27.62 -27.05
C ARG H 142 -18.43 28.45 -25.90
N ARG H 143 -18.82 29.72 -25.85
CA ARG H 143 -18.45 30.61 -24.76
C ARG H 143 -19.64 30.83 -23.82
N GLY H 144 -19.33 31.24 -22.60
CA GLY H 144 -20.34 31.39 -21.57
C GLY H 144 -19.95 32.43 -20.55
N TYR H 145 -20.37 32.21 -19.31
CA TYR H 145 -20.27 33.21 -18.26
C TYR H 145 -19.69 32.57 -17.00
N TRP H 146 -19.02 33.39 -16.20
CA TRP H 146 -18.42 32.89 -14.97
C TRP H 146 -19.45 32.80 -13.85
N GLY H 147 -19.98 33.94 -13.42
CA GLY H 147 -21.04 33.94 -12.44
C GLY H 147 -22.28 34.71 -12.87
N ALA H 148 -22.10 35.68 -13.75
CA ALA H 148 -23.19 36.59 -14.10
C ALA H 148 -23.24 36.85 -15.60
N VAL H 153 -20.27 37.36 -23.52
CA VAL H 153 -19.60 36.10 -23.25
C VAL H 153 -18.10 36.35 -23.14
N HIS H 154 -17.47 35.69 -22.16
CA HIS H 154 -16.04 35.87 -21.95
C HIS H 154 -15.27 34.59 -21.69
N THR H 155 -15.90 33.52 -21.23
CA THR H 155 -15.19 32.34 -20.80
C THR H 155 -15.96 31.09 -21.20
N VAL H 156 -15.35 29.93 -20.94
CA VAL H 156 -15.94 28.64 -21.26
C VAL H 156 -17.16 28.41 -20.36
N PRO H 157 -18.14 27.61 -20.80
CA PRO H 157 -19.33 27.41 -19.96
C PRO H 157 -19.14 26.38 -18.86
N CYS H 158 -18.14 25.52 -18.95
CA CYS H 158 -17.86 24.54 -17.91
C CYS H 158 -16.39 24.14 -18.02
N LYS H 159 -16.01 23.08 -17.30
CA LYS H 159 -14.63 22.63 -17.26
C LYS H 159 -14.41 21.57 -18.35
N LEU H 160 -13.47 21.84 -19.26
CA LEU H 160 -13.19 20.95 -20.38
C LEU H 160 -11.70 20.67 -20.45
N THR H 161 -11.37 19.45 -20.86
CA THR H 161 -9.99 19.01 -20.99
C THR H 161 -9.77 18.43 -22.38
N GLY H 162 -8.61 18.76 -22.97
CA GLY H 162 -8.26 18.29 -24.29
C GLY H 162 -7.28 17.14 -24.23
N ALA H 163 -7.73 15.96 -24.67
CA ALA H 163 -6.96 14.74 -24.54
C ALA H 163 -6.17 14.49 -25.83
N CYS H 164 -5.01 15.12 -25.91
CA CYS H 164 -3.97 14.78 -26.87
C CYS H 164 -3.22 13.56 -26.39
N GLY H 165 -1.97 13.41 -26.81
CA GLY H 165 -1.16 12.31 -26.32
C GLY H 165 -0.80 12.58 -24.88
N SER H 166 0.48 12.49 -24.50
CA SER H 166 0.82 12.68 -23.10
C SER H 166 0.35 14.02 -22.53
N VAL H 167 -0.07 14.96 -23.37
CA VAL H 167 -0.48 16.28 -22.90
C VAL H 167 -1.97 16.27 -22.60
N ARG H 168 -2.33 16.80 -21.43
CA ARG H 168 -3.72 16.97 -21.02
C ARG H 168 -3.88 18.40 -20.54
N VAL H 169 -4.65 19.20 -21.28
CA VAL H 169 -4.84 20.62 -20.98
C VAL H 169 -6.29 20.82 -20.57
N ARG H 170 -6.49 21.45 -19.42
CA ARG H 170 -7.81 21.61 -18.81
C ARG H 170 -8.18 23.07 -18.77
N LEU H 171 -9.41 23.38 -19.17
CA LEU H 171 -9.92 24.74 -19.18
C LEU H 171 -10.94 24.89 -18.05
N VAL H 172 -10.79 25.95 -17.26
CA VAL H 172 -11.67 26.25 -16.14
C VAL H 172 -12.26 27.62 -16.34
N PRO H 173 -13.56 27.82 -16.14
CA PRO H 173 -14.14 29.15 -16.31
C PRO H 173 -13.53 30.15 -15.35
N ALA H 174 -13.36 31.38 -15.83
CA ALA H 174 -12.67 32.42 -15.09
C ALA H 174 -13.54 33.66 -15.00
N PRO H 175 -13.35 34.48 -13.96
CA PRO H 175 -14.15 35.70 -13.83
C PRO H 175 -13.87 36.73 -14.90
N ARG H 176 -14.66 37.80 -14.92
CA ARG H 176 -14.64 38.74 -16.03
C ARG H 176 -13.28 39.39 -16.24
N GLY H 177 -12.50 39.56 -15.16
CA GLY H 177 -11.31 40.38 -15.24
C GLY H 177 -10.04 39.68 -15.67
N THR H 178 -9.84 38.45 -15.20
CA THR H 178 -8.58 37.75 -15.45
C THR H 178 -8.41 37.47 -16.93
N GLY H 179 -7.17 37.57 -17.41
CA GLY H 179 -6.89 37.30 -18.79
C GLY H 179 -6.84 35.82 -19.10
N ILE H 180 -5.93 35.43 -19.99
CA ILE H 180 -5.69 34.03 -20.30
C ILE H 180 -4.51 33.58 -19.44
N VAL H 181 -4.81 32.90 -18.33
CA VAL H 181 -3.75 32.35 -17.49
C VAL H 181 -3.33 31.02 -18.10
N ALA H 182 -2.38 31.07 -19.02
CA ALA H 182 -2.00 29.89 -19.78
C ALA H 182 -0.59 30.10 -20.34
N ALA H 183 0.00 29.00 -20.80
CA ALA H 183 1.31 29.06 -21.40
C ALA H 183 1.25 29.84 -22.71
N PRO H 184 2.38 30.36 -23.19
CA PRO H 184 2.36 31.15 -24.43
C PRO H 184 1.72 30.46 -25.61
N THR H 185 1.91 29.14 -25.74
CA THR H 185 1.37 28.45 -26.91
C THR H 185 -0.16 28.32 -26.85
N PRO H 186 -0.76 27.73 -25.82
CA PRO H 186 -2.23 27.69 -25.79
C PRO H 186 -2.85 29.07 -25.67
N LYS H 187 -2.11 30.06 -25.19
CA LYS H 187 -2.62 31.42 -25.13
C LYS H 187 -2.93 31.94 -26.53
N LYS H 188 -1.96 31.84 -27.44
CA LYS H 188 -2.14 32.38 -28.78
C LYS H 188 -3.31 31.72 -29.49
N PHE H 189 -3.54 30.44 -29.25
CA PHE H 189 -4.71 29.79 -29.83
C PHE H 189 -5.99 30.15 -29.09
N LEU H 190 -5.91 30.35 -27.78
CA LEU H 190 -7.11 30.71 -27.02
C LEU H 190 -7.52 32.15 -27.27
N ILE H 191 -6.56 33.03 -27.56
CA ILE H 191 -6.89 34.38 -28.01
C ILE H 191 -7.62 34.31 -29.34
N LEU H 192 -7.13 33.46 -30.26
CA LEU H 192 -7.73 33.34 -31.57
C LEU H 192 -9.18 32.87 -31.50
N ALA H 193 -9.45 31.87 -30.67
CA ALA H 193 -10.80 31.33 -30.58
C ALA H 193 -11.80 32.38 -30.14
N GLY H 194 -11.36 33.44 -29.47
CA GLY H 194 -12.25 34.47 -28.99
C GLY H 194 -12.50 34.50 -27.51
N ILE H 195 -11.72 33.74 -26.74
CA ILE H 195 -11.85 33.71 -25.29
C ILE H 195 -10.89 34.74 -24.71
N GLU H 196 -11.33 35.41 -23.63
CA GLU H 196 -10.49 36.37 -22.94
C GLU H 196 -10.20 36.02 -21.49
N ASP H 197 -11.03 35.21 -20.85
CA ASP H 197 -10.84 34.82 -19.45
C ASP H 197 -10.93 33.30 -19.36
N VAL H 198 -9.88 32.67 -18.83
CA VAL H 198 -9.84 31.22 -18.72
C VAL H 198 -8.75 30.83 -17.75
N PHE H 199 -8.93 29.70 -17.09
CA PHE H 199 -7.93 29.09 -16.22
C PHE H 199 -7.52 27.76 -16.80
N THR H 200 -6.21 27.54 -16.96
CA THR H 200 -5.70 26.35 -17.61
C THR H 200 -4.69 25.63 -16.73
N GLN H 201 -4.73 24.32 -16.76
CA GLN H 201 -3.74 23.47 -16.10
C GLN H 201 -3.32 22.37 -17.06
N THR H 202 -2.02 22.09 -17.11
CA THR H 202 -1.45 21.16 -18.06
C THR H 202 -0.88 19.94 -17.35
N THR H 203 -0.85 18.82 -18.06
CA THR H 203 -0.31 17.57 -17.51
C THR H 203 0.31 16.79 -18.65
N GLY H 204 1.62 16.86 -18.77
CA GLY H 204 2.34 16.10 -19.77
C GLY H 204 3.56 16.85 -20.24
N HIS H 205 4.16 16.32 -21.31
CA HIS H 205 5.36 16.92 -21.90
C HIS H 205 4.92 18.07 -22.79
N THR H 206 4.86 19.27 -22.20
CA THR H 206 4.43 20.44 -22.94
C THR H 206 5.51 21.01 -23.85
N LYS H 207 6.75 20.56 -23.72
CA LYS H 207 7.79 20.97 -24.65
C LYS H 207 7.56 20.41 -26.05
N THR H 208 6.63 19.46 -26.19
CA THR H 208 6.19 18.98 -27.49
C THR H 208 5.12 19.92 -27.99
N LEU H 209 5.49 20.82 -28.88
CA LEU H 209 4.58 21.88 -29.30
C LEU H 209 3.37 21.33 -30.05
N GLY H 210 3.60 20.37 -30.95
CA GLY H 210 2.50 19.84 -31.75
C GLY H 210 1.39 19.24 -30.92
N ASN H 211 1.77 18.46 -29.90
CA ASN H 211 0.76 17.90 -29.01
C ASN H 211 0.17 18.95 -28.08
N PHE H 212 0.87 20.06 -27.87
CA PHE H 212 0.33 21.11 -27.01
C PHE H 212 -0.86 21.80 -27.66
N VAL H 213 -0.72 22.22 -28.92
CA VAL H 213 -1.82 22.89 -29.59
C VAL H 213 -2.96 21.93 -29.85
N LYS H 214 -2.65 20.68 -30.21
CA LYS H 214 -3.70 19.68 -30.41
C LYS H 214 -4.48 19.44 -29.12
N ALA H 215 -3.78 19.43 -27.98
CA ALA H 215 -4.48 19.32 -26.71
C ALA H 215 -5.34 20.55 -26.46
N THR H 216 -4.82 21.73 -26.78
CA THR H 216 -5.63 22.94 -26.68
C THR H 216 -6.82 22.87 -27.64
N TYR H 217 -6.54 22.56 -28.91
CA TYR H 217 -7.59 22.50 -29.91
C TYR H 217 -8.68 21.51 -29.52
N ASP H 218 -8.28 20.36 -29.00
CA ASP H 218 -9.26 19.35 -28.61
C ASP H 218 -10.14 19.83 -27.48
N ALA H 219 -9.57 20.59 -26.54
CA ALA H 219 -10.33 21.03 -25.37
C ALA H 219 -11.52 21.88 -25.78
N VAL H 220 -11.30 22.83 -26.69
CA VAL H 220 -12.40 23.65 -27.19
C VAL H 220 -13.24 22.89 -28.20
N ARG H 221 -12.68 21.86 -28.83
CA ARG H 221 -13.41 21.10 -29.84
C ARG H 221 -14.56 20.31 -29.24
N GLN H 222 -14.50 20.00 -27.94
CA GLN H 222 -15.56 19.28 -27.27
C GLN H 222 -16.46 20.20 -26.46
N SER H 223 -16.29 21.51 -26.57
CA SER H 223 -17.12 22.43 -25.81
C SER H 223 -18.58 22.34 -26.24
N TYR H 224 -18.85 21.93 -27.47
CA TYR H 224 -20.21 21.85 -28.00
C TYR H 224 -20.75 20.43 -27.98
N GLY H 225 -20.30 19.61 -27.04
CA GLY H 225 -20.81 18.26 -26.90
C GLY H 225 -21.37 17.98 -25.54
N PHE H 226 -20.92 18.74 -24.54
CA PHE H 226 -21.34 18.54 -23.15
C PHE H 226 -22.75 19.07 -22.99
N GLN H 227 -23.72 18.17 -22.93
CA GLN H 227 -25.10 18.61 -22.82
C GLN H 227 -25.38 19.13 -21.41
N THR H 228 -25.25 20.43 -21.22
CA THR H 228 -25.53 21.03 -19.93
C THR H 228 -27.04 21.11 -19.70
N LYS H 229 -27.42 21.68 -18.56
CA LYS H 229 -28.83 21.79 -18.24
C LYS H 229 -29.57 22.63 -19.26
N ASP H 230 -28.97 23.75 -19.67
CA ASP H 230 -29.62 24.62 -20.64
C ASP H 230 -29.76 23.97 -22.01
N LEU H 231 -29.03 22.88 -22.26
CA LEU H 231 -29.14 22.19 -23.54
C LEU H 231 -29.94 20.90 -23.39
N GLU I 24 37.31 -72.73 -40.33
CA GLU I 24 35.87 -72.75 -40.53
C GLU I 24 35.11 -72.79 -39.21
N PRO I 25 34.14 -71.90 -39.06
CA PRO I 25 33.27 -71.96 -37.88
C PRO I 25 32.21 -73.03 -38.01
N PHE I 26 31.72 -73.23 -39.23
CA PHE I 26 30.52 -74.02 -39.47
C PHE I 26 30.82 -75.48 -39.80
N SER I 27 32.09 -75.88 -39.80
CA SER I 27 32.40 -77.29 -40.04
C SER I 27 31.79 -78.18 -38.96
N LYS I 28 31.85 -77.75 -37.71
CA LYS I 28 31.41 -78.55 -36.57
C LYS I 28 29.99 -78.21 -36.13
N LYS I 29 29.13 -77.82 -37.06
CA LYS I 29 27.77 -77.40 -36.75
C LYS I 29 26.79 -78.48 -37.20
N GLU I 30 25.88 -78.85 -36.30
CA GLU I 30 24.83 -79.83 -36.58
C GLU I 30 23.48 -79.14 -36.49
N TRP I 31 22.67 -79.26 -37.54
CA TRP I 31 21.37 -78.60 -37.60
C TRP I 31 20.29 -79.53 -37.05
N TYR I 32 19.60 -79.05 -36.03
CA TYR I 32 18.40 -79.72 -35.53
C TYR I 32 17.19 -79.02 -36.11
N ASN I 33 16.00 -79.40 -35.64
CA ASN I 33 14.75 -78.79 -36.07
C ASN I 33 14.01 -78.25 -34.86
N VAL I 34 13.09 -77.32 -35.12
CA VAL I 34 12.28 -76.75 -34.06
C VAL I 34 10.85 -77.26 -34.13
N GLN I 47 14.71 -74.71 -38.58
CA GLN I 47 15.90 -75.40 -38.09
C GLN I 47 16.88 -74.42 -37.46
N ILE I 48 17.68 -74.92 -36.51
CA ILE I 48 18.60 -74.08 -35.76
C ILE I 48 19.98 -74.74 -35.78
N VAL I 49 21.01 -73.94 -36.06
CA VAL I 49 22.37 -74.45 -36.05
C VAL I 49 22.82 -74.73 -34.63
N VAL I 50 23.45 -75.88 -34.43
CA VAL I 50 24.01 -76.26 -33.14
C VAL I 50 25.39 -76.84 -33.37
N ASN I 51 26.36 -76.43 -32.58
CA ASN I 51 27.69 -77.01 -32.66
C ASN I 51 27.64 -78.49 -32.38
N LYS I 52 28.39 -79.28 -33.15
CA LYS I 52 28.40 -80.73 -33.00
C LYS I 52 28.86 -81.14 -31.61
N GLN I 62 21.79 -79.38 -24.20
CA GLN I 62 22.19 -77.99 -24.36
C GLN I 62 21.04 -77.12 -24.88
N LEU I 63 20.09 -77.78 -25.55
CA LEU I 63 18.92 -77.06 -26.08
C LEU I 63 17.73 -77.23 -25.15
N GLY I 65 18.00 -74.72 -23.31
CA GLY I 65 17.40 -73.46 -22.91
C GLY I 65 17.21 -72.51 -24.07
N ARG I 66 17.07 -73.06 -25.26
CA ARG I 66 16.89 -72.25 -26.46
C ARG I 66 15.49 -71.62 -26.48
N VAL I 67 15.43 -70.38 -26.95
CA VAL I 67 14.18 -69.64 -27.12
C VAL I 67 14.09 -69.22 -28.57
N VAL I 68 12.98 -69.56 -29.22
CA VAL I 68 12.76 -69.24 -30.62
C VAL I 68 11.47 -68.44 -30.73
N GLU I 69 11.53 -67.32 -31.44
CA GLU I 69 10.37 -66.46 -31.65
C GLU I 69 9.86 -66.65 -33.08
N VAL I 70 8.55 -66.79 -33.23
CA VAL I 70 7.93 -66.96 -34.53
C VAL I 70 6.64 -66.16 -34.54
N ASN I 71 6.38 -65.46 -35.65
CA ASN I 71 5.15 -64.72 -35.79
C ASN I 71 3.95 -65.67 -35.75
N LEU I 72 2.86 -65.21 -35.13
CA LEU I 72 1.66 -66.03 -35.05
C LEU I 72 1.13 -66.38 -36.43
N ALA I 73 1.37 -65.52 -37.41
CA ALA I 73 0.97 -65.83 -38.77
C ALA I 73 1.64 -67.09 -39.27
N ASP I 74 2.95 -67.24 -39.00
CA ASP I 74 3.67 -68.40 -39.50
C ASP I 74 3.22 -69.68 -38.79
N LEU I 75 2.88 -69.60 -37.51
CA LEU I 75 2.27 -70.74 -36.85
C LEU I 75 0.94 -71.10 -37.50
N MET I 76 0.07 -70.10 -37.67
CA MET I 76 -1.26 -70.34 -38.19
C MET I 76 -1.34 -70.36 -39.71
N GLU I 77 -0.25 -70.01 -40.39
CA GLU I 77 -0.22 -69.93 -41.86
C GLU I 77 -1.36 -69.06 -42.38
N ASN I 78 -1.66 -68.00 -41.64
CA ASN I 78 -2.72 -67.05 -41.97
C ASN I 78 -2.25 -65.65 -41.61
N GLU I 79 -2.54 -64.69 -42.49
CA GLU I 79 -2.01 -63.34 -42.31
C GLU I 79 -2.88 -62.47 -41.41
N LYS I 80 -4.05 -62.93 -40.99
CA LYS I 80 -4.86 -62.15 -40.06
C LYS I 80 -4.28 -62.12 -38.66
N PHE I 81 -3.28 -62.95 -38.38
CA PHE I 81 -2.65 -63.04 -37.07
C PHE I 81 -1.25 -62.45 -37.06
N GLY I 82 -0.89 -61.70 -38.10
CA GLY I 82 0.49 -61.26 -38.25
C GLY I 82 0.97 -60.41 -37.09
N ALA I 83 0.09 -59.58 -36.54
CA ALA I 83 0.46 -58.67 -35.46
C ALA I 83 0.51 -59.41 -34.12
N TYR I 84 1.34 -60.45 -34.07
CA TYR I 84 1.55 -61.22 -32.86
C TYR I 84 2.83 -62.03 -33.01
N ASN I 85 3.70 -61.97 -32.02
CA ASN I 85 4.95 -62.71 -32.02
C ASN I 85 4.88 -63.76 -30.92
N TYR I 86 5.09 -65.02 -31.30
CA TYR I 86 5.05 -66.14 -30.36
C TYR I 86 6.46 -66.65 -30.12
N LYS I 87 6.78 -66.93 -28.86
CA LYS I 87 8.08 -67.43 -28.46
C LYS I 87 7.94 -68.86 -27.96
N PHE I 88 8.87 -69.71 -28.37
CA PHE I 88 8.87 -71.11 -27.98
C PHE I 88 10.23 -71.50 -27.43
N LYS I 89 10.22 -72.28 -26.37
CA LYS I 89 11.42 -72.69 -25.67
C LYS I 89 11.67 -74.17 -25.89
N CYS I 90 12.95 -74.54 -25.94
CA CYS I 90 13.33 -75.93 -26.12
C CYS I 90 13.65 -76.57 -24.78
N HIS I 103 6.25 -70.20 -24.81
CA HIS I 103 7.06 -69.43 -23.88
C HIS I 103 6.51 -68.01 -23.72
N GLY I 104 5.39 -67.75 -24.36
CA GLY I 104 4.71 -66.48 -24.26
C GLY I 104 4.56 -65.81 -25.61
N LEU I 105 3.73 -64.78 -25.61
CA LEU I 105 3.44 -64.01 -26.81
C LEU I 105 3.60 -62.53 -26.52
N LYS I 106 3.90 -61.76 -27.57
CA LYS I 106 4.05 -60.32 -27.47
C LYS I 106 3.57 -59.67 -28.75
N LEU I 107 2.79 -58.60 -28.61
CA LEU I 107 2.37 -57.83 -29.77
C LEU I 107 3.59 -57.23 -30.46
N THR I 108 3.55 -57.21 -31.79
CA THR I 108 4.65 -56.66 -32.55
C THR I 108 4.73 -55.15 -32.37
N THR I 109 5.93 -54.60 -32.52
CA THR I 109 6.12 -53.17 -32.33
C THR I 109 5.33 -52.36 -33.36
N ASP I 110 5.07 -52.93 -34.53
CA ASP I 110 4.29 -52.22 -35.54
C ASP I 110 2.87 -51.97 -35.04
N LYS I 111 2.19 -53.00 -34.59
CA LYS I 111 0.79 -52.85 -34.21
C LYS I 111 0.64 -51.97 -32.98
N LEU I 112 1.51 -52.14 -31.99
CA LEU I 112 1.35 -51.41 -30.74
C LEU I 112 1.51 -49.91 -30.94
N ARG I 113 2.48 -49.50 -31.74
CA ARG I 113 2.71 -48.07 -31.95
C ARG I 113 1.76 -47.47 -32.97
N SER I 114 0.99 -48.29 -33.68
CA SER I 114 0.04 -47.81 -34.68
C SER I 114 -1.36 -47.59 -34.12
N ILE I 115 -1.59 -47.92 -32.85
CA ILE I 115 -2.92 -47.85 -32.27
C ILE I 115 -2.98 -46.90 -31.08
N VAL I 116 -1.95 -46.09 -30.87
CA VAL I 116 -1.90 -45.15 -29.77
C VAL I 116 -2.38 -43.81 -30.31
N LYS I 117 -3.67 -43.55 -30.16
CA LYS I 117 -4.25 -42.31 -30.67
C LYS I 117 -3.83 -41.13 -29.80
N LYS I 118 -4.13 -39.92 -30.27
CA LYS I 118 -3.65 -38.72 -29.62
C LYS I 118 -4.65 -38.10 -28.67
N TRP I 119 -5.94 -38.11 -28.99
CA TRP I 119 -6.96 -37.43 -28.20
C TRP I 119 -7.88 -38.41 -27.45
N CYS I 120 -7.31 -39.49 -26.93
CA CYS I 120 -8.09 -40.49 -26.21
C CYS I 120 -7.32 -40.90 -24.96
N THR I 121 -8.02 -41.58 -24.06
CA THR I 121 -7.44 -42.02 -22.80
C THR I 121 -6.96 -43.46 -22.93
N LEU I 122 -5.67 -43.67 -22.66
CA LEU I 122 -5.10 -45.02 -22.72
C LEU I 122 -5.41 -45.78 -21.45
N ILE I 123 -5.81 -47.04 -21.60
CA ILE I 123 -6.15 -47.91 -20.48
C ILE I 123 -5.28 -49.15 -20.56
N GLU I 124 -4.59 -49.47 -19.46
CA GLU I 124 -3.68 -50.59 -19.40
C GLU I 124 -3.82 -51.28 -18.06
N THR I 125 -3.78 -52.61 -18.07
CA THR I 125 -3.91 -53.40 -16.85
C THR I 125 -3.08 -54.67 -16.99
N SER I 126 -3.05 -55.45 -15.92
CA SER I 126 -2.35 -56.74 -15.93
C SER I 126 -3.23 -57.85 -15.38
N ILE I 139 -0.59 -61.63 -18.21
CA ILE I 139 -1.62 -61.15 -19.13
C ILE I 139 -1.72 -59.63 -19.06
N PHE I 140 -1.21 -58.97 -20.09
CA PHE I 140 -1.26 -57.52 -20.18
C PHE I 140 -2.34 -57.12 -21.18
N CYS I 141 -3.26 -56.27 -20.74
CA CYS I 141 -4.39 -55.82 -21.55
C CYS I 141 -4.30 -54.33 -21.75
N ILE I 142 -4.47 -53.88 -22.99
CA ILE I 142 -4.43 -52.47 -23.34
C ILE I 142 -5.69 -52.11 -24.10
N GLY I 143 -6.20 -50.90 -23.85
CA GLY I 143 -7.44 -50.46 -24.47
C GLY I 143 -7.40 -48.98 -24.75
N PHE I 144 -8.40 -48.52 -25.51
CA PHE I 144 -8.49 -47.12 -25.88
C PHE I 144 -9.95 -46.73 -25.97
N THR I 145 -10.30 -45.64 -25.29
CA THR I 145 -11.62 -45.05 -25.48
C THR I 145 -11.72 -44.48 -26.88
N SER I 146 -12.86 -44.66 -27.52
CA SER I 146 -13.03 -44.26 -28.90
C SER I 146 -14.11 -43.22 -29.03
N ARG I 147 -14.27 -42.71 -30.24
CA ARG I 147 -15.30 -41.74 -30.58
C ARG I 147 -16.64 -42.44 -30.76
N LYS I 148 -17.70 -41.67 -30.60
CA LYS I 148 -19.03 -42.13 -30.95
C LYS I 148 -19.43 -41.56 -32.30
N SER I 149 -20.49 -42.14 -32.87
CA SER I 149 -20.89 -41.77 -34.23
C SER I 149 -21.27 -40.29 -34.31
N ASN I 150 -22.10 -39.83 -33.39
CA ASN I 150 -22.57 -38.45 -33.42
C ASN I 150 -21.56 -37.46 -32.83
N GLN I 151 -20.49 -37.94 -32.21
CA GLN I 151 -19.56 -37.07 -31.51
C GLN I 151 -18.94 -36.05 -32.46
N ILE I 152 -19.04 -34.77 -32.09
CA ILE I 152 -18.43 -33.70 -32.86
C ILE I 152 -17.20 -33.13 -32.18
N LYS I 153 -17.07 -33.26 -30.86
CA LYS I 153 -15.91 -32.73 -30.18
C LYS I 153 -14.67 -33.55 -30.53
N LYS I 154 -13.52 -32.88 -30.48
CA LYS I 154 -12.30 -33.52 -30.93
C LYS I 154 -11.85 -34.64 -30.00
N THR I 155 -12.08 -34.48 -28.70
CA THR I 155 -11.49 -35.35 -27.69
C THR I 155 -12.56 -36.20 -27.02
N SER I 156 -12.19 -37.44 -26.66
CA SER I 156 -13.07 -38.36 -25.94
C SER I 156 -12.28 -38.94 -24.77
N TYR I 157 -12.28 -38.23 -23.65
CA TYR I 157 -11.51 -38.62 -22.48
C TYR I 157 -12.42 -39.20 -21.41
N ALA I 158 -11.96 -40.27 -20.77
CA ALA I 158 -12.64 -40.83 -19.62
C ALA I 158 -12.15 -40.16 -18.35
N LYS I 159 -13.03 -40.11 -17.35
CA LYS I 159 -12.67 -39.51 -16.07
C LYS I 159 -11.82 -40.47 -15.26
N SER I 160 -11.40 -40.03 -14.08
CA SER I 160 -10.61 -40.88 -13.21
C SER I 160 -11.42 -42.10 -12.76
N ALA I 161 -12.68 -41.89 -12.42
CA ALA I 161 -13.51 -43.00 -11.95
C ALA I 161 -13.83 -43.98 -13.07
N GLN I 162 -14.18 -43.46 -14.26
CA GLN I 162 -14.53 -44.33 -15.38
C GLN I 162 -13.38 -45.26 -15.72
N ILE I 163 -12.14 -44.78 -15.61
CA ILE I 163 -10.98 -45.61 -15.87
C ILE I 163 -10.92 -46.77 -14.89
N LYS I 164 -11.18 -46.49 -13.61
CA LYS I 164 -10.96 -47.50 -12.58
C LYS I 164 -11.87 -48.71 -12.75
N LYS I 165 -13.02 -48.55 -13.39
CA LYS I 165 -13.86 -49.71 -13.66
C LYS I 165 -13.21 -50.63 -14.69
N ILE I 166 -12.66 -50.06 -15.75
CA ILE I 166 -12.15 -50.84 -16.88
C ILE I 166 -10.93 -51.64 -16.45
N ARG I 167 -10.49 -51.46 -15.21
CA ARG I 167 -9.45 -52.29 -14.64
C ARG I 167 -10.05 -53.27 -13.64
N PRO I 196 -11.93 -60.96 -24.12
CA PRO I 196 -11.13 -60.26 -25.13
C PRO I 196 -12.00 -59.40 -26.04
N LYS I 197 -13.30 -59.63 -26.00
CA LYS I 197 -14.24 -58.84 -26.80
C LYS I 197 -15.28 -58.19 -25.89
N ILE I 199 -14.51 -58.21 -22.83
CA ILE I 199 -13.83 -57.09 -22.20
C ILE I 199 -14.41 -55.77 -22.69
N VAL I 200 -14.57 -55.66 -24.01
CA VAL I 200 -15.04 -54.41 -24.60
C VAL I 200 -16.43 -54.06 -24.07
N ALA I 201 -17.34 -55.03 -24.10
CA ALA I 201 -18.71 -54.79 -23.67
C ALA I 201 -19.01 -55.55 -22.39
N CYS I 203 -17.34 -53.33 -20.98
CA CYS I 203 -17.00 -52.07 -20.35
C CYS I 203 -17.39 -50.90 -21.23
N SER I 204 -17.87 -51.19 -22.44
CA SER I 204 -18.30 -50.13 -23.33
C SER I 204 -19.47 -49.35 -22.75
N LYS I 205 -20.24 -49.97 -21.87
CA LYS I 205 -21.30 -49.27 -21.16
C LYS I 205 -20.75 -48.30 -20.12
N VAL I 206 -19.46 -48.35 -19.83
CA VAL I 206 -18.81 -47.35 -19.00
C VAL I 206 -18.23 -46.23 -19.84
N PHE I 207 -17.70 -46.58 -21.01
CA PHE I 207 -17.21 -45.64 -22.00
C PHE I 207 -16.93 -46.40 -23.29
N SER I 208 -17.26 -45.78 -24.42
CA SER I 208 -17.04 -46.45 -25.70
C SER I 208 -15.57 -46.82 -25.86
N MET I 209 -15.32 -48.06 -26.28
CA MET I 209 -13.97 -48.59 -26.38
C MET I 209 -13.88 -49.55 -27.54
N ASP I 210 -12.78 -49.51 -28.26
CA ASP I 210 -12.66 -50.34 -29.45
C ASP I 210 -11.37 -51.15 -29.50
N ASN I 211 -10.25 -50.58 -29.07
CA ASN I 211 -8.93 -51.15 -29.36
C ASN I 211 -8.44 -51.95 -28.16
N VAL I 212 -8.96 -53.16 -28.00
CA VAL I 212 -8.60 -54.05 -26.91
C VAL I 212 -7.78 -55.19 -27.47
N TYR I 213 -6.56 -55.34 -26.96
CA TYR I 213 -5.68 -56.44 -27.34
C TYR I 213 -4.86 -56.87 -26.14
N ILE I 214 -4.29 -58.06 -26.23
CA ILE I 214 -3.43 -58.61 -25.20
C ILE I 214 -2.01 -58.48 -25.71
N ARG I 215 -1.33 -57.41 -25.31
CA ARG I 215 -0.03 -57.11 -25.91
C ARG I 215 1.08 -58.04 -25.44
N LYS I 216 0.87 -58.78 -24.36
CA LYS I 216 1.96 -59.60 -23.84
C LYS I 216 1.41 -60.61 -22.85
N VAL I 217 1.92 -61.84 -22.94
CA VAL I 217 1.65 -62.89 -21.96
C VAL I 217 2.99 -63.43 -21.47
N LYS I 218 3.14 -63.48 -20.15
CA LYS I 218 4.42 -63.88 -19.55
C LYS I 218 4.35 -65.26 -18.92
N ALA J 2 9.71 36.65 36.75
CA ALA J 2 9.83 37.92 37.43
C ALA J 2 10.13 37.72 38.92
N ARG J 3 11.10 38.47 39.44
CA ARG J 3 11.43 38.38 40.85
C ARG J 3 10.36 39.03 41.72
N GLY J 4 9.70 40.07 41.22
CA GLY J 4 8.70 40.77 41.98
C GLY J 4 7.64 41.38 41.09
N PRO J 5 6.68 42.09 41.70
CA PRO J 5 5.59 42.68 40.92
C PRO J 5 6.11 43.69 39.91
N ARG J 6 5.47 43.71 38.74
CA ARG J 6 5.89 44.59 37.66
C ARG J 6 5.46 46.02 37.94
N HIS J 7 6.28 46.97 37.48
CA HIS J 7 5.99 48.38 37.68
C HIS J 7 5.80 49.13 36.36
N HIS J 8 6.68 48.91 35.39
CA HIS J 8 6.55 49.59 34.11
C HIS J 8 5.43 48.98 33.28
N LEU J 9 4.99 49.72 32.27
CA LEU J 9 3.95 49.27 31.36
C LEU J 9 4.35 49.66 29.94
N LYS J 10 4.15 48.75 29.01
CA LYS J 10 4.49 49.01 27.62
C LYS J 10 3.29 49.59 26.88
N ARG J 11 3.58 50.44 25.90
CA ARG J 11 2.53 51.06 25.11
C ARG J 11 1.63 50.03 24.46
N LEU J 12 2.23 49.02 23.83
CA LEU J 12 1.45 47.98 23.16
C LEU J 12 0.62 47.19 24.15
N ASN J 13 1.20 46.86 25.30
CA ASN J 13 0.52 46.04 26.30
C ASN J 13 -0.62 46.79 27.00
N ALA J 14 -0.72 48.10 26.80
CA ALA J 14 -1.76 48.87 27.46
C ALA J 14 -3.13 48.43 26.95
N PRO J 15 -4.18 48.60 27.76
CA PRO J 15 -5.52 48.20 27.32
C PRO J 15 -5.94 48.93 26.05
N HIS J 16 -6.75 48.23 25.25
CA HIS J 16 -7.14 48.76 23.94
C HIS J 16 -7.96 50.04 24.08
N HIS J 17 -8.96 50.05 24.96
CA HIS J 17 -9.88 51.16 25.02
C HIS J 17 -9.25 52.43 25.58
N TRP J 18 -8.02 52.36 26.10
CA TRP J 18 -7.31 53.59 26.44
C TRP J 18 -6.97 54.42 25.21
N MET J 19 -7.11 53.83 24.02
CA MET J 19 -7.01 54.57 22.76
C MET J 19 -5.62 55.16 22.54
N LEU J 20 -4.62 54.63 23.25
CA LEU J 20 -3.25 55.10 23.08
C LEU J 20 -2.73 54.72 21.71
N SER J 21 -1.98 55.62 21.10
CA SER J 21 -1.38 55.33 19.81
C SER J 21 -0.27 54.29 19.97
N LYS J 22 0.25 53.81 18.84
CA LYS J 22 1.31 52.82 18.84
C LYS J 22 2.70 53.44 18.64
N LEU J 23 2.78 54.74 18.42
CA LEU J 23 4.07 55.39 18.21
C LEU J 23 4.33 56.58 19.12
N GLY J 24 3.41 56.88 20.05
CA GLY J 24 3.59 58.05 20.90
C GLY J 24 4.79 57.94 21.81
N GLY J 25 4.94 56.80 22.47
CA GLY J 25 6.07 56.59 23.36
C GLY J 25 6.16 55.14 23.75
N THR J 26 7.37 54.74 24.14
CA THR J 26 7.63 53.33 24.43
C THR J 26 6.78 52.82 25.58
N PHE J 27 6.43 53.69 26.52
CA PHE J 27 5.77 53.28 27.75
C PHE J 27 4.39 53.93 27.88
N ALA J 28 3.58 53.36 28.75
CA ALA J 28 2.25 53.84 29.07
C ALA J 28 2.11 53.97 30.57
N PRO J 29 1.27 54.89 31.05
CA PRO J 29 1.17 55.11 32.50
C PRO J 29 0.54 53.92 33.20
N LYS J 30 1.21 53.45 34.25
CA LYS J 30 0.71 52.30 34.99
C LYS J 30 -0.32 52.76 36.03
N PRO J 31 -1.54 52.23 35.99
CA PRO J 31 -2.52 52.60 37.02
C PRO J 31 -2.13 52.04 38.38
N SER J 32 -2.19 52.89 39.39
CA SER J 32 -1.89 52.45 40.74
C SER J 32 -3.00 51.57 41.28
N HIS J 33 -2.64 50.72 42.23
CA HIS J 33 -3.63 49.85 42.86
C HIS J 33 -4.61 50.71 43.68
N GLY J 34 -5.86 50.27 43.73
CA GLY J 34 -6.87 51.00 44.44
C GLY J 34 -8.25 50.39 44.31
N PRO J 35 -9.25 51.23 44.03
CA PRO J 35 -10.63 50.72 43.95
C PRO J 35 -10.98 50.08 42.62
N HIS J 36 -10.12 50.20 41.60
CA HIS J 36 -10.44 49.70 40.28
C HIS J 36 -9.20 49.04 39.68
N GLY J 37 -9.42 47.96 38.94
CA GLY J 37 -8.32 47.19 38.40
C GLY J 37 -7.62 47.87 37.25
N MET J 38 -6.50 47.26 36.83
CA MET J 38 -5.72 47.80 35.73
C MET J 38 -6.51 47.80 34.43
N LYS J 39 -7.24 46.73 34.17
CA LYS J 39 -7.99 46.59 32.93
C LYS J 39 -9.45 47.01 33.07
N GLU J 40 -9.85 47.51 34.23
CA GLU J 40 -11.21 47.95 34.49
C GLU J 40 -11.24 49.40 34.96
N CYS J 41 -10.34 50.23 34.44
CA CYS J 41 -10.26 51.61 34.88
C CYS J 41 -9.50 52.42 33.84
N LEU J 42 -9.15 53.65 34.20
CA LEU J 42 -8.38 54.55 33.38
C LEU J 42 -7.57 55.48 34.28
N PRO J 43 -6.24 55.51 34.16
CA PRO J 43 -5.45 56.46 34.94
C PRO J 43 -5.76 57.89 34.58
N THR J 105 -21.36 52.12 23.36
CA THR J 105 -21.32 50.83 22.71
C THR J 105 -20.06 50.67 21.86
N LYS J 106 -19.30 51.74 21.72
CA LYS J 106 -17.99 51.65 21.10
C LYS J 106 -16.94 51.08 22.04
N ARG J 107 -17.35 50.54 23.19
CA ARG J 107 -16.46 49.92 24.15
C ARG J 107 -15.35 50.87 24.57
N ASN J 179 -35.63 44.97 35.69
CA ASN J 179 -34.88 46.21 35.77
C ASN J 179 -33.99 46.41 34.55
N THR J 180 -33.59 47.66 34.30
CA THR J 180 -32.71 47.98 33.19
C THR J 180 -31.27 47.96 33.69
N ALA J 181 -30.38 47.39 32.89
CA ALA J 181 -29.02 47.12 33.31
C ALA J 181 -28.03 47.87 32.42
N MET J 182 -26.76 47.62 32.69
CA MET J 182 -25.65 48.24 31.98
C MET J 182 -24.57 47.18 31.79
N MET J 183 -24.01 47.13 30.58
CA MET J 183 -22.98 46.16 30.25
C MET J 183 -21.62 46.82 30.38
N ILE J 184 -20.77 46.24 31.23
CA ILE J 184 -19.43 46.75 31.48
C ILE J 184 -18.35 45.78 31.03
N GLY J 185 -18.73 44.62 30.52
CA GLY J 185 -17.76 43.57 30.25
C GLY J 185 -17.53 43.26 28.79
N GLY J 186 -18.18 42.21 28.30
CA GLY J 186 -17.86 41.66 27.00
C GLY J 186 -18.33 42.49 25.83
N ASN J 187 -18.70 41.82 24.74
CA ASN J 187 -19.02 42.50 23.49
C ASN J 187 -20.14 43.52 23.67
N GLY J 188 -20.99 43.34 24.66
CA GLY J 188 -22.09 44.25 24.89
C GLY J 188 -21.76 45.51 25.66
N MET J 189 -20.49 45.71 26.01
CA MET J 189 -20.10 46.88 26.81
C MET J 189 -20.59 48.16 26.16
N GLY J 190 -21.23 49.01 26.96
CA GLY J 190 -21.81 50.24 26.46
C GLY J 190 -23.27 50.15 26.09
N ARG J 191 -23.92 49.02 26.34
CA ARG J 191 -25.31 48.82 25.94
C ARG J 191 -26.22 48.88 27.16
N VAL J 192 -27.35 49.55 27.01
CA VAL J 192 -28.36 49.63 28.05
C VAL J 192 -29.61 48.88 27.58
N GLY J 193 -30.38 48.41 28.55
CA GLY J 193 -31.55 47.62 28.24
C GLY J 193 -32.01 46.84 29.45
N VAL J 194 -33.07 46.05 29.23
CA VAL J 194 -33.80 45.37 30.30
C VAL J 194 -33.68 43.86 30.10
N ILE J 195 -33.57 43.13 31.20
CA ILE J 195 -33.36 41.69 31.16
C ILE J 195 -34.68 40.97 30.87
N VAL J 196 -34.61 39.90 30.08
CA VAL J 196 -35.76 39.05 29.85
C VAL J 196 -35.77 37.83 30.76
N LYS J 197 -34.64 37.14 30.87
CA LYS J 197 -34.54 35.91 31.64
C LYS J 197 -33.06 35.59 31.83
N ARG J 198 -32.80 34.66 32.74
CA ARG J 198 -31.44 34.41 33.22
C ARG J 198 -31.25 32.91 33.38
N GLU J 199 -30.75 32.26 32.34
CA GLU J 199 -30.36 30.86 32.46
C GLU J 199 -29.22 30.72 33.44
N VAL J 200 -29.20 29.61 34.15
CA VAL J 200 -28.14 29.31 35.11
C VAL J 200 -27.60 27.91 34.84
N HIS J 201 -26.28 27.79 34.80
CA HIS J 201 -25.61 26.50 34.64
C HIS J 201 -24.73 26.25 35.85
N PRO J 202 -25.06 25.27 36.68
CA PRO J 202 -24.31 25.07 37.93
C PRO J 202 -22.84 24.77 37.72
N GLY J 203 -22.46 24.31 36.52
CA GLY J 203 -21.07 24.00 36.25
C GLY J 203 -20.14 25.20 36.32
N SER J 204 -20.30 26.15 35.40
CA SER J 204 -19.33 27.22 35.23
C SER J 204 -19.89 28.59 35.58
N PHE J 205 -20.97 29.02 34.92
CA PHE J 205 -21.39 30.41 35.01
C PHE J 205 -22.91 30.49 34.91
N GLU J 206 -23.39 31.71 34.68
CA GLU J 206 -24.80 31.99 34.46
C GLU J 206 -24.89 33.09 33.41
N ILE J 207 -25.98 33.09 32.65
CA ILE J 207 -26.12 33.95 31.48
C ILE J 207 -27.30 34.89 31.70
N VAL J 208 -27.14 36.13 31.25
CA VAL J 208 -28.18 37.16 31.33
C VAL J 208 -28.56 37.56 29.91
N HIS J 209 -29.86 37.53 29.62
CA HIS J 209 -30.38 37.95 28.33
C HIS J 209 -31.14 39.26 28.49
N ILE J 210 -30.81 40.23 27.65
CA ILE J 210 -31.26 41.61 27.80
C ILE J 210 -31.91 42.07 26.49
N LYS J 211 -33.02 42.80 26.59
CA LYS J 211 -33.50 43.54 25.42
C LYS J 211 -32.71 44.84 25.29
N THR J 217 -32.34 41.72 21.35
CA THR J 217 -31.85 40.94 22.48
C THR J 217 -30.41 40.52 22.28
N PHE J 218 -29.61 40.63 23.34
CA PHE J 218 -28.23 40.19 23.34
C PHE J 218 -27.93 39.44 24.64
N THR J 219 -26.94 38.56 24.59
CA THR J 219 -26.60 37.69 25.71
C THR J 219 -25.21 38.04 26.23
N THR J 220 -25.03 37.86 27.54
CA THR J 220 -23.73 38.07 28.17
C THR J 220 -23.80 37.55 29.60
N ARG J 221 -22.63 37.36 30.21
CA ARG J 221 -22.55 36.86 31.56
C ARG J 221 -23.03 37.92 32.55
N LEU J 222 -23.15 37.50 33.81
CA LEU J 222 -23.64 38.39 34.86
C LEU J 222 -22.69 39.55 35.10
N ASN J 223 -21.39 39.28 35.14
CA ASN J 223 -20.44 40.30 35.57
C ASN J 223 -20.46 41.51 34.64
N ASN J 224 -20.60 41.29 33.34
CA ASN J 224 -20.90 42.38 32.42
C ASN J 224 -22.22 43.02 32.81
N ILE K 52 44.52 47.09 77.13
CA ILE K 52 44.30 47.25 75.71
C ILE K 52 42.88 47.74 75.44
N THR K 53 42.75 48.62 74.44
CA THR K 53 41.45 49.03 73.93
C THR K 53 41.33 48.77 72.43
N GLY K 54 42.39 48.33 71.78
CA GLY K 54 42.39 48.12 70.35
C GLY K 54 43.64 48.67 69.71
N GLY K 55 43.84 48.37 68.44
CA GLY K 55 45.01 48.84 67.74
C GLY K 55 45.09 48.24 66.36
N CYS K 56 45.98 48.80 65.56
CA CYS K 56 46.19 48.39 64.18
C CYS K 56 47.49 47.61 64.06
N ASP K 57 47.57 46.80 63.01
CA ASP K 57 48.75 45.99 62.76
C ASP K 57 49.70 46.74 61.82
N LYS K 58 50.90 46.18 61.66
CA LYS K 58 51.91 46.82 60.82
C LYS K 58 51.46 46.97 59.38
N ASP K 59 50.52 46.13 58.94
CA ASP K 59 49.99 46.19 57.58
C ASP K 59 48.70 46.98 57.50
N GLY K 60 48.25 47.58 58.61
CA GLY K 60 47.08 48.40 58.62
C GLY K 60 45.85 47.74 59.19
N PHE K 61 45.81 46.41 59.24
CA PHE K 61 44.66 45.71 59.76
C PHE K 61 44.47 46.04 61.25
N PRO K 62 43.24 46.27 61.68
CA PRO K 62 43.00 46.46 63.12
C PRO K 62 43.17 45.15 63.87
N MET K 63 43.23 45.25 65.19
CA MET K 63 43.20 44.07 66.04
C MET K 63 41.78 43.90 66.57
N MET K 64 41.34 42.64 66.65
CA MET K 64 40.02 42.34 67.14
C MET K 64 40.00 42.37 68.67
N THR K 65 38.86 42.03 69.24
CA THR K 65 38.70 41.84 70.68
C THR K 65 38.27 40.45 71.06
N GLY K 66 37.34 39.86 70.32
CA GLY K 66 36.94 38.48 70.58
C GLY K 66 38.03 37.48 70.20
N VAL K 67 38.75 37.75 69.12
CA VAL K 67 39.73 36.80 68.61
C VAL K 67 40.88 36.68 69.60
N ALA K 68 41.31 35.44 69.85
CA ALA K 68 42.36 35.17 70.82
C ALA K 68 43.55 34.46 70.18
N THR K 69 44.01 34.97 69.04
CA THR K 69 45.20 34.44 68.39
C THR K 69 46.20 35.56 68.13
N ASN K 70 47.25 35.27 67.35
CA ASN K 70 48.24 36.28 67.01
C ASN K 70 48.59 36.25 65.54
N ASN K 71 47.71 35.76 64.69
CA ASN K 71 47.94 35.72 63.25
C ASN K 71 46.76 36.33 62.54
N ARG K 72 47.03 36.91 61.37
CA ARG K 72 45.96 37.42 60.52
C ARG K 72 44.96 36.31 60.24
N VAL K 73 43.72 36.50 60.70
CA VAL K 73 42.67 35.51 60.56
C VAL K 73 41.56 36.09 59.69
N ARG K 74 41.18 35.37 58.64
CA ARG K 74 40.11 35.80 57.76
C ARG K 74 38.77 35.40 58.35
N LEU K 75 37.94 36.39 58.65
CA LEU K 75 36.66 36.16 59.31
C LEU K 75 35.53 36.72 58.48
N LEU K 76 34.41 36.01 58.45
CA LEU K 76 33.22 36.51 57.77
C LEU K 76 32.61 37.62 58.62
N LEU K 77 33.24 38.79 58.59
CA LEU K 77 32.94 39.84 59.54
C LEU K 77 31.60 40.50 59.22
N ASP K 78 31.11 41.25 60.20
CA ASP K 78 29.92 42.07 60.04
C ASP K 78 30.11 43.33 60.89
N GLY K 79 29.08 44.16 60.92
CA GLY K 79 29.19 45.41 61.64
C GLY K 79 29.13 45.28 63.15
N ARG K 80 28.78 44.10 63.67
CA ARG K 80 28.61 43.94 65.11
C ARG K 80 29.93 44.04 65.87
N ASN K 81 31.06 43.95 65.19
CA ASN K 81 32.37 44.05 65.82
C ASN K 81 33.27 45.02 65.08
N GLY K 82 32.70 46.12 64.60
CA GLY K 82 33.48 47.26 64.17
C GLY K 82 34.24 47.16 62.86
N CYS K 83 35.08 46.15 62.73
CA CYS K 83 36.12 46.15 61.69
C CYS K 83 35.59 46.20 60.27
N TYR K 84 34.27 46.23 60.10
CA TYR K 84 33.69 46.33 58.77
C TYR K 84 32.43 47.17 58.82
N LYS K 85 32.27 48.04 57.82
CA LYS K 85 31.10 48.89 57.70
C LYS K 85 30.29 48.46 56.48
N PRO K 86 29.14 47.81 56.67
CA PRO K 86 28.37 47.33 55.52
C PRO K 86 27.89 48.48 54.63
N LEU K 87 27.88 48.20 53.32
CA LEU K 87 27.36 49.15 52.34
C LEU K 87 25.86 49.01 52.18
N ARG K 88 25.40 47.83 51.81
CA ARG K 88 23.98 47.51 51.85
C ARG K 88 23.60 47.16 53.30
N ASN K 89 22.42 46.60 53.49
CA ASN K 89 22.05 46.07 54.79
C ASN K 89 22.14 44.55 54.77
N GLY K 90 22.61 43.98 55.87
CA GLY K 90 22.78 42.54 55.93
C GLY K 90 23.80 42.02 54.94
N GLU K 91 24.93 42.71 54.80
CA GLU K 91 26.00 42.29 53.91
C GLU K 91 27.21 41.90 54.74
N ARG K 92 27.75 40.71 54.48
CA ARG K 92 28.85 40.16 55.24
C ARG K 92 30.04 39.91 54.32
N ARG K 93 31.20 40.40 54.71
CA ARG K 93 32.43 40.23 53.94
C ARG K 93 33.43 39.43 54.75
N ARG K 94 34.13 38.51 54.09
CA ARG K 94 35.17 37.73 54.75
C ARG K 94 36.44 38.58 54.79
N LYS K 95 36.46 39.50 55.74
CA LYS K 95 37.64 40.33 55.98
C LYS K 95 38.65 39.56 56.83
N THR K 96 39.90 40.00 56.77
CA THR K 96 40.96 39.46 57.61
C THR K 96 41.33 40.48 58.69
N VAL K 97 41.56 39.98 59.90
CA VAL K 97 41.89 40.79 61.06
C VAL K 97 42.88 40.01 61.92
N ARG K 98 43.28 40.60 63.03
CA ARG K 98 44.29 40.04 63.92
C ARG K 98 43.73 39.84 65.31
N GLY K 99 44.32 38.90 66.04
CA GLY K 99 43.81 38.53 67.35
C GLY K 99 44.01 39.64 68.37
N ALA K 100 43.22 39.56 69.45
CA ALA K 100 43.25 40.58 70.48
C ALA K 100 44.54 40.58 71.30
N ILE K 101 45.29 39.47 71.33
CA ILE K 101 46.53 39.42 72.11
C ILE K 101 47.56 40.33 71.44
N VAL K 102 48.20 41.17 72.24
CA VAL K 102 49.20 42.10 71.71
C VAL K 102 50.40 41.34 71.17
N ALA K 103 51.16 42.03 70.32
CA ALA K 103 52.35 41.47 69.70
C ALA K 103 53.20 42.63 69.20
N GLY K 104 54.34 42.30 68.61
CA GLY K 104 55.17 43.31 67.99
C GLY K 104 54.63 43.83 66.68
N ASP K 105 53.70 43.09 66.07
CA ASP K 105 53.12 43.51 64.79
C ASP K 105 52.19 44.70 64.95
N ILE K 106 51.77 45.02 66.17
CA ILE K 106 50.85 46.13 66.39
C ILE K 106 51.61 47.42 66.13
N SER K 107 51.31 48.06 64.99
CA SER K 107 52.05 49.25 64.58
C SER K 107 51.85 50.40 65.55
N VAL K 108 50.71 50.44 66.23
CA VAL K 108 50.46 51.44 67.26
C VAL K 108 49.28 50.96 68.09
N LEU K 109 49.30 51.29 69.39
CA LEU K 109 48.26 50.86 70.31
C LEU K 109 47.35 52.02 70.66
N VAL L 103 -42.26 6.36 23.09
CA VAL L 103 -41.36 6.62 21.98
C VAL L 103 -40.54 7.87 22.29
N ALA L 104 -39.27 7.68 22.65
CA ALA L 104 -38.44 8.77 23.13
C ALA L 104 -37.58 9.35 22.01
N HIS L 105 -36.86 10.42 22.35
CA HIS L 105 -36.00 11.11 21.40
C HIS L 105 -34.83 10.22 20.99
N THR L 106 -34.54 10.21 19.70
CA THR L 106 -33.39 9.48 19.17
C THR L 106 -32.70 10.29 18.09
N LYS L 118 -31.27 5.73 27.18
CA LYS L 118 -32.37 4.85 27.57
C LYS L 118 -32.17 3.46 26.97
N PRO L 119 -32.69 2.43 27.65
CA PRO L 119 -32.43 1.05 27.22
C PRO L 119 -33.16 0.65 25.96
N ARG L 120 -32.94 -0.59 25.51
CA ARG L 120 -33.64 -1.14 24.36
C ARG L 120 -35.04 -1.64 24.71
N SER L 121 -35.48 -1.48 25.96
CA SER L 121 -36.82 -1.86 26.37
C SER L 121 -37.82 -0.72 26.20
N ARG L 122 -37.38 0.46 25.75
CA ARG L 122 -38.24 1.60 25.48
C ARG L 122 -38.30 1.97 24.00
N THR L 123 -37.46 1.37 23.17
CA THR L 123 -37.38 1.73 21.75
C THR L 123 -38.62 1.25 21.01
N SER L 124 -38.91 1.91 19.88
CA SER L 124 -40.21 1.86 19.23
C SER L 124 -40.59 0.44 18.85
N LYS L 125 -39.84 -0.17 17.93
CA LYS L 125 -40.16 -1.54 17.53
C LYS L 125 -39.96 -2.54 18.67
N ALA L 126 -39.33 -2.12 19.77
CA ALA L 126 -39.31 -2.98 20.94
C ALA L 126 -40.58 -2.82 21.77
N VAL L 127 -41.03 -1.59 21.96
CA VAL L 127 -42.25 -1.35 22.74
C VAL L 127 -43.49 -1.52 21.87
N HIS L 128 -43.46 -1.05 20.62
CA HIS L 128 -44.64 -1.21 19.76
C HIS L 128 -44.90 -2.68 19.41
N GLU L 129 -43.87 -3.51 19.44
CA GLU L 129 -44.10 -4.96 19.46
C GLU L 129 -44.57 -5.41 20.83
N ALA L 130 -43.95 -4.88 21.90
CA ALA L 130 -44.41 -5.18 23.25
C ALA L 130 -45.82 -4.66 23.48
N TYR L 131 -46.13 -3.48 22.95
CA TYR L 131 -47.51 -3.01 22.95
C TYR L 131 -48.39 -3.97 22.16
N LEU L 132 -47.89 -4.43 21.01
CA LEU L 132 -48.59 -5.44 20.23
C LEU L 132 -48.53 -6.78 20.95
N GLY M 2 18.60 25.20 50.64
CA GLY M 2 19.01 23.81 50.60
C GLY M 2 17.92 22.87 50.17
N ILE M 3 17.07 22.47 51.11
CA ILE M 3 15.99 21.54 50.81
C ILE M 3 14.99 22.22 49.90
N THR M 4 14.74 21.62 48.75
CA THR M 4 13.71 22.08 47.82
C THR M 4 12.53 21.13 47.85
N ARG M 5 11.37 21.65 47.46
CA ARG M 5 10.14 20.88 47.49
C ARG M 5 9.44 20.87 46.14
N ASP M 6 10.15 21.14 45.07
CA ASP M 6 9.53 21.11 43.74
C ASP M 6 9.67 19.73 43.14
N SER M 7 8.84 19.47 42.13
CA SER M 7 8.84 18.18 41.43
C SER M 7 9.65 18.24 40.14
N ARG M 8 10.71 19.05 40.12
CA ARG M 8 11.62 19.06 38.98
C ARG M 8 12.69 17.99 39.07
N HIS M 9 12.86 17.35 40.22
CA HIS M 9 13.85 16.29 40.38
C HIS M 9 13.24 14.91 40.43
N LYS M 10 11.93 14.80 40.56
CA LYS M 10 11.27 13.50 40.53
C LYS M 10 11.12 13.02 39.09
N ARG M 11 10.67 11.77 38.95
CA ARG M 11 10.45 11.19 37.64
C ARG M 11 8.99 11.43 37.21
N ARG M 12 8.64 10.88 36.06
CA ARG M 12 7.28 10.96 35.54
C ARG M 12 6.49 9.72 35.92
N ALA M 13 5.20 9.74 35.61
CA ALA M 13 4.36 8.58 35.85
C ALA M 13 4.79 7.39 35.00
N THR M 14 5.46 7.63 33.89
CA THR M 14 5.96 6.57 33.02
C THR M 14 7.38 6.14 33.37
N GLY M 15 8.04 6.83 34.29
CA GLY M 15 9.41 6.54 34.65
C GLY M 15 10.45 7.41 34.00
N GLY M 16 10.05 8.44 33.25
CA GLY M 16 11.01 9.28 32.59
C GLY M 16 11.75 10.19 33.56
N LYS M 17 13.01 10.45 33.23
CA LYS M 17 13.84 11.34 34.02
C LYS M 17 13.72 12.76 33.47
N LYS M 18 13.24 13.68 34.30
CA LYS M 18 13.14 15.07 33.88
C LYS M 18 14.51 15.67 33.64
N ASN M 19 14.57 16.65 32.75
CA ASN M 19 15.81 17.32 32.40
C ASN M 19 15.79 18.75 32.89
N SER M 20 16.92 19.19 33.45
CA SER M 20 16.98 20.50 34.08
C SER M 20 16.87 21.62 33.05
N MET M 21 16.06 22.63 33.38
CA MET M 21 15.94 23.82 32.56
C MET M 21 16.18 25.10 33.35
N GLN M 22 16.37 25.01 34.66
CA GLN M 22 16.60 26.17 35.51
C GLN M 22 17.34 25.72 36.75
N LYS M 23 17.46 26.62 37.72
CA LYS M 23 18.10 26.34 38.99
C LYS M 23 17.07 26.42 40.10
N LYS M 24 17.49 26.06 41.32
CA LYS M 24 16.59 26.05 42.46
C LYS M 24 16.06 27.46 42.72
N LYS M 25 14.75 27.56 42.93
CA LYS M 25 14.11 28.84 43.16
C LYS M 25 13.60 28.91 44.60
N LYS M 26 13.64 30.12 45.18
CA LYS M 26 13.37 30.30 46.59
C LYS M 26 11.94 29.94 46.98
N ASN M 27 11.00 29.98 46.05
CA ASN M 27 9.61 29.68 46.39
C ASN M 27 9.40 28.20 46.71
N THR M 28 10.39 27.35 46.46
CA THR M 28 10.32 25.94 46.82
C THR M 28 11.13 25.63 48.05
N MET M 29 11.35 26.61 48.93
CA MET M 29 12.18 26.42 50.11
C MET M 29 11.63 25.31 51.00
N GLY M 30 12.51 24.42 51.43
CA GLY M 30 12.25 23.53 52.53
C GLY M 30 13.16 23.89 53.69
N ARG M 31 12.83 23.36 54.86
CA ARG M 31 13.56 23.71 56.08
C ARG M 31 13.89 22.45 56.87
N GLN M 32 14.98 22.51 57.61
CA GLN M 32 15.40 21.38 58.41
C GLN M 32 14.39 21.12 59.51
N PRO M 33 13.88 19.90 59.62
CA PRO M 33 12.84 19.64 60.64
C PRO M 33 13.41 19.65 62.03
N ALA M 34 13.13 20.71 62.79
CA ALA M 34 13.61 20.83 64.16
C ALA M 34 12.69 19.99 65.04
N ASN M 35 13.13 18.77 65.35
CA ASN M 35 12.30 17.84 66.09
C ASN M 35 12.09 18.33 67.51
N THR M 36 10.83 18.31 67.96
CA THR M 36 10.48 18.77 69.30
C THR M 36 10.72 17.62 70.26
N ARG M 37 11.92 17.59 70.83
CA ARG M 37 12.26 16.56 71.80
C ARG M 37 11.72 16.91 73.17
N VAL M 43 11.80 27.34 72.49
CA VAL M 43 10.99 27.66 71.32
C VAL M 43 11.65 28.79 70.53
N HIS M 44 12.04 28.47 69.30
CA HIS M 44 12.64 29.42 68.38
C HIS M 44 11.57 30.01 67.47
N ASP M 45 11.96 31.03 66.72
CA ASP M 45 11.09 31.66 65.74
C ASP M 45 11.77 31.68 64.38
N VAL M 46 11.02 31.43 63.32
CA VAL M 46 11.54 31.37 61.97
C VAL M 46 10.84 32.40 61.11
N ARG M 47 11.62 33.25 60.45
CA ARG M 47 11.09 34.31 59.58
C ARG M 47 10.67 33.68 58.26
N CYS M 48 9.40 33.32 58.17
CA CYS M 48 8.87 32.67 56.97
C CYS M 48 8.66 33.72 55.88
N ARG M 49 8.09 33.28 54.76
CA ARG M 49 7.78 34.19 53.66
C ARG M 49 6.69 35.17 54.08
N TYR M 50 6.68 36.33 53.43
CA TYR M 50 5.73 37.41 53.64
C TYR M 50 5.87 38.04 55.02
N GLY M 51 6.93 37.71 55.76
CA GLY M 51 7.22 38.35 57.02
C GLY M 51 6.53 37.76 58.23
N ILE M 52 5.64 36.78 58.04
CA ILE M 52 5.02 36.15 59.19
C ILE M 52 6.04 35.29 59.92
N ILE M 53 5.73 34.96 61.17
CA ILE M 53 6.65 34.28 62.06
C ILE M 53 6.09 32.90 62.39
N LYS M 54 6.99 31.92 62.46
CA LYS M 54 6.65 30.56 62.84
C LYS M 54 7.38 30.24 64.14
N ARG M 55 6.65 29.78 65.13
CA ARG M 55 7.21 29.53 66.46
C ARG M 55 7.77 28.12 66.47
N ARG M 56 9.09 27.99 66.33
CA ARG M 56 9.76 26.70 66.22
C ARG M 56 10.15 26.23 67.62
N ALA M 57 9.36 25.34 68.19
CA ALA M 57 9.61 24.81 69.53
C ALA M 57 10.65 23.70 69.43
N LEU M 58 11.90 24.03 69.79
CA LEU M 58 12.96 23.02 69.76
C LEU M 58 12.68 21.89 70.74
N ARG M 59 12.43 22.23 72.00
CA ARG M 59 12.02 21.24 72.98
C ARG M 59 11.10 21.92 73.99
N LEU M 60 10.24 21.12 74.61
CA LEU M 60 9.21 21.65 75.49
C LEU M 60 8.58 20.49 76.24
N GLU M 61 8.17 20.75 77.48
CA GLU M 61 7.65 19.70 78.36
C GLU M 61 6.25 19.97 78.87
N ASN M 62 5.91 21.21 79.19
CA ASN M 62 4.57 21.53 79.63
C ASN M 62 3.61 21.55 78.44
N GLY M 63 2.32 21.49 78.72
CA GLY M 63 1.36 21.52 77.64
C GLY M 63 -0.08 21.64 78.10
N ASN M 64 -0.84 22.48 77.43
CA ASN M 64 -2.27 22.58 77.72
C ASN M 64 -2.99 21.38 77.13
N PHE M 65 -3.97 20.88 77.86
CA PHE M 65 -4.77 19.75 77.40
C PHE M 65 -6.23 20.04 77.70
N SER M 66 -7.12 19.41 76.93
CA SER M 66 -8.54 19.61 77.08
C SER M 66 -9.24 18.28 77.20
N TRP M 67 -10.38 18.28 77.89
CA TRP M 67 -11.17 17.07 78.09
C TRP M 67 -12.53 17.18 77.42
N VAL M 82 4.81 7.29 74.18
CA VAL M 82 4.70 5.87 74.42
C VAL M 82 4.30 5.15 73.13
N TYR M 83 3.83 5.91 72.15
CA TYR M 83 3.44 5.34 70.86
C TYR M 83 3.41 6.43 69.81
N ASN M 84 4.05 6.18 68.67
CA ASN M 84 3.98 7.05 67.52
C ASN M 84 3.47 6.24 66.34
N ALA M 85 2.35 6.67 65.75
CA ALA M 85 1.75 5.91 64.66
C ALA M 85 2.68 5.85 63.44
N SER M 86 3.48 6.89 63.24
CA SER M 86 4.30 6.96 62.03
C SER M 86 5.61 6.19 62.21
N ASP M 87 6.42 6.59 63.18
CA ASP M 87 7.75 6.02 63.39
C ASP M 87 7.91 5.62 64.85
N ASN M 88 8.14 4.33 65.09
CA ASN M 88 8.40 3.88 66.46
C ASN M 88 9.69 4.48 67.00
N ASP M 89 10.65 4.80 66.12
CA ASP M 89 11.90 5.39 66.55
C ASP M 89 11.69 6.69 67.31
N PHE M 90 10.65 7.46 66.96
CA PHE M 90 10.39 8.72 67.65
C PHE M 90 10.12 8.49 69.14
N VAL M 91 9.63 7.33 69.50
CA VAL M 91 9.34 7.01 70.90
C VAL M 91 10.63 7.00 71.70
N ASN M 94 11.56 10.45 72.23
CA ASN M 94 10.44 11.17 72.84
C ASN M 94 10.12 12.45 72.08
N THR M 95 10.16 12.37 70.76
CA THR M 95 9.82 13.51 69.93
C THR M 95 8.34 13.84 70.06
N LEU M 96 8.01 15.11 69.95
CA LEU M 96 6.63 15.58 70.07
C LEU M 96 6.12 15.96 68.67
N VAL M 97 5.13 15.23 68.19
CA VAL M 97 4.51 15.48 66.90
C VAL M 97 3.00 15.33 67.05
N LYS M 98 2.27 15.81 66.06
CA LYS M 98 0.83 15.71 66.08
C LYS M 98 0.40 14.24 66.08
N GLY M 99 -0.68 13.95 66.81
CA GLY M 99 -1.18 12.60 66.89
C GLY M 99 -0.36 11.65 67.72
N ALA M 100 0.72 12.11 68.33
CA ALA M 100 1.53 11.24 69.19
C ALA M 100 0.81 11.01 70.51
N ILE M 101 0.98 9.81 71.06
CA ILE M 101 0.37 9.45 72.33
C ILE M 101 1.40 9.63 73.44
N ILE M 102 1.02 10.37 74.47
CA ILE M 102 1.89 10.59 75.61
C ILE M 102 1.12 10.42 76.92
N ALA M 203 -2.66 10.81 76.59
CA ALA M 203 -3.27 11.84 75.75
C ALA M 203 -2.66 11.83 74.36
N CYS M 204 -3.40 12.35 73.38
CA CYS M 204 -2.94 12.43 72.00
C CYS M 204 -2.76 13.90 71.62
N ILE M 205 -1.55 14.24 71.18
CA ILE M 205 -1.26 15.61 70.80
C ILE M 205 -2.06 15.98 69.55
N SER M 206 -2.66 17.16 69.57
CA SER M 206 -3.48 17.61 68.44
C SER M 206 -2.94 18.84 67.73
N SER M 207 -2.04 19.60 68.35
CA SER M 207 -1.42 20.74 67.68
C SER M 207 -0.23 20.28 66.85
N ARG M 208 0.37 21.25 66.15
CA ARG M 208 1.61 21.05 65.42
C ARG M 208 2.72 21.76 66.18
N PRO M 209 3.37 21.09 67.13
CA PRO M 209 4.36 21.79 67.98
C PRO M 209 5.49 22.43 67.19
N GLY M 210 5.95 21.78 66.13
CA GLY M 210 7.03 22.34 65.34
C GLY M 210 6.66 23.58 64.56
N GLN M 211 5.37 23.87 64.45
CA GLN M 211 4.88 25.04 63.74
C GLN M 211 4.29 26.10 64.65
N THR M 212 3.35 25.71 65.51
CA THR M 212 2.68 26.66 66.39
C THR M 212 3.55 27.07 67.57
N GLY M 213 4.43 26.18 68.02
CA GLY M 213 5.30 26.48 69.13
C GLY M 213 4.80 26.07 70.50
N SER M 214 3.70 25.32 70.57
CA SER M 214 3.19 24.83 71.84
C SER M 214 2.54 23.48 71.61
N VAL M 215 2.42 22.72 72.69
CA VAL M 215 1.82 21.38 72.64
C VAL M 215 0.42 21.48 73.22
N GLU M 216 -0.58 21.26 72.37
CA GLU M 216 -1.97 21.22 72.77
C GLU M 216 -2.52 19.83 72.42
N GLY M 217 -3.09 19.16 73.42
CA GLY M 217 -3.56 17.81 73.24
C GLY M 217 -4.90 17.59 73.92
N TYR M 218 -5.41 16.37 73.77
CA TYR M 218 -6.68 15.99 74.35
C TYR M 218 -6.52 14.65 75.05
N ILE M 219 -7.33 14.44 76.09
CA ILE M 219 -7.31 13.20 76.85
C ILE M 219 -8.01 12.10 76.05
N LEU M 220 -7.36 10.96 75.91
CA LEU M 220 -7.93 9.82 75.17
C LEU M 220 -9.20 9.32 75.85
N GLY N 2 9.91 40.40 14.53
CA GLY N 2 9.82 41.65 13.78
C GLY N 2 11.00 42.56 14.05
N ARG N 3 11.05 43.70 13.35
CA ARG N 3 12.20 44.59 13.48
C ARG N 3 11.81 46.05 13.73
N CYS N 4 10.66 46.49 13.23
CA CYS N 4 10.28 47.88 13.37
C CYS N 4 8.77 48.01 13.52
N LEU N 5 8.35 48.97 14.35
CA LEU N 5 6.93 49.21 14.60
C LEU N 5 6.26 49.94 13.44
N ARG N 6 6.98 50.86 12.80
CA ARG N 6 6.45 51.56 11.64
C ARG N 6 6.17 50.57 10.52
N ASN N 7 5.05 50.78 9.83
CA ASN N 7 4.69 49.90 8.73
C ASN N 7 5.47 50.27 7.46
N HIS N 8 5.37 49.40 6.47
CA HIS N 8 5.98 49.61 5.16
C HIS N 8 5.22 48.78 4.15
N SER N 9 5.42 49.10 2.88
CA SER N 9 4.77 48.37 1.80
C SER N 9 5.59 48.47 0.53
N ILE N 10 5.26 47.60 -0.42
CA ILE N 10 5.82 47.63 -1.76
C ILE N 10 4.76 48.23 -2.68
N THR N 11 5.16 49.15 -3.54
CA THR N 11 4.21 49.82 -4.43
C THR N 11 4.29 49.32 -5.86
N TYR N 12 4.94 48.19 -6.11
CA TYR N 12 5.01 47.64 -7.46
C TYR N 12 5.42 46.17 -7.38
N LYS N 13 5.34 45.50 -8.51
CA LYS N 13 5.76 44.10 -8.63
C LYS N 13 6.31 43.86 -10.03
N THR N 14 7.53 43.36 -10.10
CA THR N 14 8.13 43.08 -11.39
C THR N 14 7.43 41.90 -12.05
N PRO N 15 7.42 41.84 -13.38
CA PRO N 15 6.72 40.75 -14.07
C PRO N 15 7.44 39.42 -13.91
N LYS N 16 6.67 38.34 -14.10
CA LYS N 16 7.22 37.00 -13.95
C LYS N 16 8.20 36.68 -15.07
N VAL N 17 7.82 36.93 -16.32
CA VAL N 17 8.66 36.63 -17.47
C VAL N 17 9.54 37.84 -17.73
N PRO N 18 10.85 37.70 -17.72
CA PRO N 18 11.72 38.87 -17.92
C PRO N 18 11.66 39.46 -19.30
N TYR N 19 11.71 38.63 -20.34
CA TYR N 19 11.80 39.10 -21.72
C TYR N 19 10.65 38.52 -22.53
N GLU N 20 9.75 39.39 -22.97
CA GLU N 20 8.66 39.01 -23.88
C GLU N 20 8.39 40.22 -24.77
N ARG N 21 8.45 40.01 -26.08
CA ARG N 21 8.33 41.14 -27.01
C ARG N 21 6.97 41.82 -26.91
N GLU N 22 5.90 41.03 -26.76
CA GLU N 22 4.57 41.62 -26.69
C GLU N 22 4.38 42.50 -25.47
N ARG N 23 5.29 42.42 -24.49
CA ARG N 23 5.27 43.32 -23.34
C ARG N 23 6.25 44.47 -23.47
N PHE N 24 7.38 44.26 -24.15
CA PHE N 24 8.36 45.33 -24.30
C PHE N 24 7.78 46.50 -25.09
N ASP N 25 7.07 46.20 -26.18
CA ASP N 25 6.49 47.26 -26.99
C ASP N 25 5.35 47.97 -26.27
N ALA N 26 4.45 47.19 -25.65
CA ALA N 26 3.28 47.78 -25.01
C ALA N 26 3.69 48.71 -23.88
N GLU N 27 4.62 48.28 -23.03
CA GLU N 27 5.09 49.14 -21.95
C GLU N 27 5.79 50.38 -22.51
N LEU N 28 6.55 50.22 -23.59
CA LEU N 28 7.22 51.34 -24.24
C LEU N 28 6.21 52.24 -24.94
N LYS N 37 9.35 58.41 -16.89
CA LYS N 37 10.76 58.44 -16.53
C LYS N 37 11.39 57.06 -16.68
N ASN N 38 10.69 56.03 -16.24
CA ASN N 38 11.17 54.66 -16.30
C ASN N 38 9.98 53.73 -16.26
N LYS N 39 10.24 52.44 -16.09
CA LYS N 39 9.20 51.42 -16.11
C LYS N 39 8.67 51.09 -14.73
N LYS N 40 9.09 51.81 -13.70
CA LYS N 40 8.54 51.59 -12.36
C LYS N 40 7.10 52.11 -12.30
N HIS N 51 -5.75 45.00 -7.30
CA HIS N 51 -6.10 45.08 -5.88
C HIS N 51 -7.60 44.88 -5.71
N MET N 52 -8.37 45.83 -6.23
CA MET N 52 -9.81 45.82 -6.07
C MET N 52 -10.52 44.85 -7.01
N ARG N 53 -9.82 44.37 -8.05
CA ARG N 53 -10.43 43.39 -8.95
C ARG N 53 -10.75 42.10 -8.21
N THR N 54 -9.78 41.59 -7.46
CA THR N 54 -10.04 40.44 -6.60
C THR N 54 -11.05 40.78 -5.52
N ILE N 55 -10.94 41.98 -4.93
CA ILE N 55 -11.93 42.40 -3.95
C ILE N 55 -13.32 42.35 -4.56
N ALA N 56 -13.44 42.81 -5.81
CA ALA N 56 -14.69 42.59 -6.55
C ALA N 56 -14.97 41.10 -6.69
N LYS N 57 -13.93 40.31 -6.99
CA LYS N 57 -14.11 38.88 -7.23
C LYS N 57 -14.69 38.17 -6.02
N VAL N 58 -14.15 38.44 -4.83
CA VAL N 58 -14.53 37.68 -3.64
C VAL N 58 -16.02 37.85 -3.34
N MET N 59 -16.57 39.04 -3.58
CA MET N 59 -18.00 39.20 -3.38
C MET N 59 -18.81 38.74 -4.58
N LEU N 60 -18.19 38.53 -5.73
CA LEU N 60 -18.85 37.86 -6.84
C LEU N 60 -18.41 36.40 -6.92
N GLU O 3 -11.94 -1.23 60.01
CA GLU O 3 -11.08 -0.41 59.16
C GLU O 3 -9.82 0.03 59.90
N GLN O 4 -9.87 -0.03 61.23
CA GLN O 4 -8.73 0.37 62.06
C GLN O 4 -7.66 -0.72 62.00
N THR O 5 -7.09 -0.86 60.81
CA THR O 5 -6.05 -1.86 60.56
C THR O 5 -4.68 -1.23 60.38
N GLU O 6 -4.49 0.00 60.86
CA GLU O 6 -3.24 0.72 60.71
C GLU O 6 -2.83 1.29 62.06
N ARG O 7 -1.67 1.94 62.07
CA ARG O 7 -1.05 2.35 63.33
C ARG O 7 -1.76 3.50 64.02
N ALA O 8 -2.68 4.18 63.34
CA ALA O 8 -3.36 5.33 63.91
C ALA O 8 -4.86 5.07 63.99
N TYR O 9 -5.49 5.69 64.97
CA TYR O 9 -6.94 5.59 65.12
C TYR O 9 -7.59 6.46 64.04
N GLN O 10 -8.01 5.81 62.95
CA GLN O 10 -8.62 6.54 61.85
C GLN O 10 -9.92 7.18 62.30
N LYS O 11 -10.15 8.42 61.88
CA LYS O 11 -11.36 9.15 62.26
C LYS O 11 -11.84 9.98 61.08
N GLN O 12 -13.10 10.39 61.15
CA GLN O 12 -13.69 11.22 60.11
C GLN O 12 -13.10 12.63 60.16
N VAL O 13 -13.58 13.49 59.28
CA VAL O 13 -13.06 14.85 59.14
C VAL O 13 -13.85 15.85 59.96
N PHE O 14 -15.18 15.77 59.89
CA PHE O 14 -16.05 16.63 60.69
C PHE O 14 -16.70 15.73 61.74
N HIS O 15 -16.03 15.61 62.88
CA HIS O 15 -16.43 14.67 63.92
C HIS O 15 -17.24 15.39 64.99
N HIS O 16 -18.44 14.88 65.24
CA HIS O 16 -19.35 15.45 66.23
C HIS O 16 -20.28 14.37 66.78
N TYR O 33 -20.84 11.86 59.50
CA TYR O 33 -21.02 13.08 58.72
C TYR O 33 -21.06 12.76 57.23
N HIS O 34 -21.99 13.39 56.52
CA HIS O 34 -22.10 13.20 55.08
C HIS O 34 -22.64 14.48 54.47
N LYS O 35 -21.91 15.02 53.50
CA LYS O 35 -22.41 16.12 52.69
C LYS O 35 -22.84 15.59 51.33
N GLN O 36 -23.21 16.51 50.45
CA GLN O 36 -23.57 16.14 49.10
C GLN O 36 -22.79 16.98 48.10
N ILE O 37 -22.38 16.34 47.01
CA ILE O 37 -21.69 17.01 45.92
C ILE O 37 -22.70 17.93 45.22
N GLY O 38 -22.23 18.73 44.29
CA GLY O 38 -23.00 19.86 43.80
C GLY O 38 -23.88 19.55 42.62
N MET O 39 -23.43 19.88 41.41
CA MET O 39 -24.33 20.03 40.27
C MET O 39 -24.96 18.70 39.86
N GLY O 40 -26.16 18.45 40.37
CA GLY O 40 -26.95 17.32 39.93
C GLY O 40 -26.37 15.94 40.19
N PHE O 41 -25.88 15.72 41.41
CA PHE O 41 -25.34 14.42 41.78
C PHE O 41 -26.09 13.87 42.99
N VAL O 42 -25.95 12.57 43.21
CA VAL O 42 -26.64 11.87 44.28
C VAL O 42 -25.61 11.15 45.13
N THR O 43 -25.71 11.29 46.44
CA THR O 43 -24.80 10.59 47.33
C THR O 43 -25.11 9.10 47.31
N PRO O 44 -24.13 8.24 47.04
CA PRO O 44 -24.39 6.81 46.99
C PRO O 44 -24.79 6.25 48.35
N ALA O 45 -25.54 5.15 48.32
CA ALA O 45 -26.07 4.57 49.53
C ALA O 45 -24.96 4.09 50.46
N GLU O 46 -23.94 3.44 49.90
CA GLU O 46 -22.88 2.86 50.72
C GLU O 46 -22.09 3.93 51.46
N ALA O 47 -22.18 5.20 51.06
CA ALA O 47 -21.41 6.25 51.71
C ALA O 47 -21.90 6.50 53.12
N ILE O 48 -23.21 6.57 53.32
CA ILE O 48 -23.76 6.88 54.63
C ILE O 48 -23.54 5.70 55.58
N LYS O 49 -24.12 4.55 55.25
CA LYS O 49 -24.07 3.41 56.15
C LYS O 49 -22.71 2.74 56.19
N GLY O 50 -21.88 2.95 55.18
CA GLY O 50 -20.58 2.30 55.16
C GLY O 50 -19.72 2.73 56.34
N THR O 51 -18.98 1.77 56.89
CA THR O 51 -18.10 2.05 58.02
C THR O 51 -16.76 2.62 57.60
N TYR O 52 -16.49 2.69 56.30
CA TYR O 52 -15.16 3.08 55.83
C TYR O 52 -14.83 4.50 56.26
N ILE O 53 -13.58 4.70 56.64
CA ILE O 53 -13.06 6.02 57.01
C ILE O 53 -12.16 6.46 55.87
N ASP O 54 -12.56 7.50 55.16
CA ASP O 54 -11.81 7.99 54.01
C ASP O 54 -11.68 9.50 54.12
N LYS O 55 -10.43 9.97 54.25
CA LYS O 55 -10.19 11.40 54.29
C LYS O 55 -10.33 12.06 52.93
N LYS O 56 -10.22 11.29 51.85
CA LYS O 56 -10.31 11.82 50.49
C LYS O 56 -11.62 11.48 49.81
N CYS O 57 -12.58 10.93 50.53
CA CYS O 57 -13.88 10.64 49.94
C CYS O 57 -14.62 11.95 49.64
N PRO O 58 -15.16 12.11 48.44
CA PRO O 58 -15.85 13.37 48.11
C PRO O 58 -17.05 13.64 49.00
N PHE O 59 -17.78 12.60 49.42
CA PHE O 59 -19.06 12.79 50.07
C PHE O 59 -18.96 12.83 51.60
N THR O 60 -17.95 12.18 52.17
CA THR O 60 -17.78 12.10 53.61
C THR O 60 -16.45 12.69 54.04
N SER O 61 -16.09 13.84 53.50
CA SER O 61 -14.86 14.53 53.87
C SER O 61 -14.99 16.00 53.49
N ASP O 62 -13.86 16.70 53.49
CA ASP O 62 -13.81 18.13 53.17
C ASP O 62 -13.22 18.40 51.79
N VAL O 63 -13.23 17.41 50.90
CA VAL O 63 -12.76 17.58 49.54
C VAL O 63 -13.97 17.85 48.65
N SER O 64 -13.85 18.87 47.80
CA SER O 64 -14.93 19.30 46.94
C SER O 64 -14.60 19.03 45.48
N ILE O 65 -15.58 19.27 44.62
CA ILE O 65 -15.46 19.05 43.19
C ILE O 65 -15.61 20.40 42.51
N ARG O 66 -14.51 20.90 41.92
CA ARG O 66 -14.51 22.17 41.25
C ARG O 66 -14.75 21.99 39.75
N GLY O 67 -14.46 23.03 38.97
CA GLY O 67 -14.89 23.18 37.60
C GLY O 67 -14.92 21.97 36.68
N ARG O 68 -13.76 21.36 36.43
CA ARG O 68 -13.69 20.35 35.37
C ARG O 68 -14.45 19.08 35.77
N THR O 69 -14.88 18.34 34.75
CA THR O 69 -15.64 17.11 34.96
C THR O 69 -15.52 16.26 33.71
N LEU O 70 -14.96 15.05 33.86
CA LEU O 70 -14.64 14.19 32.74
C LEU O 70 -15.31 12.83 32.92
N SER O 71 -14.96 11.89 32.06
CA SER O 71 -15.53 10.55 32.09
C SER O 71 -14.53 9.56 31.49
N GLY O 72 -14.94 8.32 31.39
CA GLY O 72 -14.12 7.30 30.77
C GLY O 72 -14.46 5.93 31.29
N ILE O 73 -13.68 4.95 30.84
CA ILE O 73 -13.79 3.58 31.30
C ILE O 73 -12.65 3.32 32.28
N VAL O 74 -12.85 2.34 33.15
CA VAL O 74 -11.87 2.03 34.18
C VAL O 74 -10.90 0.98 33.62
N LYS O 75 -9.61 1.32 33.63
CA LYS O 75 -8.60 0.46 33.06
C LYS O 75 -7.98 -0.49 34.08
N SER O 76 -7.78 -0.03 35.32
CA SER O 76 -7.18 -0.88 36.35
C SER O 76 -7.86 -0.63 37.68
N CYS O 77 -8.09 -1.71 38.43
CA CYS O 77 -8.69 -1.66 39.76
C CYS O 77 -7.82 -2.41 40.76
N HIS O 78 -6.51 -2.32 40.61
CA HIS O 78 -5.59 -2.99 41.51
C HIS O 78 -5.17 -2.10 42.66
N MET O 79 -5.04 -0.80 42.40
CA MET O 79 -4.53 0.13 43.39
C MET O 79 -5.50 0.23 44.58
N LYS O 80 -4.93 0.48 45.76
CA LYS O 80 -5.73 0.62 46.97
C LYS O 80 -6.47 1.94 46.94
N ARG O 81 -7.80 1.88 46.87
CA ARG O 81 -8.66 3.05 46.91
C ARG O 81 -8.39 4.00 45.74
N THR O 82 -7.86 3.47 44.64
CA THR O 82 -7.57 4.26 43.46
C THR O 82 -7.71 3.37 42.24
N ILE O 83 -8.23 3.94 41.14
CA ILE O 83 -8.38 3.24 39.88
C ILE O 83 -7.84 4.12 38.77
N ILE O 84 -7.78 3.56 37.57
CA ILE O 84 -7.25 4.26 36.39
C ILE O 84 -8.38 4.38 35.38
N VAL O 85 -8.66 5.61 34.95
CA VAL O 85 -9.70 5.88 33.96
C VAL O 85 -9.03 6.10 32.61
N ARG O 86 -9.55 5.45 31.57
CA ARG O 86 -9.05 5.62 30.22
C ARG O 86 -10.03 6.48 29.43
N ARG O 87 -9.51 7.51 28.76
CA ARG O 87 -10.31 8.34 27.88
C ARG O 87 -9.86 8.14 26.44
N ASP O 88 -10.82 7.99 25.55
CA ASP O 88 -10.55 7.92 24.12
C ASP O 88 -11.22 9.11 23.44
N TYR O 89 -10.52 9.72 22.49
CA TYR O 89 -11.05 10.85 21.77
C TYR O 89 -10.49 10.83 20.36
N PHE O 90 -10.62 11.95 19.65
CA PHE O 90 -10.08 12.09 18.32
C PHE O 90 -9.27 13.36 18.24
N HIS O 91 -8.34 13.40 17.28
CA HIS O 91 -7.52 14.59 17.04
C HIS O 91 -7.57 14.90 15.55
N TYR O 92 -8.40 15.87 15.18
CA TYR O 92 -8.45 16.32 13.80
C TYR O 92 -7.09 16.87 13.36
N VAL O 93 -6.64 16.45 12.19
CA VAL O 93 -5.37 16.90 11.63
C VAL O 93 -5.66 17.71 10.37
N SER O 94 -5.10 18.91 10.31
CA SER O 94 -5.53 19.90 9.32
C SER O 94 -5.25 19.41 7.90
N LYS O 95 -4.02 18.97 7.64
CA LYS O 95 -3.59 18.74 6.26
C LYS O 95 -4.43 17.66 5.59
N TYR O 96 -4.69 16.57 6.28
CA TYR O 96 -5.38 15.43 5.69
C TYR O 96 -6.89 15.47 5.90
N GLN O 97 -7.38 16.44 6.66
CA GLN O 97 -8.81 16.59 6.94
C GLN O 97 -9.39 15.34 7.58
N ARG O 98 -8.58 14.63 8.37
CA ARG O 98 -8.99 13.38 8.97
C ARG O 98 -8.57 13.36 10.43
N TYR O 99 -9.14 12.41 11.16
CA TYR O 99 -8.89 12.25 12.59
C TYR O 99 -8.03 11.03 12.84
N GLU O 100 -7.48 10.96 14.05
CA GLU O 100 -6.72 9.79 14.49
C GLU O 100 -7.12 9.47 15.92
N LYS O 101 -7.26 8.18 16.21
CA LYS O 101 -7.63 7.77 17.57
C LYS O 101 -6.50 8.05 18.54
N ARG O 102 -6.85 8.57 19.70
CA ARG O 102 -5.89 8.88 20.74
C ARG O 102 -6.49 8.56 22.09
N HIS O 103 -5.63 8.36 23.08
CA HIS O 103 -6.09 8.03 24.42
C HIS O 103 -5.23 8.74 25.46
N LYS O 104 -5.82 8.93 26.63
CA LYS O 104 -5.12 9.51 27.77
C LYS O 104 -5.62 8.84 29.05
N ASN O 105 -4.70 8.50 29.94
CA ASN O 105 -5.03 7.83 31.18
C ASN O 105 -4.78 8.78 32.35
N ILE O 106 -5.73 8.85 33.27
CA ILE O 106 -5.60 9.67 34.46
C ILE O 106 -5.98 8.84 35.68
N ALA O 107 -5.21 8.98 36.75
CA ALA O 107 -5.50 8.28 37.99
C ALA O 107 -6.55 9.04 38.78
N VAL O 108 -7.61 8.34 39.18
CA VAL O 108 -8.72 8.94 39.90
C VAL O 108 -8.90 8.21 41.23
N HIS O 109 -9.02 8.99 42.31
CA HIS O 109 -9.32 8.43 43.60
C HIS O 109 -10.78 7.99 43.64
N CYS O 110 -11.03 6.80 44.18
CA CYS O 110 -12.38 6.25 44.25
C CYS O 110 -12.66 5.85 45.69
N SER O 111 -13.70 6.44 46.27
CA SER O 111 -14.07 6.17 47.65
C SER O 111 -14.78 4.82 47.77
N PRO O 112 -14.69 4.18 48.94
CA PRO O 112 -15.35 2.88 49.13
C PRO O 112 -16.87 2.94 49.05
N ALA O 113 -17.43 4.14 48.83
CA ALA O 113 -18.86 4.26 48.61
C ALA O 113 -19.31 3.48 47.39
N PHE O 114 -18.39 3.15 46.48
CA PHE O 114 -18.68 2.30 45.33
C PHE O 114 -17.95 0.98 45.54
N ARG O 115 -18.71 -0.10 45.64
CA ARG O 115 -18.17 -1.43 45.83
C ARG O 115 -18.31 -2.32 44.60
N GLN O 116 -19.43 -2.20 43.89
CA GLN O 116 -19.64 -2.97 42.67
C GLN O 116 -18.78 -2.48 41.51
N LEU O 117 -18.11 -1.34 41.66
CA LEU O 117 -17.31 -0.80 40.58
C LEU O 117 -16.17 -1.75 40.21
N LYS O 118 -16.04 -2.03 38.91
CA LYS O 118 -15.04 -2.95 38.42
C LYS O 118 -14.49 -2.44 37.10
N GLU O 119 -13.44 -3.09 36.62
CA GLU O 119 -12.80 -2.69 35.37
C GLU O 119 -13.79 -2.79 34.22
N GLY O 120 -13.72 -1.81 33.31
CA GLY O 120 -14.59 -1.75 32.17
C GLY O 120 -15.87 -0.98 32.35
N ASP O 121 -16.13 -0.44 33.54
CA ASP O 121 -17.32 0.34 33.77
C ASP O 121 -17.10 1.79 33.36
N HIS O 122 -18.20 2.53 33.22
CA HIS O 122 -18.17 3.92 32.83
C HIS O 122 -18.46 4.79 34.03
N VAL O 123 -17.59 5.78 34.28
CA VAL O 123 -17.60 6.54 35.52
C VAL O 123 -17.55 8.03 35.19
N VAL O 124 -18.39 8.81 35.85
CA VAL O 124 -18.33 10.27 35.78
C VAL O 124 -17.45 10.76 36.90
N ILE O 125 -16.44 11.56 36.57
CA ILE O 125 -15.44 12.01 37.53
C ILE O 125 -15.48 13.53 37.62
N GLY O 126 -14.91 14.05 38.71
CA GLY O 126 -14.81 15.47 38.90
C GLY O 126 -13.44 15.84 39.43
N GLN O 127 -13.04 17.07 39.17
CA GLN O 127 -11.71 17.55 39.54
C GLN O 127 -11.71 18.05 40.97
N CYS O 128 -10.78 17.55 41.77
CA CYS O 128 -10.57 18.00 43.14
C CYS O 128 -9.13 18.46 43.29
N ARG O 129 -8.75 18.81 44.51
CA ARG O 129 -7.42 19.32 44.76
C ARG O 129 -6.38 18.22 44.59
N PRO O 130 -5.11 18.59 44.39
CA PRO O 130 -4.06 17.57 44.31
C PRO O 130 -4.04 16.62 45.50
N LEU O 131 -4.30 15.34 45.24
CA LEU O 131 -4.32 14.33 46.29
C LEU O 131 -3.06 13.47 46.33
N SER O 132 -2.27 13.48 45.27
CA SER O 132 -1.04 12.70 45.20
C SER O 132 -0.18 13.28 44.09
N LYS O 133 0.85 12.53 43.69
CA LYS O 133 1.66 12.96 42.56
C LYS O 133 0.87 12.94 41.26
N THR O 134 -0.06 12.00 41.12
CA THR O 134 -0.84 11.85 39.91
C THR O 134 -2.34 11.99 40.10
N VAL O 135 -2.87 11.64 41.27
CA VAL O 135 -4.30 11.66 41.48
C VAL O 135 -4.77 13.09 41.70
N ARG O 136 -5.78 13.51 40.92
CA ARG O 136 -6.36 14.83 41.08
C ARG O 136 -7.87 14.84 40.89
N PHE O 137 -8.51 13.69 40.78
CA PHE O 137 -9.92 13.61 40.46
C PHE O 137 -10.59 12.63 41.42
N ASN O 138 -11.92 12.68 41.44
CA ASN O 138 -12.71 11.81 42.31
C ASN O 138 -13.87 11.22 41.55
N VAL O 139 -14.13 9.93 41.78
CA VAL O 139 -15.27 9.28 41.17
C VAL O 139 -16.54 9.88 41.73
N LEU O 140 -17.49 10.20 40.86
CA LEU O 140 -18.76 10.78 41.27
C LEU O 140 -19.94 9.85 41.04
N LYS O 141 -20.12 9.38 39.81
CA LYS O 141 -21.18 8.43 39.50
C LYS O 141 -20.66 7.41 38.51
N PHE O 142 -20.92 6.13 38.79
CA PHE O 142 -20.44 5.05 37.95
C PHE O 142 -21.62 4.31 37.32
N THR O 143 -21.38 3.77 36.13
CA THR O 143 -22.31 2.87 35.48
C THR O 143 -21.55 1.62 35.06
N SER O 144 -22.05 0.47 35.48
CA SER O 144 -21.38 -0.79 35.17
C SER O 144 -21.63 -1.20 33.73
N ARG O 145 -20.76 -2.07 33.22
CA ARG O 145 -20.89 -2.58 31.87
C ARG O 145 -20.88 -4.10 31.89
N GLY O 146 -20.79 -4.72 30.72
CA GLY O 146 -20.66 -6.16 30.65
C GLY O 146 -19.34 -6.64 31.23
N THR O 147 -19.33 -7.88 31.69
CA THR O 147 -18.17 -8.41 32.38
C THR O 147 -17.05 -8.72 31.39
N GLY O 148 -15.86 -8.20 31.68
CA GLY O 148 -14.70 -8.46 30.84
C GLY O 148 -13.91 -9.67 31.28
N ASP O 149 -14.63 -10.69 31.75
CA ASP O 149 -14.12 -11.99 32.18
C ASP O 149 -13.29 -11.92 33.46
N LYS O 150 -13.02 -10.73 33.99
CA LYS O 150 -12.25 -10.61 35.22
C LYS O 150 -12.93 -9.58 36.11
N LYS O 151 -13.53 -10.05 37.20
CA LYS O 151 -14.26 -9.19 38.13
C LYS O 151 -13.25 -8.60 39.10
N GLN O 152 -12.54 -7.57 38.63
CA GLN O 152 -11.51 -6.90 39.42
C GLN O 152 -12.08 -5.62 39.99
N PHE O 153 -12.14 -5.53 41.31
CA PHE O 153 -12.73 -4.41 42.02
C PHE O 153 -11.65 -3.69 42.83
N ALA O 154 -12.04 -2.59 43.46
CA ALA O 154 -11.14 -1.81 44.30
C ALA O 154 -10.59 -2.66 45.45
N GLY P 2 -16.07 -14.08 -1.78
CA GLY P 2 -15.31 -15.28 -2.08
C GLY P 2 -15.05 -16.15 -0.87
N ARG P 3 -14.42 -17.30 -1.09
CA ARG P 3 -14.12 -18.20 0.01
C ARG P 3 -13.11 -17.56 0.96
N MET P 4 -13.17 -17.99 2.22
CA MET P 4 -12.34 -17.38 3.25
C MET P 4 -10.86 -17.58 2.97
N TYR P 5 -10.47 -18.79 2.55
CA TYR P 5 -9.08 -19.11 2.35
C TYR P 5 -8.75 -19.45 0.90
N ASN P 6 -9.49 -20.36 0.29
CA ASN P 6 -9.31 -20.63 -1.13
C ASN P 6 -9.79 -19.43 -1.95
N PRO P 7 -9.33 -19.30 -3.20
CA PRO P 7 -9.85 -18.25 -4.07
C PRO P 7 -11.14 -18.61 -4.78
N GLY P 8 -11.70 -19.79 -4.52
CA GLY P 8 -12.95 -20.15 -5.17
C GLY P 8 -14.08 -19.23 -4.77
N ARG P 9 -15.02 -19.03 -5.70
CA ARG P 9 -16.18 -18.15 -5.48
C ARG P 9 -17.44 -18.91 -5.92
N GLY P 10 -17.97 -19.73 -5.04
CA GLY P 10 -19.19 -20.47 -5.31
C GLY P 10 -20.41 -19.74 -4.79
N ILE P 11 -21.55 -20.00 -5.42
CA ILE P 11 -22.80 -19.34 -5.06
C ILE P 11 -23.89 -20.36 -4.82
N SER P 12 -23.50 -21.58 -4.48
CA SER P 12 -24.47 -22.61 -4.10
C SER P 12 -25.22 -22.15 -2.84
N ARG P 13 -26.53 -22.02 -2.97
CA ARG P 13 -27.34 -21.49 -1.88
C ARG P 13 -28.71 -22.14 -1.87
N ARG P 14 -29.30 -22.21 -0.68
CA ARG P 14 -30.75 -22.31 -0.58
C ARG P 14 -31.35 -20.96 -0.91
N CYS P 15 -32.63 -20.95 -1.28
CA CYS P 15 -33.35 -19.70 -1.52
C CYS P 15 -34.71 -19.79 -0.85
N ILE P 16 -34.82 -19.20 0.34
CA ILE P 16 -36.09 -19.19 1.07
C ILE P 16 -37.14 -18.48 0.22
N PRO P 17 -38.32 -19.08 0.01
CA PRO P 17 -39.35 -18.50 -0.85
C PRO P 17 -39.91 -17.19 -0.30
N GLU P 86 -22.93 -24.97 17.72
CA GLU P 86 -23.06 -26.13 16.85
C GLU P 86 -21.99 -26.13 15.77
N ASP P 87 -21.93 -25.04 15.01
CA ASP P 87 -20.94 -24.92 13.94
C ASP P 87 -19.53 -24.96 14.51
N LEU P 88 -19.31 -24.32 15.65
CA LEU P 88 -18.02 -24.40 16.32
C LEU P 88 -17.71 -25.83 16.72
N TYR P 89 -18.71 -26.55 17.20
CA TYR P 89 -18.52 -27.97 17.54
C TYR P 89 -18.11 -28.75 16.31
N PHE P 90 -18.77 -28.50 15.17
CA PHE P 90 -18.50 -29.27 13.97
C PHE P 90 -17.13 -29.00 13.37
N LEU P 91 -16.41 -27.99 13.86
CA LEU P 91 -15.07 -27.70 13.37
C LEU P 91 -13.98 -28.37 14.21
N MET P 92 -14.35 -29.15 15.21
CA MET P 92 -13.36 -29.83 16.03
C MET P 92 -13.58 -31.34 15.97
N ARG P 94 -13.16 -32.02 13.05
CA ARG P 94 -12.28 -31.75 11.92
C ARG P 94 -10.88 -31.40 12.40
N ALA P 95 -10.80 -30.54 13.42
CA ALA P 95 -9.50 -30.24 14.02
C ALA P 95 -8.91 -31.48 14.69
N VAL P 96 -9.74 -32.19 15.45
CA VAL P 96 -9.27 -33.43 16.08
C VAL P 96 -9.09 -34.52 15.04
N SER P 97 -9.98 -34.59 14.06
CA SER P 97 -9.95 -35.68 13.08
C SER P 97 -8.68 -35.68 12.25
N VAL P 98 -7.94 -34.57 12.24
CA VAL P 98 -6.66 -34.51 11.53
C VAL P 98 -5.48 -34.43 12.48
N ARG P 99 -5.70 -34.20 13.77
CA ARG P 99 -4.61 -34.11 14.73
C ARG P 99 -4.44 -35.43 15.48
N HIS P 101 -4.54 -37.79 12.98
CA HIS P 101 -4.07 -38.30 11.69
C HIS P 101 -2.63 -37.89 11.42
N LEU P 102 -2.25 -36.71 11.92
CA LEU P 102 -0.89 -36.24 11.76
C LEU P 102 0.13 -37.08 12.52
N GLU P 103 -0.32 -37.95 13.43
CA GLU P 103 0.61 -38.75 14.20
C GLU P 103 1.34 -39.76 13.33
N LYS P 104 0.58 -40.54 12.54
CA LYS P 104 1.23 -41.51 11.65
C LYS P 104 1.83 -40.85 10.43
N ASN P 105 1.19 -39.82 9.90
CA ASN P 105 1.67 -39.12 8.72
C ASN P 105 2.33 -37.82 9.18
N LYS P 106 3.60 -37.92 9.57
CA LYS P 106 4.33 -36.75 10.02
C LYS P 106 4.91 -35.95 8.86
N LYS P 107 4.98 -36.54 7.66
CA LYS P 107 5.53 -35.85 6.50
C LYS P 107 4.47 -35.17 5.65
N ASP P 108 3.20 -35.32 6.00
CA ASP P 108 2.10 -34.75 5.24
C ASP P 108 2.05 -33.25 5.53
N LYS P 109 2.79 -32.47 4.75
CA LYS P 109 2.77 -31.03 4.92
C LYS P 109 1.46 -30.41 4.42
N ASP P 110 0.78 -31.08 3.50
CA ASP P 110 -0.53 -30.58 3.06
C ASP P 110 -1.52 -30.58 4.22
N ALA P 111 -1.52 -31.64 5.02
CA ALA P 111 -2.42 -31.71 6.17
C ALA P 111 -2.07 -30.64 7.20
N LYS P 112 -0.77 -30.39 7.41
CA LYS P 112 -0.37 -29.41 8.41
C LYS P 112 -0.81 -28.01 8.03
N TYR P 113 -0.67 -27.64 6.76
CA TYR P 113 -1.11 -26.32 6.31
C TYR P 113 -2.63 -26.18 6.46
N HIS P 114 -3.37 -27.24 6.15
CA HIS P 114 -4.82 -27.20 6.31
C HIS P 114 -5.25 -27.30 7.76
N LEU P 115 -4.40 -27.85 8.64
CA LEU P 115 -4.71 -27.84 10.05
C LEU P 115 -4.72 -26.41 10.60
N ILE P 116 -3.76 -25.59 10.17
CA ILE P 116 -3.72 -24.20 10.62
C ILE P 116 -4.95 -23.44 10.16
N LEU P 117 -5.36 -23.66 8.91
CA LEU P 117 -6.53 -22.97 8.40
C LEU P 117 -7.78 -23.28 9.21
N ILE P 118 -7.97 -24.56 9.55
CA ILE P 118 -9.14 -24.93 10.34
C ILE P 118 -9.05 -24.34 11.73
N GLU P 119 -7.84 -24.28 12.29
CA GLU P 119 -7.68 -23.73 13.64
C GLU P 119 -8.04 -22.25 13.67
N SER P 120 -7.60 -21.48 12.67
CA SER P 120 -7.94 -20.07 12.62
C SER P 120 -9.44 -19.86 12.48
N LYS P 121 -10.14 -20.79 11.82
CA LYS P 121 -11.58 -20.75 11.79
C LYS P 121 -12.16 -20.87 13.20
N ILE P 122 -11.53 -21.69 14.03
CA ILE P 122 -12.02 -21.87 15.39
C ILE P 122 -11.82 -20.61 16.21
N HIS P 123 -10.62 -20.03 16.15
CA HIS P 123 -10.32 -18.84 16.94
C HIS P 123 -11.16 -17.65 16.49
N ARG P 124 -11.43 -17.54 15.20
CA ARG P 124 -12.36 -16.51 14.72
C ARG P 124 -13.76 -16.77 15.25
N LEU P 125 -14.18 -18.03 15.32
CA LEU P 125 -15.47 -18.35 15.91
C LEU P 125 -15.44 -18.28 17.43
N THR P 126 -14.33 -18.69 18.04
CA THR P 126 -14.17 -18.56 19.49
C THR P 126 -14.30 -17.11 19.93
N ARG P 127 -13.58 -16.22 19.24
CA ARG P 127 -13.62 -14.80 19.59
C ARG P 127 -15.01 -14.23 19.39
N TYR P 128 -15.72 -14.68 18.37
CA TYR P 128 -17.04 -14.13 18.08
C TYR P 128 -18.06 -14.54 19.14
N TYR P 129 -18.07 -15.81 19.51
CA TYR P 129 -19.10 -16.29 20.43
C TYR P 129 -18.93 -15.71 21.82
N LYS P 130 -17.69 -15.40 22.21
CA LYS P 130 -17.48 -14.82 23.54
C LYS P 130 -18.12 -13.45 23.64
N SER P 131 -17.89 -12.59 22.66
CA SER P 131 -18.48 -11.25 22.68
C SER P 131 -19.99 -11.30 22.50
N ALA P 132 -20.53 -12.38 21.94
CA ALA P 132 -21.96 -12.58 21.90
C ALA P 132 -22.50 -13.22 23.16
N LYS P 133 -21.62 -13.53 24.12
CA LYS P 133 -21.97 -14.16 25.39
C LYS P 133 -22.53 -15.56 25.22
N VAL P 134 -22.45 -16.14 24.02
CA VAL P 134 -22.82 -17.53 23.83
C VAL P 134 -21.89 -18.42 24.64
N LEU P 135 -20.60 -18.18 24.54
CA LEU P 135 -19.59 -18.89 25.33
C LEU P 135 -19.04 -17.95 26.39
N GLU P 136 -18.94 -18.45 27.62
CA GLU P 136 -18.26 -17.68 28.64
C GLU P 136 -16.80 -17.50 28.25
N ALA P 137 -16.24 -16.36 28.62
CA ALA P 137 -14.94 -15.97 28.09
C ALA P 137 -13.77 -16.74 28.70
N SER P 138 -14.04 -17.83 29.40
CA SER P 138 -12.98 -18.73 29.84
C SER P 138 -12.62 -19.78 28.80
N PHE P 139 -13.39 -19.87 27.72
CA PHE P 139 -13.18 -20.91 26.73
C PHE P 139 -11.82 -20.76 26.06
N LYS P 140 -11.11 -21.88 25.94
CA LYS P 140 -9.85 -21.90 25.21
C LYS P 140 -9.64 -23.31 24.69
N TYR P 141 -9.81 -23.48 23.38
CA TYR P 141 -9.68 -24.79 22.77
C TYR P 141 -8.21 -25.20 22.71
N ASP P 142 -7.93 -26.43 23.15
CA ASP P 142 -6.57 -26.97 23.11
C ASP P 142 -6.55 -28.30 22.39
N ALA P 143 -5.44 -29.03 22.48
CA ALA P 143 -5.34 -30.34 21.88
C ALA P 143 -5.56 -31.44 22.92
N GLY Q 17 28.73 -78.61 -42.47
CA GLY Q 17 27.82 -78.21 -41.42
C GLY Q 17 26.72 -77.30 -41.91
N SER Q 18 26.49 -77.32 -43.22
CA SER Q 18 25.42 -76.54 -43.84
C SER Q 18 24.22 -77.43 -44.12
N THR Q 19 23.11 -76.80 -44.46
CA THR Q 19 21.87 -77.51 -44.76
C THR Q 19 21.20 -76.82 -45.95
N LYS Q 20 19.94 -77.19 -46.18
CA LYS Q 20 19.14 -76.62 -47.24
C LYS Q 20 18.60 -75.26 -46.79
N ASP Q 21 17.62 -74.73 -47.52
CA ASP Q 21 17.09 -73.40 -47.25
C ASP Q 21 16.60 -73.27 -45.82
N ALA Q 22 17.31 -72.47 -45.02
CA ALA Q 22 16.95 -72.22 -43.63
C ALA Q 22 16.72 -70.74 -43.46
N PHE Q 23 15.56 -70.37 -42.94
CA PHE Q 23 15.25 -68.97 -42.74
C PHE Q 23 16.22 -68.36 -41.73
N GLY Q 24 16.71 -67.16 -42.05
CA GLY Q 24 17.56 -66.42 -41.15
C GLY Q 24 16.85 -65.19 -40.60
N VAL Q 25 17.56 -64.50 -39.71
CA VAL Q 25 17.13 -63.21 -39.20
C VAL Q 25 18.27 -62.23 -39.39
N ALA Q 26 17.98 -61.09 -39.98
CA ALA Q 26 18.99 -60.09 -40.31
C ALA Q 26 18.73 -58.85 -39.46
N HIS Q 27 19.30 -58.83 -38.27
CA HIS Q 27 19.24 -57.66 -37.40
C HIS Q 27 20.20 -56.63 -37.96
N ILE Q 28 19.70 -55.79 -38.87
CA ILE Q 28 20.51 -54.79 -39.53
C ILE Q 28 20.49 -53.54 -38.67
N TYR Q 29 21.52 -53.38 -37.84
CA TYR Q 29 21.67 -52.22 -36.97
C TYR Q 29 22.60 -51.23 -37.67
N ALA Q 30 22.03 -50.18 -38.23
CA ALA Q 30 22.78 -49.14 -38.90
C ALA Q 30 22.55 -47.82 -38.19
N THR Q 31 23.64 -47.14 -37.83
CA THR Q 31 23.58 -45.85 -37.18
C THR Q 31 24.27 -44.81 -38.06
N PHE Q 32 24.34 -43.58 -37.55
CA PHE Q 32 24.97 -42.51 -38.30
C PHE Q 32 26.48 -42.62 -38.33
N ASN Q 33 27.06 -43.52 -37.51
CA ASN Q 33 28.50 -43.68 -37.48
C ASN Q 33 28.99 -45.01 -38.05
N ASP Q 34 28.11 -46.00 -38.18
CA ASP Q 34 28.50 -47.30 -38.67
C ASP Q 34 27.24 -48.07 -39.07
N THR Q 35 27.46 -49.23 -39.68
CA THR Q 35 26.37 -50.15 -40.02
C THR Q 35 26.78 -51.56 -39.63
N PHE Q 36 25.77 -52.38 -39.32
CA PHE Q 36 25.98 -53.78 -38.95
C PHE Q 36 25.07 -54.66 -39.77
N VAL Q 37 25.64 -55.68 -40.41
CA VAL Q 37 24.87 -56.67 -41.15
C VAL Q 37 25.10 -57.99 -40.45
N HIS Q 38 24.10 -58.42 -39.67
CA HIS Q 38 24.24 -59.56 -38.77
C HIS Q 38 23.12 -60.55 -39.07
N VAL Q 39 23.47 -61.77 -39.40
CA VAL Q 39 22.51 -62.84 -39.66
C VAL Q 39 22.80 -64.00 -38.73
N THR Q 40 21.75 -64.51 -38.09
CA THR Q 40 21.88 -65.66 -37.21
C THR Q 40 20.90 -66.75 -37.62
N ASP Q 41 20.74 -67.76 -36.77
CA ASP Q 41 19.62 -68.67 -36.90
C ASP Q 41 18.38 -68.06 -36.23
N ILE Q 42 17.23 -68.69 -36.46
CA ILE Q 42 15.98 -68.13 -35.95
C ILE Q 42 15.96 -68.07 -34.44
N SER Q 43 16.78 -68.88 -33.76
CA SER Q 43 16.87 -68.80 -32.31
C SER Q 43 17.61 -67.55 -31.85
N GLY Q 44 18.38 -66.92 -32.73
CA GLY Q 44 19.10 -65.72 -32.39
C GLY Q 44 20.38 -65.95 -31.60
N LYS Q 45 20.79 -67.19 -31.39
CA LYS Q 45 21.96 -67.45 -30.56
C LYS Q 45 23.22 -67.77 -31.36
N GLU Q 46 23.09 -68.32 -32.57
CA GLU Q 46 24.24 -68.68 -33.40
C GLU Q 46 24.26 -67.78 -34.62
N THR Q 47 25.23 -66.88 -34.69
CA THR Q 47 25.37 -66.02 -35.86
C THR Q 47 25.91 -66.81 -37.05
N ILE Q 48 25.62 -66.31 -38.24
CA ILE Q 48 26.05 -66.96 -39.48
C ILE Q 48 27.24 -66.22 -40.05
N ILE Q 49 27.06 -64.94 -40.36
CA ILE Q 49 28.16 -64.08 -40.81
C ILE Q 49 27.78 -62.65 -40.48
N ARG Q 50 28.74 -61.91 -39.92
CA ARG Q 50 28.50 -60.54 -39.47
C ARG Q 50 29.58 -59.65 -40.05
N ILE Q 51 29.21 -58.83 -41.04
CA ILE Q 51 30.13 -57.88 -41.68
C ILE Q 51 29.59 -56.49 -41.46
N THR Q 52 30.45 -55.59 -41.00
CA THR Q 52 30.05 -54.22 -40.71
C THR Q 52 30.71 -53.25 -41.68
N GLY Q 53 30.24 -52.00 -41.64
CA GLY Q 53 30.76 -51.00 -42.55
C GLY Q 53 32.24 -50.75 -42.39
N GLY Q 54 32.73 -50.79 -41.16
CA GLY Q 54 34.14 -50.53 -40.90
C GLY Q 54 35.08 -51.62 -41.38
N MET Q 55 34.55 -52.75 -41.82
CA MET Q 55 35.35 -53.81 -42.40
C MET Q 55 35.41 -53.72 -43.93
N ARG Q 56 34.77 -52.71 -44.53
CA ARG Q 56 34.71 -52.60 -45.97
C ARG Q 56 35.27 -51.28 -46.49
N VAL Q 57 35.66 -50.36 -45.62
CA VAL Q 57 36.20 -49.06 -46.04
C VAL Q 57 37.48 -48.80 -45.27
N LYS Q 58 38.27 -47.87 -45.82
CA LYS Q 58 39.48 -47.42 -45.14
C LYS Q 58 39.32 -46.04 -44.51
N ALA Q 59 38.40 -45.22 -45.02
CA ALA Q 59 38.14 -43.91 -44.44
C ALA Q 59 37.18 -44.04 -43.27
N ASP Q 60 37.54 -43.39 -42.15
CA ASP Q 60 36.68 -43.43 -40.96
C ASP Q 60 35.34 -42.77 -41.23
N ARG Q 61 35.33 -41.66 -41.97
CA ARG Q 61 34.08 -40.94 -42.24
C ARG Q 61 33.11 -41.76 -43.07
N ASP Q 62 33.60 -42.79 -43.78
CA ASP Q 62 32.78 -43.62 -44.64
C ASP Q 62 32.48 -44.99 -44.01
N GLU Q 63 32.50 -45.08 -42.69
CA GLU Q 63 32.11 -46.32 -42.04
C GLU Q 63 30.63 -46.63 -42.19
N SER Q 64 29.82 -45.66 -42.64
CA SER Q 64 28.39 -45.88 -42.76
C SER Q 64 27.81 -45.29 -44.04
N SER Q 65 28.61 -45.22 -45.10
CA SER Q 65 28.08 -44.75 -46.37
C SER Q 65 27.19 -45.81 -46.99
N PRO Q 66 26.18 -45.42 -47.76
CA PRO Q 66 25.31 -46.41 -48.40
C PRO Q 66 26.07 -47.37 -49.29
N TYR Q 67 27.13 -46.94 -49.95
CA TYR Q 67 27.97 -47.87 -50.69
C TYR Q 67 28.62 -48.87 -49.74
N ALA Q 68 29.13 -48.40 -48.61
CA ALA Q 68 29.75 -49.31 -47.64
C ALA Q 68 28.73 -50.28 -47.08
N ALA Q 69 27.52 -49.80 -46.79
CA ALA Q 69 26.49 -50.68 -46.26
C ALA Q 69 26.02 -51.70 -47.29
N MET Q 70 25.94 -51.30 -48.55
CA MET Q 70 25.47 -52.23 -49.58
C MET Q 70 26.55 -53.23 -49.96
N THR Q 71 27.81 -52.79 -50.03
CA THR Q 71 28.89 -53.73 -50.32
C THR Q 71 29.01 -54.79 -49.23
N ALA Q 72 28.93 -54.37 -47.97
CA ALA Q 72 28.97 -55.32 -46.86
C ALA Q 72 27.77 -56.26 -46.92
N ALA Q 73 26.57 -55.70 -47.13
CA ALA Q 73 25.38 -56.54 -47.22
C ALA Q 73 25.45 -57.45 -48.44
N GLN Q 74 26.09 -57.01 -49.51
CA GLN Q 74 26.30 -57.87 -50.66
C GLN Q 74 27.09 -59.11 -50.26
N ASP Q 75 28.31 -58.91 -49.76
CA ASP Q 75 29.19 -60.03 -49.44
C ASP Q 75 28.61 -60.91 -48.35
N VAL Q 76 27.76 -60.34 -47.47
CA VAL Q 76 27.12 -61.14 -46.44
C VAL Q 76 26.22 -62.19 -47.06
N ALA Q 77 25.43 -61.79 -48.07
CA ALA Q 77 24.48 -62.72 -48.66
C ALA Q 77 25.18 -63.91 -49.28
N LYS Q 78 26.29 -63.67 -49.99
CA LYS Q 78 26.98 -64.74 -50.70
C LYS Q 78 27.32 -65.90 -49.76
N ARG Q 79 27.72 -65.58 -48.53
CA ARG Q 79 27.95 -66.63 -47.54
C ARG Q 79 26.65 -67.30 -47.13
N CYS Q 80 25.56 -66.54 -47.04
CA CYS Q 80 24.30 -67.11 -46.60
C CYS Q 80 23.80 -68.16 -47.58
N LYS Q 81 23.77 -67.85 -48.87
CA LYS Q 81 23.39 -68.88 -49.84
C LYS Q 81 24.44 -69.97 -49.92
N ASP Q 82 25.69 -69.67 -49.59
CA ASP Q 82 26.72 -70.70 -49.55
C ASP Q 82 26.45 -71.69 -48.42
N LEU Q 83 25.90 -71.22 -47.31
CA LEU Q 83 25.63 -72.05 -46.15
C LEU Q 83 24.20 -72.53 -46.10
N GLY Q 84 23.35 -72.03 -47.00
CA GLY Q 84 21.99 -72.50 -47.14
C GLY Q 84 20.92 -71.54 -46.68
N VAL Q 85 21.28 -70.49 -45.97
CA VAL Q 85 20.30 -69.49 -45.56
C VAL Q 85 19.99 -68.60 -46.76
N THR Q 86 18.74 -68.59 -47.19
CA THR Q 86 18.34 -67.81 -48.35
C THR Q 86 17.30 -66.74 -48.03
N SER Q 87 16.49 -66.93 -46.99
CA SER Q 87 15.43 -66.01 -46.64
C SER Q 87 15.68 -65.45 -45.25
N LEU Q 88 15.44 -64.15 -45.10
CA LEU Q 88 15.84 -63.43 -43.89
C LEU Q 88 14.66 -62.66 -43.32
N HIS Q 89 14.38 -62.87 -42.03
CA HIS Q 89 13.48 -62.00 -41.28
C HIS Q 89 14.26 -60.75 -40.89
N ILE Q 90 14.07 -59.67 -41.65
CA ILE Q 90 14.79 -58.45 -41.38
C ILE Q 90 14.33 -57.84 -40.07
N LYS Q 91 15.26 -57.23 -39.35
CA LYS Q 91 14.96 -56.48 -38.13
C LYS Q 91 15.74 -55.18 -38.18
N MET Q 92 15.03 -54.07 -38.28
CA MET Q 92 15.66 -52.76 -38.42
C MET Q 92 15.84 -52.12 -37.05
N ARG Q 93 16.98 -51.46 -36.87
CA ARG Q 93 17.29 -50.90 -35.55
C ARG Q 93 18.34 -49.80 -35.69
N GLY Q 94 18.16 -48.73 -34.90
CA GLY Q 94 19.16 -47.71 -34.76
C GLY Q 94 19.47 -47.48 -33.29
N GLU Q 95 20.49 -46.65 -33.05
CA GLU Q 95 20.93 -46.37 -31.68
C GLU Q 95 19.89 -45.48 -31.00
N GLY Q 96 18.81 -46.10 -30.56
CA GLY Q 96 17.69 -45.33 -30.04
C GLY Q 96 17.32 -45.56 -28.59
N GLY Q 97 18.30 -45.74 -27.72
CA GLY Q 97 17.97 -45.89 -26.31
C GLY Q 97 17.50 -44.57 -25.73
N VAL Q 98 18.41 -43.62 -25.55
CA VAL Q 98 18.05 -42.24 -25.24
C VAL Q 98 18.42 -41.31 -26.38
N TYR Q 99 19.00 -41.83 -27.45
CA TYR Q 99 19.41 -41.05 -28.60
C TYR Q 99 18.41 -41.25 -29.73
N SER Q 100 18.75 -40.75 -30.91
CA SER Q 100 17.82 -40.74 -32.03
C SER Q 100 17.35 -42.15 -32.37
N LYS Q 101 16.03 -42.32 -32.50
CA LYS Q 101 15.43 -43.61 -32.77
C LYS Q 101 15.23 -43.87 -34.26
N THR Q 102 15.68 -42.98 -35.12
CA THR Q 102 15.56 -43.16 -36.56
C THR Q 102 16.76 -43.95 -37.09
N PRO Q 103 16.53 -44.99 -37.88
CA PRO Q 103 17.67 -45.73 -38.47
C PRO Q 103 18.53 -44.82 -39.32
N GLY Q 104 19.83 -45.09 -39.28
CA GLY Q 104 20.80 -44.25 -39.95
C GLY Q 104 20.70 -44.30 -41.46
N PRO Q 105 21.72 -43.77 -42.14
CA PRO Q 105 21.64 -43.64 -43.60
C PRO Q 105 21.69 -44.97 -44.33
N GLY Q 106 22.65 -45.82 -43.99
CA GLY Q 106 22.87 -47.05 -44.72
C GLY Q 106 21.88 -48.17 -44.47
N ALA Q 107 20.87 -47.94 -43.63
CA ALA Q 107 19.91 -49.00 -43.33
C ALA Q 107 19.18 -49.46 -44.59
N GLN Q 108 18.65 -48.51 -45.37
CA GLN Q 108 17.91 -48.88 -46.57
C GLN Q 108 18.81 -49.52 -47.61
N ALA Q 109 20.04 -49.03 -47.73
CA ALA Q 109 20.97 -49.60 -48.70
C ALA Q 109 21.28 -51.05 -48.37
N ALA Q 110 21.48 -51.35 -47.09
CA ALA Q 110 21.79 -52.72 -46.68
C ALA Q 110 20.62 -53.65 -46.97
N LEU Q 111 19.41 -53.23 -46.64
CA LEU Q 111 18.24 -54.06 -46.91
C LEU Q 111 18.06 -54.27 -48.41
N ARG Q 112 18.13 -53.17 -49.17
CA ARG Q 112 17.98 -53.26 -50.62
C ARG Q 112 19.06 -54.12 -51.24
N ALA Q 113 20.30 -54.00 -50.73
CA ALA Q 113 21.39 -54.82 -51.26
C ALA Q 113 21.09 -56.30 -51.12
N LEU Q 114 20.54 -56.71 -49.99
CA LEU Q 114 20.12 -58.10 -49.82
C LEU Q 114 19.02 -58.45 -50.82
N ALA Q 115 18.07 -57.55 -51.03
CA ALA Q 115 16.99 -57.82 -51.98
C ALA Q 115 17.54 -57.96 -53.39
N ARG Q 116 18.45 -57.07 -53.80
CA ARG Q 116 19.11 -57.25 -55.09
C ARG Q 116 19.95 -58.51 -55.11
N ALA Q 117 20.41 -58.96 -53.95
CA ALA Q 117 21.24 -60.15 -53.85
C ALA Q 117 20.46 -61.44 -54.00
N ASN Q 118 19.21 -61.36 -54.47
CA ASN Q 118 18.36 -62.53 -54.66
C ASN Q 118 18.19 -63.30 -53.36
N MET Q 119 17.59 -62.63 -52.38
CA MET Q 119 17.25 -63.23 -51.11
C MET Q 119 15.78 -62.98 -50.83
N LYS Q 120 15.07 -64.04 -50.44
CA LYS Q 120 13.68 -63.88 -50.03
C LYS Q 120 13.64 -63.07 -48.74
N ILE Q 121 12.68 -62.15 -48.66
CA ILE Q 121 12.55 -61.26 -47.53
C ILE Q 121 11.28 -61.63 -46.78
N GLY Q 122 11.43 -62.05 -45.53
CA GLY Q 122 10.30 -62.42 -44.71
C GLY Q 122 9.70 -61.24 -43.99
N ARG Q 123 9.50 -61.38 -42.69
CA ARG Q 123 9.00 -60.26 -41.90
C ARG Q 123 10.04 -59.17 -41.82
N ILE Q 124 9.56 -57.92 -41.82
CA ILE Q 124 10.40 -56.76 -41.60
C ILE Q 124 9.86 -56.04 -40.37
N GLU Q 125 10.71 -55.82 -39.39
CA GLU Q 125 10.28 -55.20 -38.13
C GLU Q 125 11.31 -54.18 -37.70
N ASP Q 126 10.83 -53.18 -36.95
CA ASP Q 126 11.69 -52.18 -36.33
C ASP Q 126 11.94 -52.61 -34.89
N VAL Q 127 13.18 -52.96 -34.58
CA VAL Q 127 13.54 -53.43 -33.25
C VAL Q 127 14.41 -52.40 -32.57
N THR Q 128 14.24 -51.13 -32.92
CA THR Q 128 14.88 -50.07 -32.19
C THR Q 128 14.28 -50.00 -30.80
N PRO Q 129 15.09 -50.02 -29.74
CA PRO Q 129 14.52 -50.02 -28.38
C PRO Q 129 13.83 -48.71 -28.06
N ILE Q 130 12.67 -48.80 -27.44
CA ILE Q 130 11.90 -47.64 -27.02
C ILE Q 130 11.85 -47.65 -25.49
N PRO Q 131 12.58 -46.78 -24.81
CA PRO Q 131 12.56 -46.78 -23.34
C PRO Q 131 11.18 -46.44 -22.83
N THR Q 132 10.58 -47.38 -22.09
CA THR Q 132 9.38 -47.04 -21.34
C THR Q 132 9.66 -45.85 -20.44
N ASP Q 133 10.78 -45.89 -19.70
CA ASP Q 133 11.32 -44.74 -19.01
C ASP Q 133 12.84 -44.80 -19.10
N CYS Q 134 13.49 -43.65 -19.00
CA CYS Q 134 14.85 -43.51 -19.46
C CYS Q 134 15.76 -43.00 -18.35
N THR Q 135 17.06 -43.22 -18.57
CA THR Q 135 18.11 -42.65 -17.73
C THR Q 135 18.38 -41.22 -18.19
N LYS Q 136 19.45 -40.63 -17.69
CA LYS Q 136 19.87 -39.33 -18.17
C LYS Q 136 20.49 -39.45 -19.56
N ARG Q 137 20.46 -38.35 -20.30
CA ARG Q 137 21.04 -38.28 -21.62
C ARG Q 137 22.29 -37.39 -21.59
N LYS Q 138 23.25 -37.73 -22.43
CA LYS Q 138 24.52 -37.01 -22.45
C LYS Q 138 24.32 -35.60 -23.02
N GLY Q 139 24.97 -34.62 -22.40
CA GLY Q 139 24.96 -33.26 -22.93
C GLY Q 139 24.64 -32.19 -21.90
N GLY Q 140 24.10 -32.57 -20.75
CA GLY Q 140 23.72 -31.59 -19.76
C GLY Q 140 22.42 -30.90 -20.13
N ARG Q 141 22.18 -29.77 -19.46
CA ARG Q 141 20.96 -29.01 -19.72
C ARG Q 141 20.94 -28.46 -21.13
N ARG Q 142 22.00 -27.77 -21.53
CA ARG Q 142 22.01 -26.94 -22.72
C ARG Q 142 22.34 -27.72 -23.98
N GLY Q 143 22.60 -29.00 -23.88
CA GLY Q 143 22.76 -29.81 -25.07
C GLY Q 143 24.07 -29.54 -25.81
N ARG Q 144 24.12 -30.10 -27.01
CA ARG Q 144 25.32 -30.05 -27.82
C ARG Q 144 25.38 -28.74 -28.59
N ARG Q 145 26.51 -28.05 -28.50
CA ARG Q 145 26.64 -26.74 -29.12
C ARG Q 145 27.74 -26.73 -30.18
N VAL R 2 -15.21 -6.72 -0.35
CA VAL R 2 -16.59 -6.87 0.09
C VAL R 2 -17.36 -5.59 -0.15
N ARG R 3 -18.69 -5.69 -0.19
CA ARG R 3 -19.52 -4.51 -0.37
C ARG R 3 -19.42 -3.63 0.86
N VAL R 4 -18.74 -2.50 0.73
CA VAL R 4 -18.55 -1.57 1.82
C VAL R 4 -19.61 -0.47 1.82
N ASN R 5 -19.79 0.17 0.66
CA ASN R 5 -20.74 1.27 0.52
C ASN R 5 -21.73 0.93 -0.58
N VAL R 6 -23.01 0.89 -0.23
CA VAL R 6 -24.03 0.68 -1.25
C VAL R 6 -24.13 1.89 -2.16
N LEU R 7 -23.99 3.09 -1.60
CA LEU R 7 -24.11 4.31 -2.40
C LEU R 7 -23.02 4.37 -3.46
N ALA R 8 -21.79 3.98 -3.11
CA ALA R 8 -20.70 3.98 -4.08
C ALA R 8 -20.97 3.01 -5.22
N ASP R 9 -21.47 1.82 -4.89
CA ASP R 9 -21.80 0.84 -5.92
C ASP R 9 -22.97 1.32 -6.78
N ALA R 10 -23.97 1.95 -6.15
CA ALA R 10 -25.15 2.36 -6.88
C ALA R 10 -24.81 3.39 -7.95
N LEU R 11 -24.12 4.45 -7.58
CA LEU R 11 -23.88 5.54 -8.51
C LEU R 11 -22.97 5.12 -9.65
N LYS R 12 -22.00 4.24 -9.39
CA LYS R 12 -21.18 3.73 -10.47
C LYS R 12 -21.99 2.87 -11.43
N SER R 13 -23.01 2.19 -10.92
CA SER R 13 -23.90 1.43 -11.81
C SER R 13 -24.70 2.34 -12.71
N ILE R 14 -25.11 3.50 -12.18
CA ILE R 14 -25.91 4.44 -12.98
C ILE R 14 -25.05 5.08 -14.06
N THR R 15 -23.84 5.50 -13.71
CA THR R 15 -22.99 6.20 -14.67
C THR R 15 -22.64 5.31 -15.86
N ASN R 16 -22.26 4.06 -15.59
CA ASN R 16 -21.86 3.17 -16.67
C ASN R 16 -23.02 2.87 -17.61
N ALA R 17 -24.24 2.81 -17.09
CA ALA R 17 -25.40 2.62 -17.94
C ALA R 17 -25.68 3.85 -18.78
N GLU R 18 -25.68 5.03 -18.16
CA GLU R 18 -25.97 6.25 -18.89
C GLU R 18 -24.85 6.59 -19.86
N LYS R 19 -23.61 6.19 -19.53
CA LYS R 19 -22.53 6.30 -20.50
C LYS R 19 -22.79 5.40 -21.70
N GLN R 20 -23.36 4.23 -21.46
CA GLN R 20 -23.65 3.28 -22.53
C GLN R 20 -25.05 3.51 -23.08
N GLN R 24 -32.75 2.20 -18.72
CA GLN R 24 -32.90 2.05 -17.28
C GLN R 24 -31.77 1.20 -16.69
N VAL R 25 -31.48 1.42 -15.41
CA VAL R 25 -30.42 0.71 -14.71
C VAL R 25 -30.99 0.12 -13.42
N MET R 26 -30.33 -0.92 -12.92
CA MET R 26 -30.81 -1.70 -11.81
C MET R 26 -29.81 -1.63 -10.65
N ILE R 27 -30.34 -1.49 -9.44
CA ILE R 27 -29.52 -1.45 -8.23
C ILE R 27 -30.05 -2.52 -7.29
N ARG R 28 -29.22 -3.51 -6.97
CA ARG R 28 -29.70 -4.68 -6.25
C ARG R 28 -29.93 -4.39 -4.76
N PRO R 29 -28.95 -3.84 -4.02
CA PRO R 29 -29.24 -3.48 -2.63
C PRO R 29 -29.77 -2.06 -2.51
N ALA R 30 -30.87 -1.88 -1.79
CA ALA R 30 -31.47 -0.56 -1.61
C ALA R 30 -31.42 -0.19 -0.14
N SER R 31 -30.97 1.03 0.14
CA SER R 31 -30.78 1.51 1.50
C SER R 31 -31.63 2.76 1.73
N LYS R 32 -31.49 3.31 2.93
CA LYS R 32 -32.13 4.58 3.26
C LYS R 32 -31.40 5.76 2.65
N VAL R 33 -30.21 5.56 2.12
CA VAL R 33 -29.43 6.66 1.54
C VAL R 33 -29.47 6.58 0.03
N ILE R 34 -29.53 5.37 -0.52
CA ILE R 34 -29.51 5.21 -1.98
C ILE R 34 -30.74 5.86 -2.60
N CYS R 35 -31.92 5.54 -2.08
CA CYS R 35 -33.14 6.04 -2.68
C CYS R 35 -33.27 7.54 -2.52
N GLU R 36 -33.11 8.03 -1.29
CA GLU R 36 -33.30 9.45 -1.04
C GLU R 36 -32.15 10.29 -1.59
N PHE R 37 -31.05 9.66 -2.00
CA PHE R 37 -30.12 10.33 -2.91
C PHE R 37 -30.79 10.61 -4.25
N LEU R 38 -31.59 9.67 -4.74
CA LEU R 38 -32.22 9.82 -6.05
C LEU R 38 -33.28 10.89 -6.05
N ASN R 39 -33.98 11.08 -4.92
CA ASN R 39 -35.01 12.11 -4.85
C ASN R 39 -34.42 13.50 -5.09
N VAL R 40 -33.16 13.70 -4.72
CA VAL R 40 -32.48 14.93 -5.10
C VAL R 40 -32.19 14.93 -6.59
N MET R 41 -31.75 13.79 -7.13
CA MET R 41 -31.44 13.70 -8.54
C MET R 41 -32.68 13.68 -9.42
N MET R 42 -33.86 13.50 -8.83
CA MET R 42 -35.11 13.52 -9.58
C MET R 42 -35.80 14.87 -9.50
N LYS R 43 -35.63 15.60 -8.39
CA LYS R 43 -36.19 16.94 -8.30
C LYS R 43 -35.33 17.97 -9.02
N HIS R 44 -34.12 17.60 -9.42
CA HIS R 44 -33.39 18.33 -10.44
C HIS R 44 -33.69 17.81 -11.84
N GLN R 45 -34.60 16.85 -11.97
CA GLN R 45 -35.10 16.21 -13.20
C GLN R 45 -34.08 15.27 -13.83
N TYR R 46 -32.84 15.21 -13.31
CA TYR R 46 -31.78 14.45 -13.96
C TYR R 46 -32.14 12.99 -14.19
N ILE R 47 -32.99 12.44 -13.35
CA ILE R 47 -33.52 11.10 -13.55
C ILE R 47 -35.04 11.20 -13.61
N THR R 48 -35.64 10.42 -14.51
CA THR R 48 -37.09 10.37 -14.62
C THR R 48 -37.73 9.84 -13.35
N THR R 55 -37.83 -7.68 -1.94
CA THR R 55 -37.45 -9.09 -2.04
C THR R 55 -37.13 -9.66 -0.67
N HIS R 56 -37.53 -8.94 0.38
CA HIS R 56 -37.31 -9.26 1.78
C HIS R 56 -35.85 -9.14 2.19
N ARG R 57 -34.96 -8.79 1.26
CA ARG R 57 -33.52 -8.78 1.49
C ARG R 57 -32.92 -7.48 0.96
N SER R 58 -33.50 -6.34 1.35
CA SER R 58 -33.11 -5.04 0.81
C SER R 58 -33.30 -5.01 -0.70
N GLY R 59 -34.57 -5.08 -1.09
CA GLY R 59 -34.95 -5.31 -2.47
C GLY R 59 -34.32 -4.41 -3.50
N LYS R 60 -34.40 -4.81 -4.76
CA LYS R 60 -33.70 -4.14 -5.84
C LYS R 60 -34.35 -2.81 -6.20
N LEU R 65 -33.49 6.63 -16.66
CA LEU R 65 -32.39 7.42 -17.20
C LEU R 65 -32.83 8.09 -18.49
N ASN R 66 -32.74 9.43 -18.57
CA ASN R 66 -33.16 10.16 -19.76
C ASN R 66 -32.05 11.12 -20.18
N GLY R 67 -31.04 10.60 -20.87
CA GLY R 67 -30.10 11.41 -21.64
C GLY R 67 -29.62 12.70 -21.00
N ARG R 68 -29.65 12.78 -19.68
CA ARG R 68 -29.38 14.05 -19.01
C ARG R 68 -28.27 13.91 -18.00
N LEU R 69 -28.19 12.75 -17.36
CA LEU R 69 -27.15 12.52 -16.37
C LEU R 69 -25.79 12.44 -17.04
N ASN R 70 -24.84 13.24 -16.57
CA ASN R 70 -23.50 13.21 -17.12
C ASN R 70 -22.60 12.28 -16.32
N LYS R 71 -22.52 12.49 -15.01
CA LYS R 71 -21.75 11.63 -14.14
C LYS R 71 -22.19 11.87 -12.71
N CYS R 72 -22.58 10.80 -12.02
CA CYS R 72 -22.91 10.87 -10.61
C CYS R 72 -21.95 9.96 -9.86
N ALA R 73 -21.34 10.48 -8.80
CA ALA R 73 -20.38 9.72 -8.03
C ALA R 73 -20.52 10.09 -6.56
N VAL R 74 -20.08 9.18 -5.70
CA VAL R 74 -20.02 9.43 -4.27
C VAL R 74 -18.66 9.99 -3.94
N ILE R 75 -18.53 10.58 -2.75
CA ILE R 75 -17.25 11.01 -2.21
C ILE R 75 -16.88 10.07 -1.08
N SER R 76 -15.65 9.56 -1.11
CA SER R 76 -15.10 8.72 -0.05
C SER R 76 -14.94 9.63 1.18
N PRO R 77 -14.41 9.15 2.32
CA PRO R 77 -15.07 9.39 3.61
C PRO R 77 -15.79 10.71 3.73
N ARG R 78 -17.01 10.67 4.24
CA ARG R 78 -17.91 11.81 4.19
C ARG R 78 -17.39 12.92 5.07
N PHE R 79 -16.63 13.85 4.50
CA PHE R 79 -16.05 14.94 5.24
C PHE R 79 -17.15 15.84 5.77
N ASN R 80 -17.20 16.03 7.08
CA ASN R 80 -17.98 17.12 7.66
C ASN R 80 -17.74 18.43 6.93
N VAL R 81 -18.81 19.10 6.52
CA VAL R 81 -18.71 20.32 5.73
C VAL R 81 -19.31 21.44 6.54
N THR R 82 -18.52 22.46 6.83
CA THR R 82 -19.04 23.70 7.39
C THR R 82 -19.79 24.46 6.30
N LEU R 83 -20.62 25.41 6.72
CA LEU R 83 -21.28 26.28 5.75
C LEU R 83 -20.27 27.11 4.98
N SER R 84 -19.26 27.64 5.66
CA SER R 84 -18.22 28.40 4.98
C SER R 84 -17.44 27.54 4.00
N GLU R 85 -17.43 26.22 4.19
CA GLU R 85 -16.65 25.31 3.37
C GLU R 85 -17.35 24.97 2.06
N PHE R 86 -18.62 25.36 1.91
CA PHE R 86 -19.37 25.02 0.70
C PHE R 86 -18.65 25.51 -0.56
N ASP R 87 -18.07 26.70 -0.50
CA ASP R 87 -17.45 27.28 -1.68
C ASP R 87 -16.28 26.45 -2.18
N LYS R 88 -15.55 25.81 -1.27
CA LYS R 88 -14.40 25.02 -1.70
C LYS R 88 -14.84 23.74 -2.40
N TRP R 89 -15.90 23.11 -1.90
CA TRP R 89 -16.33 21.84 -2.48
C TRP R 89 -16.97 22.03 -3.84
N GLU R 90 -17.83 23.04 -3.99
CA GLU R 90 -18.44 23.31 -5.30
C GLU R 90 -17.39 23.70 -6.32
N ALA R 91 -16.42 24.53 -5.93
CA ALA R 91 -15.36 24.93 -6.84
C ALA R 91 -14.53 23.76 -7.32
N ASN R 92 -14.52 22.66 -6.56
CA ASN R 92 -13.73 21.49 -6.93
C ASN R 92 -14.53 20.49 -7.75
N LEU R 93 -15.73 20.13 -7.28
CA LEU R 93 -16.47 19.01 -7.84
C LEU R 93 -17.56 19.43 -8.81
N LEU R 94 -17.69 20.71 -9.10
CA LEU R 94 -18.80 21.06 -9.99
C LEU R 94 -18.28 21.61 -11.31
N PRO R 95 -18.88 21.21 -12.42
CA PRO R 95 -18.38 21.66 -13.73
C PRO R 95 -18.41 23.16 -13.90
N SER R 96 -19.40 23.85 -13.32
CA SER R 96 -19.50 25.30 -13.42
C SER R 96 -20.16 25.82 -12.16
N ARG R 97 -20.58 27.08 -12.20
CA ARG R 97 -21.30 27.69 -11.09
C ARG R 97 -22.81 27.66 -11.29
N HIS R 98 -23.29 26.93 -12.30
CA HIS R 98 -24.71 26.94 -12.63
C HIS R 98 -25.30 25.57 -12.93
N PHE R 99 -24.50 24.50 -12.98
CA PHE R 99 -24.93 23.25 -13.58
C PHE R 99 -25.10 22.13 -12.57
N GLY R 100 -24.05 21.78 -11.83
CA GLY R 100 -24.05 20.56 -11.04
C GLY R 100 -24.86 20.69 -9.76
N ALA R 101 -24.67 19.71 -8.88
CA ALA R 101 -25.32 19.71 -7.58
C ALA R 101 -24.60 18.76 -6.65
N LEU R 102 -24.19 19.25 -5.49
CA LEU R 102 -23.72 18.38 -4.42
C LEU R 102 -24.91 17.63 -3.81
N VAL R 103 -24.60 16.64 -2.99
CA VAL R 103 -25.61 15.97 -2.17
C VAL R 103 -25.07 15.91 -0.75
N LEU R 104 -25.79 16.52 0.18
CA LEU R 104 -25.37 16.58 1.56
C LEU R 104 -26.34 15.81 2.43
N THR R 105 -25.81 15.07 3.40
CA THR R 105 -26.60 14.54 4.49
C THR R 105 -26.41 15.46 5.69
N THR R 106 -27.51 16.06 6.14
CA THR R 106 -27.49 17.04 7.21
C THR R 106 -28.46 16.63 8.30
N SER R 107 -28.54 17.45 9.34
CA SER R 107 -29.43 17.15 10.44
C SER R 107 -30.90 17.13 10.03
N TYR R 108 -31.23 17.71 8.89
CA TYR R 108 -32.60 17.77 8.39
C TYR R 108 -32.75 16.99 7.09
N GLY R 109 -32.16 15.80 7.03
CA GLY R 109 -32.31 14.95 5.88
C GLY R 109 -31.23 15.16 4.84
N ILE R 110 -31.36 14.43 3.75
CA ILE R 110 -30.39 14.46 2.65
C ILE R 110 -30.83 15.55 1.68
N LEU R 111 -30.01 16.59 1.57
CA LEU R 111 -30.30 17.73 0.70
C LEU R 111 -29.13 17.98 -0.23
N ASP R 112 -29.16 19.10 -0.94
CA ASP R 112 -28.07 19.51 -1.80
C ASP R 112 -27.61 20.91 -1.38
N ASN R 113 -26.68 21.47 -2.15
CA ASN R 113 -26.07 22.74 -1.79
C ASN R 113 -27.01 23.92 -1.88
N THR R 114 -28.21 23.73 -2.45
CA THR R 114 -29.15 24.83 -2.56
C THR R 114 -29.88 25.08 -1.24
N GLU R 115 -30.68 24.10 -0.78
CA GLU R 115 -31.43 24.31 0.45
C GLU R 115 -30.57 24.19 1.69
N ALA R 116 -29.52 23.37 1.67
CA ALA R 116 -28.60 23.33 2.80
C ALA R 116 -27.96 24.69 3.02
N ARG R 117 -27.78 25.46 1.95
CA ARG R 117 -27.39 26.86 2.11
C ARG R 117 -28.57 27.69 2.63
N ALA R 118 -29.79 27.28 2.34
CA ALA R 118 -30.97 28.02 2.78
C ALA R 118 -31.50 27.51 4.11
N LYS R 119 -31.37 26.22 4.38
CA LYS R 119 -31.72 25.70 5.69
C LYS R 119 -30.73 26.12 6.77
N HIS R 120 -29.61 26.73 6.37
CA HIS R 120 -28.60 27.24 7.30
C HIS R 120 -28.06 26.11 8.17
N THR R 121 -27.40 25.15 7.52
CA THR R 121 -26.79 24.04 8.22
C THR R 121 -25.69 23.44 7.35
N GLY R 122 -24.82 22.68 7.99
CA GLY R 122 -23.78 21.95 7.27
C GLY R 122 -23.88 20.48 7.57
N GLY R 123 -22.77 19.76 7.47
CA GLY R 123 -22.77 18.35 7.77
C GLY R 123 -21.90 17.60 6.78
N ARG R 124 -22.20 16.32 6.63
CA ARG R 124 -21.39 15.47 5.78
C ARG R 124 -21.84 15.56 4.33
N ILE R 125 -20.98 15.09 3.44
CA ILE R 125 -21.21 15.17 2.00
C ILE R 125 -21.26 13.75 1.45
N LEU R 126 -22.28 13.47 0.64
CA LEU R 126 -22.42 12.14 0.05
C LEU R 126 -21.72 12.05 -1.29
N GLY R 127 -22.13 12.86 -2.25
CA GLY R 127 -21.60 12.79 -3.60
C GLY R 127 -22.05 13.95 -4.45
N PHE R 128 -22.28 13.73 -5.74
CA PHE R 128 -22.68 14.80 -6.63
C PHE R 128 -23.28 14.21 -7.90
N PHE R 129 -23.71 15.10 -8.79
CA PHE R 129 -24.13 14.72 -10.13
C PHE R 129 -24.12 15.98 -10.99
N TYR R 130 -23.57 15.85 -12.19
CA TYR R 130 -23.50 16.99 -13.11
C TYR R 130 -24.83 17.14 -13.84
N ALA S 2 -4.66 3.70 2.76
CA ALA S 2 -5.80 4.06 3.60
C ALA S 2 -6.42 5.36 3.13
N ARG S 3 -7.75 5.41 3.14
CA ARG S 3 -8.46 6.61 2.76
C ARG S 3 -9.52 7.01 3.77
N GLY S 4 -9.88 6.13 4.71
CA GLY S 4 -11.01 6.41 5.59
C GLY S 4 -10.80 7.63 6.45
N LEU S 5 -11.91 8.09 7.03
CA LEU S 5 -11.91 9.35 7.76
C LEU S 5 -11.04 9.28 9.02
N HIS S 6 -10.88 8.11 9.60
CA HIS S 6 -10.11 7.98 10.83
C HIS S 6 -8.68 7.52 10.60
N ALA S 7 -8.28 7.33 9.35
CA ALA S 7 -6.91 6.88 9.05
C ALA S 7 -5.97 8.05 8.79
N ALA S 8 -5.94 9.02 9.69
CA ALA S 8 -4.98 10.12 9.55
C ALA S 8 -3.62 9.78 10.13
N ARG S 9 -3.51 8.68 10.88
CA ARG S 9 -2.22 8.31 11.45
C ARG S 9 -1.30 7.73 10.39
N LYS S 10 -1.81 6.85 9.53
CA LYS S 10 -0.95 6.21 8.53
C LYS S 10 -0.44 7.21 7.50
N MET S 11 -1.35 7.99 6.89
CA MET S 11 -0.92 8.87 5.81
C MET S 11 0.05 9.93 6.31
N LEU S 12 -0.16 10.43 7.54
CA LEU S 12 0.86 11.25 8.15
C LEU S 12 2.15 10.47 8.34
N ALA S 13 2.04 9.22 8.80
CA ALA S 13 3.23 8.40 8.96
C ALA S 13 3.81 7.99 7.63
N GLN S 14 2.95 7.68 6.65
CA GLN S 14 3.44 7.29 5.33
C GLN S 14 4.24 8.40 4.69
N ARG S 15 3.76 9.64 4.78
CA ARG S 15 4.46 10.75 4.14
C ARG S 15 5.82 10.99 4.79
N ARG S 16 5.91 10.88 6.11
CA ARG S 16 7.18 11.11 6.78
C ARG S 16 8.24 10.12 6.31
N ALA S 17 7.85 8.86 6.08
CA ALA S 17 8.81 7.87 5.61
C ALA S 17 9.25 8.17 4.18
N ASN S 18 8.30 8.54 3.31
CA ASN S 18 8.62 8.71 1.90
C ASN S 18 9.39 10.00 1.63
N LYS S 19 9.39 10.94 2.56
CA LYS S 19 10.15 12.17 2.35
C LYS S 19 11.64 11.90 2.32
N TRP S 20 12.10 10.87 3.03
CA TRP S 20 13.53 10.57 3.07
C TRP S 20 14.07 10.12 1.72
N ALA S 21 13.20 9.66 0.82
CA ALA S 21 13.65 9.34 -0.53
C ALA S 21 14.03 10.57 -1.32
N ASP S 22 13.59 11.76 -0.89
CA ASP S 22 13.85 12.97 -1.64
C ASP S 22 15.31 13.36 -1.50
N LYS S 23 16.03 13.36 -2.61
CA LYS S 23 17.44 13.70 -2.59
C LYS S 23 17.66 15.13 -2.12
N GLU S 24 16.89 16.07 -2.68
CA GLU S 24 17.07 17.47 -2.33
C GLU S 24 16.65 17.75 -0.89
N TRP S 25 15.54 17.17 -0.46
CA TRP S 25 15.02 17.43 0.89
C TRP S 25 15.91 16.79 1.96
N LYS S 26 16.39 15.57 1.71
CA LYS S 26 17.20 14.87 2.70
C LYS S 26 18.54 15.57 2.91
N LYS S 27 19.14 16.09 1.84
CA LYS S 27 20.44 16.74 1.96
C LYS S 27 20.40 17.92 2.91
N GLY S 28 19.26 18.57 3.04
CA GLY S 28 19.09 19.69 3.93
C GLY S 28 18.65 19.36 5.34
N LYS S 29 18.63 18.08 5.71
CA LYS S 29 18.23 17.74 7.07
C LYS S 29 19.22 16.85 7.78
N LEU S 30 19.84 15.90 7.08
CA LEU S 30 20.82 15.06 7.73
C LEU S 30 22.12 15.81 7.91
N VAL S 31 23.00 15.27 8.76
CA VAL S 31 24.19 16.00 9.21
C VAL S 31 25.29 15.70 8.21
N THR S 32 25.29 16.48 7.11
CA THR S 32 26.45 16.60 6.24
C THR S 32 26.78 18.04 5.89
N ARG S 33 25.83 18.97 6.03
CA ARG S 33 26.11 20.37 5.79
C ARG S 33 26.99 20.98 6.87
N TYR S 34 27.23 20.25 7.95
CA TYR S 34 28.09 20.72 9.03
C TYR S 34 29.40 19.95 9.14
N LYS S 35 29.56 18.86 8.39
CA LYS S 35 30.79 18.09 8.46
C LYS S 35 31.35 17.73 7.09
N CYS S 36 30.49 17.63 6.08
CA CYS S 36 30.94 17.25 4.74
C CYS S 36 31.02 18.42 3.77
N ASN S 37 30.22 19.44 3.97
CA ASN S 37 30.31 20.63 3.14
C ASN S 37 31.57 21.40 3.50
N PRO S 38 32.49 21.63 2.55
CA PRO S 38 33.66 22.45 2.86
C PRO S 38 33.30 23.87 3.28
N LEU S 39 32.23 24.41 2.71
CA LEU S 39 31.71 25.71 3.06
C LEU S 39 30.80 25.70 4.27
N GLY S 40 30.52 24.52 4.83
CA GLY S 40 29.51 24.42 5.86
C GLY S 40 28.17 24.85 5.29
N THR S 41 27.50 25.76 6.00
CA THR S 41 26.29 26.40 5.52
C THR S 41 26.55 27.80 4.98
N ALA S 42 27.81 28.18 4.84
CA ALA S 42 28.19 29.55 4.52
C ALA S 42 28.21 29.79 3.02
N SER S 43 28.18 31.07 2.64
CA SER S 43 28.16 31.46 1.24
C SER S 43 29.57 31.45 0.64
N HIS S 44 30.45 32.29 1.19
CA HIS S 44 31.84 32.39 0.76
C HIS S 44 32.74 31.75 1.80
N ALA S 45 34.02 31.64 1.46
CA ALA S 45 34.97 31.00 2.38
C ALA S 45 36.36 31.56 2.12
N LYS S 46 36.87 32.34 3.06
CA LYS S 46 38.25 32.80 2.97
C LYS S 46 39.20 31.63 3.20
N GLY S 47 40.31 31.63 2.46
CA GLY S 47 41.28 30.56 2.57
C GLY S 47 42.61 31.00 2.02
N LEU S 48 43.58 30.10 2.09
CA LEU S 48 44.93 30.40 1.62
C LEU S 48 45.31 29.52 0.44
N GLU S 56 42.95 19.29 -17.45
CA GLU S 56 42.34 19.07 -18.75
C GLU S 56 40.83 18.87 -18.62
N THR S 57 40.11 19.28 -19.66
CA THR S 57 38.65 19.28 -19.65
C THR S 57 38.10 17.89 -19.99
N LYS S 58 36.80 17.80 -20.24
CA LYS S 58 36.17 16.53 -20.57
C LYS S 58 36.48 16.17 -22.02
N GLN S 59 35.87 15.10 -22.51
CA GLN S 59 36.31 14.50 -23.78
C GLN S 59 36.21 15.43 -24.98
N PRO S 60 35.07 16.05 -25.29
CA PRO S 60 34.96 16.78 -26.56
C PRO S 60 35.55 18.18 -26.53
N ASN S 61 36.19 18.58 -25.45
CA ASN S 61 36.83 19.89 -25.35
C ASN S 61 38.29 19.70 -24.97
N SER S 62 39.17 20.37 -25.69
CA SER S 62 40.60 20.29 -25.44
C SER S 62 41.11 21.61 -24.89
N GLY S 63 42.26 21.54 -24.21
CA GLY S 63 42.87 22.71 -23.63
C GLY S 63 43.38 22.45 -22.23
N ILE S 64 43.45 23.50 -21.42
CA ILE S 64 43.90 23.39 -20.04
C ILE S 64 43.15 24.43 -19.21
N ARG S 65 42.55 23.98 -18.11
CA ARG S 65 41.90 24.89 -17.16
C ARG S 65 42.90 25.23 -16.07
N LYS S 66 43.25 26.51 -15.96
CA LYS S 66 44.07 26.95 -14.85
C LYS S 66 43.23 26.95 -13.58
N CYS S 67 43.77 26.37 -12.50
CA CYS S 67 43.02 26.20 -11.27
C CYS S 67 43.93 26.51 -10.09
N VAL S 68 43.39 26.40 -8.88
CA VAL S 68 44.15 26.66 -7.68
C VAL S 68 43.67 25.72 -6.57
N ARG S 69 44.60 25.30 -5.73
CA ARG S 69 44.31 24.53 -4.53
C ARG S 69 44.39 25.44 -3.32
N VAL S 70 43.41 25.36 -2.44
CA VAL S 70 43.27 26.28 -1.32
C VAL S 70 43.02 25.49 -0.05
N ARG S 71 43.73 25.85 1.02
CA ARG S 71 43.50 25.32 2.36
C ARG S 71 42.67 26.34 3.16
N LEU S 72 41.54 25.89 3.67
CA LEU S 72 40.64 26.78 4.40
C LEU S 72 41.15 27.07 5.79
N LEU S 73 40.91 28.30 6.26
CA LEU S 73 41.35 28.70 7.59
C LEU S 73 40.67 27.88 8.69
N LYS S 74 39.34 27.74 8.60
CA LYS S 74 38.58 27.16 9.71
C LYS S 74 38.67 25.64 9.70
N ASN S 75 38.18 24.98 8.65
CA ASN S 75 38.22 23.52 8.61
C ASN S 75 39.64 23.02 8.43
N GLY S 76 40.38 23.60 7.49
CA GLY S 76 41.70 23.14 7.14
C GLY S 76 41.75 22.18 5.97
N LYS S 77 40.61 21.85 5.37
CA LYS S 77 40.58 20.95 4.24
C LYS S 77 41.03 21.65 2.96
N LYS S 78 41.59 20.87 2.04
CA LYS S 78 42.12 21.41 0.79
C LYS S 78 41.11 21.20 -0.32
N ILE S 79 40.85 22.25 -1.10
CA ILE S 79 39.88 22.22 -2.17
C ILE S 79 40.48 22.84 -3.42
N THR S 80 39.96 22.44 -4.57
CA THR S 80 40.38 22.95 -5.87
C THR S 80 39.44 24.07 -6.29
N ALA S 81 40.01 25.20 -6.70
CA ALA S 81 39.22 26.36 -7.06
C ALA S 81 39.65 26.89 -8.42
N PHE S 82 38.68 27.35 -9.20
CA PHE S 82 38.93 27.90 -10.52
C PHE S 82 39.33 29.37 -10.41
N VAL S 83 39.94 29.89 -11.47
CA VAL S 83 40.23 31.31 -11.58
C VAL S 83 39.20 31.93 -12.52
N PRO S 84 38.65 33.09 -12.21
CA PRO S 84 37.47 33.58 -12.92
C PRO S 84 37.63 33.77 -14.42
N ARG S 85 38.58 34.60 -14.84
CA ARG S 85 38.55 35.18 -16.18
C ARG S 85 39.78 34.78 -16.99
N ASP S 86 39.83 35.29 -18.22
CA ASP S 86 40.96 35.06 -19.11
C ASP S 86 42.19 35.80 -18.59
N GLY S 87 43.32 35.09 -18.53
CA GLY S 87 44.54 35.69 -18.04
C GLY S 87 44.54 36.03 -16.57
N SER S 88 43.53 35.58 -15.82
CA SER S 88 43.44 35.86 -14.40
C SER S 88 44.17 34.81 -13.59
N GLU S 97 45.26 35.26 1.09
CA GLU S 97 43.87 35.03 1.44
C GLU S 97 42.97 35.18 0.23
N VAL S 98 42.20 34.15 -0.07
CA VAL S 98 41.32 34.11 -1.24
C VAL S 98 39.91 33.81 -0.78
N LEU S 99 38.95 34.53 -1.36
CA LEU S 99 37.53 34.29 -1.11
C LEU S 99 36.97 33.43 -2.23
N ILE S 100 36.38 32.29 -1.88
CA ILE S 100 35.85 31.33 -2.84
C ILE S 100 34.36 31.20 -2.60
N SER S 101 33.57 31.25 -3.68
CA SER S 101 32.12 31.14 -3.57
C SER S 101 31.58 30.27 -4.70
N GLY S 102 31.59 28.96 -4.49
CA GLY S 102 30.86 28.01 -5.31
C GLY S 102 30.92 28.18 -6.82
N PHE S 103 29.88 27.71 -7.49
CA PHE S 103 29.73 27.81 -8.92
C PHE S 103 28.24 27.98 -9.22
N GLY S 104 27.86 27.85 -10.49
CA GLY S 104 26.45 27.96 -10.84
C GLY S 104 25.62 26.89 -10.17
N ARG S 105 26.08 25.65 -10.22
CA ARG S 105 25.35 24.53 -9.62
C ARG S 105 25.66 24.43 -8.13
N ARG S 106 24.62 24.20 -7.34
CA ARG S 106 24.74 24.20 -5.88
C ARG S 106 25.28 22.86 -5.43
N GLY S 107 26.51 22.86 -4.91
CA GLY S 107 27.13 21.63 -4.43
C GLY S 107 27.62 20.73 -5.54
C11 PAR T . 41.06 5.46 -19.23
O11 PAR T . 40.93 5.05 -20.57
C21 PAR T . 40.29 6.77 -19.08
N21 PAR T . 38.96 6.64 -19.63
C31 PAR T . 41.00 7.91 -19.77
O31 PAR T . 40.30 9.09 -19.46
C41 PAR T . 42.42 7.97 -19.25
O41 PAR T . 43.04 9.06 -19.89
C51 PAR T . 43.11 6.64 -19.53
O51 PAR T . 42.39 5.62 -18.85
C61 PAR T . 44.52 6.60 -19.00
O61 PAR T . 45.24 7.61 -19.66
C12 PAR T . 40.99 1.70 -22.98
N12 PAR T . 41.23 0.42 -23.62
C22 PAR T . 42.11 2.69 -23.15
C32 PAR T . 41.76 4.01 -22.49
N32 PAR T . 42.86 4.94 -22.67
C42 PAR T . 41.48 3.82 -20.99
C52 PAR T . 40.49 2.67 -20.72
O52 PAR T . 40.63 2.39 -19.34
C62 PAR T . 40.82 1.41 -21.50
O62 PAR T . 39.79 0.46 -21.34
C13 PAR T . 39.53 1.98 -18.61
C23 PAR T . 39.92 1.78 -17.14
O23 PAR T . 40.55 0.57 -16.88
C33 PAR T . 38.58 1.86 -16.45
O33 PAR T . 38.02 0.56 -16.53
C43 PAR T . 37.84 2.89 -17.33
O43 PAR T . 38.55 2.96 -18.56
C53 PAR T . 37.73 4.24 -16.67
O53 PAR T . 38.90 4.55 -15.95
C14 PAR T . 36.93 0.25 -15.72
C24 PAR T . 35.86 -0.32 -16.64
N24 PAR T . 36.18 0.07 -18.00
C34 PAR T . 34.48 0.28 -16.31
O34 PAR T . 33.53 -0.57 -16.88
C44 PAR T . 34.23 0.48 -14.80
O44 PAR T . 33.13 1.34 -14.60
C54 PAR T . 35.46 1.05 -14.11
O54 PAR T . 36.46 1.38 -15.05
C64 PAR T . 35.09 2.30 -13.32
N64 PAR T . 34.30 3.21 -14.12
#